data_3FSY
#
_entry.id   3FSY
#
_cell.length_a   216.960
_cell.length_b   216.960
_cell.length_c   216.960
_cell.angle_alpha   90.00
_cell.angle_beta   90.00
_cell.angle_gamma   90.00
#
_symmetry.space_group_name_H-M   'I 21 3'
#
loop_
_entity.id
_entity.type
_entity.pdbx_description
1 polymer 'Tetrahydrodipicolinate N-succinyltransferase'
2 non-polymer 'SUCCINYL-COENZYME A'
3 non-polymer (4S)-2-METHYL-2,4-PENTANEDIOL
4 non-polymer 'MAGNESIUM ION'
5 non-polymer 'SODIUM ION'
6 non-polymer 'ACETIC ACID'
7 water water
#
_entity_poly.entity_id   1
_entity_poly.type   'polypeptide(L)'
_entity_poly.pdbx_seq_one_letter_code
;MAVSTVTGAAGIGLATLAADGSVLDTWFPAPELTESGTSATSRLAVSDVPVELAALIGRDDDRRTETIAVRTVIGSLDDV
AADPYDAYLRLHLLSHRLVAPHGLNAGGLFGVLTNVVWTNHGPCAIDGFEAVRARLRRRGPVTVYGVDKFPRMVDYVVPT
GVRIADADRVRLGAHLAPGTTVMHEGFVNYNAGTLGASMVEGRISAGVVVGDGSDVGGGASIMGTLSGGGTHVISIGKRC
LLGANSGLGISLGDDCVVEAGLYVTAGTRVTMPDSNSVKARELSGSSNLLFRRNSVSGAVEVLARDGQGIALNEDLHANG
VPRGLEHHHHHH
;
_entity_poly.pdbx_strand_id   A,B,C,D,E
#
loop_
_chem_comp.id
_chem_comp.type
_chem_comp.name
_chem_comp.formula
ACY non-polymer 'ACETIC ACID' 'C2 H4 O2'
MG non-polymer 'MAGNESIUM ION' 'Mg 2'
MPD non-polymer (4S)-2-METHYL-2,4-PENTANEDIOL 'C6 H14 O2'
NA non-polymer 'SODIUM ION' 'Na 1'
SCA non-polymer 'SUCCINYL-COENZYME A' 'C25 H40 N7 O19 P3 S'
#
# COMPACT_ATOMS: atom_id res chain seq x y z
N VAL A 6 -38.65 11.54 -20.30
CA VAL A 6 -38.26 12.91 -19.83
C VAL A 6 -38.59 13.18 -18.35
N THR A 7 -37.58 13.52 -17.58
CA THR A 7 -37.75 13.76 -16.14
C THR A 7 -37.33 15.20 -15.89
N GLY A 8 -38.04 15.87 -14.97
CA GLY A 8 -37.66 17.20 -14.49
C GLY A 8 -37.18 17.14 -13.05
N ALA A 9 -37.07 18.29 -12.41
CA ALA A 9 -36.71 18.31 -11.01
C ALA A 9 -37.20 19.61 -10.37
N ALA A 10 -37.23 19.67 -9.04
CA ALA A 10 -37.66 20.88 -8.36
C ALA A 10 -37.09 20.93 -6.97
N GLY A 11 -36.95 22.14 -6.44
CA GLY A 11 -36.49 22.26 -5.07
C GLY A 11 -36.71 23.66 -4.56
N ILE A 12 -37.00 23.75 -3.28
CA ILE A 12 -37.01 25.03 -2.58
C ILE A 12 -35.60 25.25 -2.09
N GLY A 13 -35.11 26.47 -2.28
CA GLY A 13 -33.71 26.75 -2.01
C GLY A 13 -33.56 28.06 -1.27
N LEU A 14 -32.40 28.24 -0.61
CA LEU A 14 -32.06 29.51 0.02
C LEU A 14 -30.89 30.02 -0.82
N ALA A 15 -31.13 31.08 -1.56
CA ALA A 15 -30.15 31.59 -2.54
C ALA A 15 -29.44 32.79 -1.91
N THR A 16 -28.15 32.91 -2.14
CA THR A 16 -27.51 34.13 -1.72
C THR A 16 -27.15 34.94 -2.98
N LEU A 17 -27.58 36.24 -3.05
CA LEU A 17 -27.26 37.09 -4.17
C LEU A 17 -26.21 38.13 -3.80
N ALA A 18 -25.37 38.46 -4.76
CA ALA A 18 -24.42 39.56 -4.66
C ALA A 18 -25.11 40.94 -4.73
N ALA A 19 -24.33 42.03 -4.56
CA ALA A 19 -24.90 43.37 -4.49
C ALA A 19 -25.55 43.75 -5.82
N ASP A 20 -25.01 43.20 -6.91
CA ASP A 20 -25.55 43.46 -8.24
C ASP A 20 -26.65 42.48 -8.65
N GLY A 21 -27.09 41.62 -7.75
CA GLY A 21 -28.20 40.70 -8.03
C GLY A 21 -27.75 39.33 -8.53
N SER A 22 -26.46 39.18 -8.82
CA SER A 22 -25.88 37.89 -9.26
C SER A 22 -26.11 36.82 -8.23
N VAL A 23 -26.42 35.61 -8.70
CA VAL A 23 -26.53 34.50 -7.77
C VAL A 23 -25.16 33.95 -7.42
N LEU A 24 -24.84 33.96 -6.13
CA LEU A 24 -23.60 33.35 -5.64
C LEU A 24 -23.77 31.86 -5.40
N ASP A 25 -24.85 31.48 -4.71
CA ASP A 25 -25.14 30.05 -4.51
C ASP A 25 -26.61 29.86 -4.22
N THR A 26 -27.03 28.61 -4.17
CA THR A 26 -28.34 28.25 -3.66
C THR A 26 -28.13 26.91 -2.97
N TRP A 27 -28.61 26.81 -1.74
CA TRP A 27 -28.67 25.59 -1.00
C TRP A 27 -30.11 25.03 -1.10
N PHE A 28 -30.24 23.81 -1.60
CA PHE A 28 -31.55 23.15 -1.65
C PHE A 28 -31.56 22.03 -0.63
N PRO A 29 -32.28 22.20 0.49
CA PRO A 29 -32.26 21.11 1.54
C PRO A 29 -32.83 19.79 1.05
N ALA A 30 -33.85 19.84 0.19
CA ALA A 30 -34.58 18.64 -0.21
C ALA A 30 -35.03 18.64 -1.68
N PRO A 31 -34.08 18.57 -2.62
CA PRO A 31 -34.41 18.43 -4.04
C PRO A 31 -35.15 17.14 -4.37
N GLU A 32 -35.93 17.17 -5.42
CA GLU A 32 -36.69 15.99 -5.78
C GLU A 32 -36.86 15.89 -7.29
N LEU A 33 -36.98 14.65 -7.80
CA LEU A 33 -37.21 14.44 -9.21
C LEU A 33 -38.71 14.64 -9.41
N THR A 34 -39.10 15.10 -10.59
CA THR A 34 -40.52 15.34 -10.92
C THR A 34 -40.79 15.05 -12.39
N GLU A 35 -42.07 15.00 -12.75
CA GLU A 35 -42.44 14.91 -14.15
C GLU A 35 -41.88 16.07 -14.99
N SER A 36 -41.70 15.80 -16.27
CA SER A 36 -41.36 16.80 -17.26
C SER A 36 -42.24 18.04 -17.04
N GLY A 37 -41.70 19.22 -17.28
CA GLY A 37 -42.44 20.45 -16.93
C GLY A 37 -41.82 21.70 -17.54
N THR A 38 -41.91 22.82 -16.81
CA THR A 38 -41.46 24.14 -17.31
C THR A 38 -40.41 24.80 -16.42
N SER A 39 -39.25 25.09 -16.99
CA SER A 39 -38.16 25.62 -16.18
C SER A 39 -38.44 27.07 -15.72
N ALA A 40 -38.19 27.35 -14.45
CA ALA A 40 -38.35 28.70 -13.93
C ALA A 40 -37.91 28.72 -12.48
N THR A 41 -37.41 29.85 -12.02
CA THR A 41 -37.15 30.02 -10.58
C THR A 41 -38.03 31.19 -10.13
N SER A 42 -38.72 31.07 -9.00
CA SER A 42 -39.58 32.14 -8.54
C SER A 42 -39.29 32.40 -7.07
N ARG A 43 -39.57 33.62 -6.63
CA ARG A 43 -39.38 33.95 -5.22
C ARG A 43 -40.60 33.39 -4.49
N LEU A 44 -40.37 32.67 -3.38
CA LEU A 44 -41.50 32.07 -2.64
C LEU A 44 -42.26 33.14 -1.88
N ALA A 45 -43.57 33.06 -1.88
CA ALA A 45 -44.40 33.93 -1.04
C ALA A 45 -44.17 33.52 0.41
N VAL A 46 -44.51 34.41 1.33
CA VAL A 46 -44.30 34.17 2.72
C VAL A 46 -44.90 32.81 3.20
N SER A 47 -46.13 32.53 2.81
CA SER A 47 -46.76 31.32 3.29
C SER A 47 -46.07 30.03 2.80
N ASP A 48 -45.18 30.13 1.83
CA ASP A 48 -44.62 28.92 1.22
C ASP A 48 -43.19 28.67 1.66
N VAL A 49 -42.67 29.53 2.54
CA VAL A 49 -41.28 29.38 3.00
C VAL A 49 -41.30 28.40 4.18
N PRO A 50 -40.58 27.30 4.08
CA PRO A 50 -40.48 26.35 5.22
C PRO A 50 -39.98 27.10 6.47
N VAL A 51 -40.50 26.74 7.65
CA VAL A 51 -40.10 27.42 8.87
C VAL A 51 -38.59 27.39 9.08
N GLU A 52 -37.93 26.31 8.70
CA GLU A 52 -36.48 26.28 8.97
C GLU A 52 -35.71 27.25 8.06
N LEU A 53 -36.28 27.61 6.91
CA LEU A 53 -35.58 28.55 6.02
C LEU A 53 -35.98 30.01 6.34
N ALA A 54 -37.16 30.22 6.93
CA ALA A 54 -37.62 31.60 7.15
C ALA A 54 -36.65 32.35 8.05
N ALA A 55 -36.04 31.62 8.98
CA ALA A 55 -35.17 32.23 9.98
C ALA A 55 -33.83 32.62 9.36
N LEU A 56 -33.57 32.16 8.13
CA LEU A 56 -32.26 32.32 7.48
C LEU A 56 -32.25 33.40 6.36
N ILE A 57 -33.40 33.97 6.08
CA ILE A 57 -33.56 34.97 5.04
C ILE A 57 -33.17 36.31 5.63
N GLY A 58 -32.47 37.15 4.85
CA GLY A 58 -32.07 38.46 5.39
C GLY A 58 -31.07 39.16 4.47
N ARG A 59 -30.51 40.28 4.94
CA ARG A 59 -29.55 41.00 4.15
C ARG A 59 -28.32 41.22 5.01
N ASP A 60 -27.12 41.01 4.45
CA ASP A 60 -25.87 41.22 5.17
C ASP A 60 -25.28 42.53 4.69
N ASP A 61 -25.35 43.55 5.54
CA ASP A 61 -24.86 44.86 5.11
C ASP A 61 -23.33 44.89 4.92
N ASP A 62 -22.56 44.12 5.65
CA ASP A 62 -21.09 44.15 5.46
C ASP A 62 -20.64 43.49 4.15
N ARG A 63 -21.32 42.38 3.84
CA ARG A 63 -21.01 41.60 2.67
C ARG A 63 -21.73 42.16 1.46
N ARG A 64 -22.76 42.97 1.71
CA ARG A 64 -23.57 43.53 0.63
C ARG A 64 -24.20 42.39 -0.15
N THR A 65 -24.78 41.43 0.58
CA THR A 65 -25.45 40.30 -0.06
C THR A 65 -26.89 40.24 0.49
N GLU A 66 -27.74 39.41 -0.10
CA GLU A 66 -29.05 39.08 0.50
C GLU A 66 -29.29 37.60 0.33
N THR A 67 -29.96 36.96 1.29
CA THR A 67 -30.35 35.58 1.13
CA THR A 67 -30.38 35.57 1.14
C THR A 67 -31.89 35.55 1.00
N ILE A 68 -32.37 34.87 -0.03
CA ILE A 68 -33.80 34.83 -0.37
C ILE A 68 -34.23 33.37 -0.52
N ALA A 69 -35.52 33.11 -0.35
CA ALA A 69 -36.07 31.77 -0.49
C ALA A 69 -36.69 31.67 -1.90
N VAL A 70 -36.33 30.62 -2.66
CA VAL A 70 -36.81 30.50 -4.04
C VAL A 70 -37.33 29.10 -4.23
N ARG A 71 -38.11 28.89 -5.27
CA ARG A 71 -38.32 27.52 -5.77
C ARG A 71 -37.85 27.47 -7.21
N THR A 72 -37.00 26.48 -7.50
CA THR A 72 -36.46 26.27 -8.86
C THR A 72 -37.06 24.97 -9.42
N VAL A 73 -37.53 25.06 -10.64
CA VAL A 73 -38.07 23.94 -11.36
C VAL A 73 -37.24 23.78 -12.61
N ILE A 74 -36.83 22.55 -12.88
CA ILE A 74 -36.21 22.19 -14.14
C ILE A 74 -37.22 21.37 -14.92
N GLY A 75 -37.52 21.81 -16.12
CA GLY A 75 -38.55 21.19 -16.95
C GLY A 75 -38.06 19.87 -17.49
N SER A 76 -36.79 19.81 -17.88
CA SER A 76 -36.23 18.58 -18.41
C SER A 76 -34.78 18.46 -18.07
N LEU A 77 -34.38 17.37 -17.44
CA LEU A 77 -32.98 17.19 -17.00
C LEU A 77 -32.01 17.03 -18.19
N ASP A 78 -32.55 16.83 -19.38
CA ASP A 78 -31.74 16.76 -20.58
C ASP A 78 -31.36 18.12 -21.16
N ASP A 79 -32.06 19.17 -20.74
CA ASP A 79 -31.70 20.53 -21.16
C ASP A 79 -30.47 21.00 -20.41
N VAL A 80 -29.77 21.96 -21.00
CA VAL A 80 -28.61 22.57 -20.36
C VAL A 80 -29.14 23.52 -19.27
N ALA A 81 -28.36 23.75 -18.21
CA ALA A 81 -28.77 24.68 -17.18
C ALA A 81 -28.84 26.05 -17.80
N ALA A 82 -29.88 26.77 -17.43
CA ALA A 82 -30.16 28.06 -18.00
C ALA A 82 -29.62 29.21 -17.16
N ASP A 83 -29.32 28.94 -15.88
CA ASP A 83 -28.92 30.01 -14.95
C ASP A 83 -28.40 29.34 -13.69
N PRO A 84 -27.90 30.14 -12.75
CA PRO A 84 -27.19 29.47 -11.64
C PRO A 84 -28.14 28.70 -10.73
N TYR A 85 -29.41 29.12 -10.60
CA TYR A 85 -30.24 28.37 -9.64
C TYR A 85 -30.37 26.94 -10.19
N ASP A 86 -30.65 26.84 -11.47
CA ASP A 86 -30.81 25.58 -12.18
C ASP A 86 -29.52 24.71 -12.07
N ALA A 87 -28.37 25.30 -12.33
CA ALA A 87 -27.08 24.62 -12.13
C ALA A 87 -26.91 24.06 -10.72
N TYR A 88 -27.20 24.89 -9.70
CA TYR A 88 -27.04 24.42 -8.34
C TYR A 88 -28.01 23.27 -8.08
N LEU A 89 -29.22 23.34 -8.61
CA LEU A 89 -30.16 22.19 -8.42
C LEU A 89 -29.63 20.90 -9.03
N ARG A 90 -29.11 21.01 -10.23
CA ARG A 90 -28.47 19.86 -10.91
C ARG A 90 -27.35 19.29 -10.04
N LEU A 91 -26.52 20.17 -9.50
CA LEU A 91 -25.38 19.71 -8.71
C LEU A 91 -25.89 18.98 -7.46
N HIS A 92 -27.01 19.46 -6.90
CA HIS A 92 -27.53 18.88 -5.65
C HIS A 92 -28.12 17.50 -5.98
N LEU A 93 -28.79 17.37 -7.14
CA LEU A 93 -29.38 16.10 -7.57
C LEU A 93 -28.32 15.01 -7.64
N LEU A 94 -27.15 15.39 -8.14
CA LEU A 94 -26.02 14.46 -8.24
C LEU A 94 -25.51 14.10 -6.85
N SER A 95 -25.26 15.12 -6.01
CA SER A 95 -24.69 14.83 -4.70
C SER A 95 -25.66 14.12 -3.74
N HIS A 96 -26.97 14.36 -3.91
CA HIS A 96 -28.00 13.62 -3.15
C HIS A 96 -28.20 12.21 -3.74
N ARG A 97 -27.45 11.89 -4.80
CA ARG A 97 -27.56 10.56 -5.46
C ARG A 97 -28.90 10.31 -6.04
N LEU A 98 -29.64 11.38 -6.31
CA LEU A 98 -30.98 11.19 -6.94
C LEU A 98 -30.83 10.91 -8.45
N VAL A 99 -29.72 11.36 -9.01
CA VAL A 99 -29.38 11.14 -10.39
C VAL A 99 -27.90 10.65 -10.36
N ALA A 100 -27.52 9.74 -11.24
CA ALA A 100 -26.13 9.28 -11.25
C ALA A 100 -25.42 10.19 -12.26
N PRO A 101 -24.06 10.18 -12.28
CA PRO A 101 -23.40 11.00 -13.32
C PRO A 101 -23.85 10.61 -14.67
N HIS A 102 -23.96 11.63 -15.51
CA HIS A 102 -24.50 11.54 -16.84
C HIS A 102 -25.97 11.29 -16.92
N GLY A 103 -26.65 11.21 -15.78
CA GLY A 103 -28.11 11.07 -15.78
C GLY A 103 -28.85 12.39 -16.00
N LEU A 104 -28.12 13.48 -16.04
CA LEU A 104 -28.70 14.78 -16.37
C LEU A 104 -27.59 15.48 -17.17
N ASN A 105 -27.99 16.48 -17.95
CA ASN A 105 -27.06 17.29 -18.74
C ASN A 105 -26.25 18.23 -17.85
N ALA A 106 -24.98 17.92 -17.64
CA ALA A 106 -24.11 18.77 -16.86
C ALA A 106 -23.22 19.70 -17.67
N GLY A 107 -23.53 19.90 -18.95
CA GLY A 107 -22.80 20.83 -19.84
C GLY A 107 -22.96 22.32 -19.54
N GLY A 108 -21.97 23.12 -19.95
CA GLY A 108 -22.08 24.57 -19.84
C GLY A 108 -22.15 25.20 -18.43
N LEU A 109 -21.80 24.46 -17.38
CA LEU A 109 -21.98 24.97 -16.00
C LEU A 109 -20.96 26.04 -15.69
N PHE A 110 -19.78 25.88 -16.24
CA PHE A 110 -18.74 26.88 -16.14
C PHE A 110 -19.19 28.22 -16.65
N GLY A 111 -19.93 28.22 -17.76
CA GLY A 111 -20.42 29.46 -18.28
C GLY A 111 -21.58 30.06 -17.49
N VAL A 112 -22.29 29.23 -16.73
CA VAL A 112 -23.52 29.68 -16.08
C VAL A 112 -23.24 30.16 -14.63
N LEU A 113 -22.24 29.59 -13.99
CA LEU A 113 -22.09 29.74 -12.54
C LEU A 113 -21.25 30.98 -12.27
N THR A 114 -21.54 31.67 -11.17
CA THR A 114 -20.76 32.86 -10.78
C THR A 114 -19.45 32.42 -10.06
N ASN A 115 -18.34 33.14 -10.32
CA ASN A 115 -17.09 32.95 -9.53
C ASN A 115 -17.28 33.59 -8.15
N VAL A 116 -17.09 32.82 -7.10
CA VAL A 116 -17.45 33.26 -5.76
C VAL A 116 -16.24 33.24 -4.83
N VAL A 117 -16.16 34.26 -3.97
CA VAL A 117 -15.19 34.21 -2.83
C VAL A 117 -15.87 33.50 -1.65
N TRP A 118 -15.48 32.26 -1.40
CA TRP A 118 -16.12 31.42 -0.36
C TRP A 118 -15.43 31.74 0.97
N THR A 119 -16.15 32.28 1.95
CA THR A 119 -15.44 32.70 3.19
C THR A 119 -16.08 32.11 4.42
N ASN A 120 -15.43 32.29 5.58
CA ASN A 120 -16.06 31.82 6.85
C ASN A 120 -17.23 32.71 7.27
N HIS A 121 -17.56 33.75 6.45
CA HIS A 121 -18.77 34.53 6.65
C HIS A 121 -19.83 34.29 5.60
N GLY A 122 -19.59 33.29 4.76
CA GLY A 122 -20.53 32.94 3.69
C GLY A 122 -19.97 33.35 2.32
N PRO A 123 -20.73 33.08 1.26
CA PRO A 123 -20.29 33.47 -0.07
C PRO A 123 -20.21 34.98 -0.20
N CYS A 124 -19.19 35.46 -0.93
CA CYS A 124 -19.07 36.87 -1.25
C CYS A 124 -18.78 37.04 -2.70
N ALA A 125 -19.11 38.21 -3.23
CA ALA A 125 -18.76 38.53 -4.63
C ALA A 125 -17.28 38.86 -4.73
N ILE A 126 -16.71 38.65 -5.92
CA ILE A 126 -15.39 39.20 -6.23
C ILE A 126 -15.37 40.73 -6.13
N ASP A 127 -16.40 41.33 -6.75
CA ASP A 127 -16.58 42.77 -6.79
C ASP A 127 -16.56 43.42 -5.41
N GLY A 128 -15.61 44.31 -5.17
CA GLY A 128 -15.51 45.02 -3.89
C GLY A 128 -15.04 44.14 -2.73
N PHE A 129 -14.47 42.98 -3.01
CA PHE A 129 -14.15 42.05 -1.92
C PHE A 129 -13.14 42.63 -0.89
N GLU A 130 -12.15 43.36 -1.35
CA GLU A 130 -11.17 43.85 -0.37
C GLU A 130 -11.82 44.82 0.65
N ALA A 131 -12.82 45.61 0.23
CA ALA A 131 -13.50 46.44 1.25
C ALA A 131 -14.40 45.61 2.16
N VAL A 132 -15.04 44.59 1.58
CA VAL A 132 -15.84 43.66 2.36
C VAL A 132 -15.00 42.96 3.41
N ARG A 133 -13.85 42.44 3.00
CA ARG A 133 -12.91 41.86 3.96
C ARG A 133 -12.63 42.82 5.13
N ALA A 134 -12.29 44.10 4.85
CA ALA A 134 -12.03 44.99 5.95
C ALA A 134 -13.23 45.18 6.87
N ARG A 135 -14.45 45.26 6.31
CA ARG A 135 -15.66 45.40 7.18
C ARG A 135 -15.89 44.13 8.02
N LEU A 136 -15.76 42.96 7.38
CA LEU A 136 -16.02 41.71 8.04
C LEU A 136 -15.01 41.42 9.15
N ARG A 137 -13.80 41.91 9.01
CA ARG A 137 -12.81 41.75 10.10
C ARG A 137 -13.19 42.41 11.43
N ARG A 138 -14.13 43.33 11.41
CA ARG A 138 -14.76 43.79 12.65
C ARG A 138 -15.42 42.64 13.42
N ARG A 139 -15.77 41.56 12.75
CA ARG A 139 -16.45 40.44 13.38
C ARG A 139 -15.45 39.41 13.88
N GLY A 140 -14.25 39.40 13.31
CA GLY A 140 -13.26 38.38 13.66
C GLY A 140 -12.46 38.10 12.42
N PRO A 141 -11.68 37.02 12.42
CA PRO A 141 -10.82 36.73 11.26
C PRO A 141 -11.65 36.47 10.01
N VAL A 142 -11.09 36.81 8.85
CA VAL A 142 -11.78 36.53 7.56
C VAL A 142 -10.88 35.52 6.87
N THR A 143 -11.41 34.33 6.68
CA THR A 143 -10.76 33.20 6.06
C THR A 143 -11.44 32.92 4.74
N VAL A 144 -10.66 32.88 3.66
CA VAL A 144 -11.19 32.60 2.34
C VAL A 144 -10.83 31.12 2.00
N TYR A 145 -11.84 30.26 1.87
CA TYR A 145 -11.63 28.83 1.60
C TYR A 145 -11.20 28.55 0.18
N GLY A 146 -11.66 29.41 -0.74
CA GLY A 146 -11.50 29.17 -2.15
C GLY A 146 -12.09 30.35 -2.90
N VAL A 147 -11.76 30.46 -4.18
CA VAL A 147 -12.35 31.47 -5.06
C VAL A 147 -12.67 30.71 -6.34
N ASP A 148 -13.93 30.33 -6.55
CA ASP A 148 -14.23 29.40 -7.63
C ASP A 148 -15.73 29.37 -7.89
N LYS A 149 -16.13 28.71 -8.99
CA LYS A 149 -17.52 28.60 -9.37
C LYS A 149 -18.22 27.45 -8.68
N PHE A 150 -17.43 26.48 -8.12
CA PHE A 150 -18.02 25.34 -7.46
C PHE A 150 -17.58 25.34 -6.01
N PRO A 151 -18.54 25.26 -5.08
CA PRO A 151 -18.20 25.15 -3.67
C PRO A 151 -18.06 23.63 -3.24
N ARG A 152 -17.90 23.41 -1.96
CA ARG A 152 -17.58 22.10 -1.35
C ARG A 152 -18.86 21.37 -1.10
N MET A 153 -18.94 20.15 -1.59
CA MET A 153 -20.18 19.43 -1.53
C MET A 153 -20.78 19.37 -0.11
N VAL A 154 -19.97 19.04 0.88
CA VAL A 154 -20.48 18.78 2.22
C VAL A 154 -21.12 20.00 2.90
N ASP A 155 -20.94 21.16 2.30
CA ASP A 155 -21.53 22.38 2.80
C ASP A 155 -22.96 22.53 2.31
N TYR A 156 -23.38 21.51 1.56
CA TYR A 156 -24.78 21.45 1.03
C TYR A 156 -25.46 20.18 1.42
N VAL A 157 -24.73 19.07 1.34
CA VAL A 157 -25.27 17.79 1.78
C VAL A 157 -24.14 16.87 2.21
N VAL A 158 -24.33 16.17 3.33
CA VAL A 158 -23.53 14.99 3.65
C VAL A 158 -24.30 13.70 3.35
N PRO A 159 -23.88 13.00 2.31
CA PRO A 159 -24.52 11.73 1.92
C PRO A 159 -24.18 10.67 2.95
N THR A 160 -25.12 9.83 3.28
CA THR A 160 -24.90 8.77 4.23
C THR A 160 -24.00 7.66 3.65
N GLY A 161 -23.35 6.92 4.53
CA GLY A 161 -22.57 5.76 4.14
C GLY A 161 -21.23 6.15 3.54
N VAL A 162 -20.81 7.38 3.77
CA VAL A 162 -19.58 7.91 3.11
C VAL A 162 -18.60 8.51 4.16
N ARG A 163 -17.30 8.40 3.88
CA ARG A 163 -16.25 9.17 4.59
C ARG A 163 -15.49 10.05 3.61
N ILE A 164 -15.16 11.26 4.06
CA ILE A 164 -14.42 12.23 3.28
C ILE A 164 -13.40 12.84 4.28
N ALA A 165 -12.14 12.46 4.15
CA ALA A 165 -11.14 12.84 5.15
C ALA A 165 -10.86 14.34 5.11
N ASP A 166 -10.89 14.89 3.91
CA ASP A 166 -10.61 16.34 3.75
C ASP A 166 -11.64 16.85 2.77
N ALA A 167 -12.67 17.54 3.26
CA ALA A 167 -13.81 17.79 2.38
C ALA A 167 -13.57 18.99 1.46
N ASP A 168 -12.37 19.57 1.52
CA ASP A 168 -11.98 20.60 0.53
C ASP A 168 -11.91 19.94 -0.83
N ARG A 169 -11.82 18.60 -0.84
CA ARG A 169 -11.49 17.92 -2.12
C ARG A 169 -12.64 17.27 -2.82
N VAL A 170 -13.89 17.63 -2.44
CA VAL A 170 -15.04 17.06 -3.11
C VAL A 170 -15.98 18.23 -3.51
N ARG A 171 -16.09 18.47 -4.80
CA ARG A 171 -16.94 19.56 -5.28
C ARG A 171 -18.41 19.18 -5.16
N LEU A 172 -19.24 20.20 -4.94
CA LEU A 172 -20.67 20.00 -5.02
C LEU A 172 -20.94 19.48 -6.45
N GLY A 173 -21.76 18.42 -6.61
CA GLY A 173 -21.97 17.74 -7.93
C GLY A 173 -21.30 16.36 -8.00
N ALA A 174 -20.44 16.06 -7.04
CA ALA A 174 -19.80 14.74 -6.94
C ALA A 174 -20.87 13.78 -6.42
N HIS A 175 -20.89 12.59 -6.94
CA HIS A 175 -21.81 11.52 -6.56
C HIS A 175 -21.01 10.42 -5.82
N LEU A 176 -21.17 10.30 -4.50
CA LEU A 176 -20.41 9.29 -3.74
C LEU A 176 -21.32 8.21 -3.21
N ALA A 177 -21.27 7.02 -3.79
CA ALA A 177 -22.17 5.95 -3.39
C ALA A 177 -21.81 5.39 -2.01
N PRO A 178 -22.79 4.80 -1.32
CA PRO A 178 -22.54 4.29 0.03
C PRO A 178 -21.38 3.27 0.05
N GLY A 179 -20.56 3.33 1.11
CA GLY A 179 -19.34 2.50 1.17
C GLY A 179 -18.13 3.20 0.60
N THR A 180 -18.36 4.39 0.03
CA THR A 180 -17.24 5.17 -0.50
C THR A 180 -16.48 5.93 0.60
N THR A 181 -15.15 5.87 0.52
CA THR A 181 -14.25 6.67 1.37
C THR A 181 -13.33 7.48 0.45
N VAL A 182 -13.33 8.80 0.61
CA VAL A 182 -12.42 9.63 -0.13
C VAL A 182 -11.35 10.02 0.89
N MET A 183 -10.12 9.61 0.65
CA MET A 183 -9.02 9.92 1.59
C MET A 183 -8.38 11.29 1.26
N HIS A 184 -7.36 11.73 1.99
CA HIS A 184 -6.94 13.15 1.86
C HIS A 184 -6.43 13.46 0.47
N GLU A 185 -5.84 12.47 -0.19
CA GLU A 185 -5.26 12.67 -1.52
C GLU A 185 -6.33 12.45 -2.61
N GLY A 186 -7.47 11.87 -2.24
CA GLY A 186 -8.57 11.69 -3.17
C GLY A 186 -9.13 13.06 -3.60
N PHE A 187 -9.68 13.13 -4.81
CA PHE A 187 -10.38 14.33 -5.29
C PHE A 187 -11.56 13.85 -6.12
N VAL A 188 -12.76 14.42 -5.91
CA VAL A 188 -13.82 14.07 -6.83
C VAL A 188 -14.50 15.31 -7.41
N ASN A 189 -14.53 15.40 -8.73
CA ASN A 189 -15.10 16.60 -9.42
C ASN A 189 -16.63 16.52 -9.54
N TYR A 190 -17.27 17.50 -10.15
CA TYR A 190 -18.68 17.39 -10.38
C TYR A 190 -19.03 16.41 -11.49
N ASN A 191 -20.28 15.95 -11.51
CA ASN A 191 -20.77 14.97 -12.47
C ASN A 191 -19.80 13.79 -12.58
N ALA A 192 -19.36 13.28 -11.42
CA ALA A 192 -18.29 12.26 -11.37
C ALA A 192 -18.45 11.56 -10.04
N GLY A 193 -17.83 10.40 -9.86
CA GLY A 193 -17.82 9.76 -8.54
C GLY A 193 -17.95 8.25 -8.65
N THR A 194 -18.56 7.64 -7.63
CA THR A 194 -18.49 6.19 -7.49
C THR A 194 -19.91 5.68 -7.60
N LEU A 195 -20.07 4.47 -8.12
CA LEU A 195 -21.38 3.84 -8.16
C LEU A 195 -21.64 2.90 -7.01
N GLY A 196 -20.60 2.52 -6.25
CA GLY A 196 -20.79 1.62 -5.11
C GLY A 196 -19.68 1.89 -4.12
N ALA A 197 -19.18 0.86 -3.49
CA ALA A 197 -18.13 1.05 -2.52
C ALA A 197 -16.73 1.17 -3.10
N SER A 198 -16.09 2.30 -2.88
CA SER A 198 -14.75 2.54 -3.39
C SER A 198 -13.92 3.30 -2.41
N MET A 199 -12.65 2.90 -2.31
CA MET A 199 -11.63 3.67 -1.67
C MET A 199 -11.01 4.63 -2.72
N VAL A 200 -11.18 5.93 -2.51
CA VAL A 200 -10.74 6.96 -3.46
C VAL A 200 -9.61 7.79 -2.87
N GLU A 201 -8.39 7.50 -3.31
CA GLU A 201 -7.24 8.24 -2.83
C GLU A 201 -6.53 8.94 -3.99
N GLY A 202 -7.15 8.97 -5.16
CA GLY A 202 -6.63 9.82 -6.22
C GLY A 202 -7.74 10.55 -6.90
N ARG A 203 -7.50 11.02 -8.13
CA ARG A 203 -8.32 12.08 -8.69
C ARG A 203 -9.26 11.61 -9.75
N ILE A 204 -10.53 11.83 -9.51
CA ILE A 204 -11.61 11.46 -10.40
C ILE A 204 -12.08 12.75 -11.12
N SER A 205 -11.77 12.86 -12.41
CA SER A 205 -12.09 14.06 -13.20
C SER A 205 -13.58 14.18 -13.49
N ALA A 206 -14.02 15.37 -13.90
CA ALA A 206 -15.47 15.55 -14.16
C ALA A 206 -15.93 14.53 -15.20
N GLY A 207 -17.13 13.98 -15.02
CA GLY A 207 -17.65 12.99 -15.99
C GLY A 207 -17.20 11.56 -15.77
N VAL A 208 -16.22 11.36 -14.90
CA VAL A 208 -15.64 10.02 -14.71
C VAL A 208 -16.38 9.23 -13.61
N VAL A 209 -16.77 8.00 -13.94
CA VAL A 209 -17.49 7.13 -13.01
C VAL A 209 -16.66 5.88 -12.68
N VAL A 210 -16.68 5.46 -11.42
CA VAL A 210 -15.90 4.33 -10.96
C VAL A 210 -16.89 3.28 -10.36
N GLY A 211 -16.81 2.03 -10.83
CA GLY A 211 -17.79 1.00 -10.47
C GLY A 211 -17.52 0.39 -9.11
N ASP A 212 -18.52 -0.33 -8.62
CA ASP A 212 -18.58 -0.88 -7.28
C ASP A 212 -17.30 -1.68 -6.96
N GLY A 213 -16.66 -1.35 -5.86
CA GLY A 213 -15.54 -2.17 -5.41
C GLY A 213 -14.20 -1.78 -6.01
N SER A 214 -14.17 -0.79 -6.89
CA SER A 214 -12.91 -0.34 -7.48
C SER A 214 -12.22 0.66 -6.58
N ASP A 215 -10.88 0.58 -6.48
CA ASP A 215 -10.15 1.49 -5.60
C ASP A 215 -9.16 2.31 -6.41
N VAL A 216 -9.06 3.59 -6.07
CA VAL A 216 -8.19 4.52 -6.77
C VAL A 216 -7.03 4.84 -5.82
N GLY A 217 -5.83 4.38 -6.17
CA GLY A 217 -4.71 4.51 -5.24
C GLY A 217 -4.27 5.92 -5.02
N GLY A 218 -3.44 6.11 -4.00
CA GLY A 218 -2.97 7.43 -3.55
C GLY A 218 -2.24 8.17 -4.67
N GLY A 219 -2.71 9.37 -5.00
CA GLY A 219 -2.06 10.16 -6.03
C GLY A 219 -2.33 9.64 -7.45
N ALA A 220 -3.16 8.63 -7.64
CA ALA A 220 -3.52 8.22 -9.01
C ALA A 220 -4.34 9.29 -9.76
N SER A 221 -4.20 9.30 -11.11
CA SER A 221 -4.76 10.37 -11.95
C SER A 221 -5.70 9.69 -12.95
N ILE A 222 -6.98 10.04 -12.93
CA ILE A 222 -7.87 9.55 -13.99
C ILE A 222 -8.28 10.70 -14.92
N MET A 223 -7.85 10.63 -16.19
CA MET A 223 -8.25 11.64 -17.19
C MET A 223 -9.74 11.58 -17.45
N GLY A 224 -10.30 12.69 -17.94
CA GLY A 224 -11.75 12.77 -18.13
C GLY A 224 -12.23 12.07 -19.40
N THR A 225 -11.45 12.18 -20.45
CA THR A 225 -11.88 11.62 -21.73
C THR A 225 -10.72 10.94 -22.45
N LEU A 226 -11.06 10.13 -23.45
CA LEU A 226 -10.12 9.37 -24.20
C LEU A 226 -9.66 10.28 -25.32
N SER A 227 -8.43 10.77 -25.19
CA SER A 227 -7.88 11.80 -26.11
C SER A 227 -8.17 11.57 -27.62
N THR A 231 -15.37 11.85 -28.75
CA THR A 231 -14.68 12.28 -27.53
C THR A 231 -15.18 11.58 -26.25
N HIS A 232 -14.82 10.31 -26.12
CA HIS A 232 -15.49 9.42 -25.17
C HIS A 232 -15.01 9.60 -23.73
N VAL A 233 -15.98 9.68 -22.85
CA VAL A 233 -15.73 9.80 -21.44
C VAL A 233 -15.04 8.54 -20.93
N ILE A 234 -14.17 8.70 -19.96
CA ILE A 234 -13.48 7.57 -19.37
C ILE A 234 -14.30 7.05 -18.21
N SER A 235 -14.46 5.73 -18.10
CA SER A 235 -14.97 5.11 -16.87
C SER A 235 -14.16 3.87 -16.48
N ILE A 236 -14.34 3.45 -15.23
CA ILE A 236 -13.72 2.28 -14.63
C ILE A 236 -14.91 1.35 -14.17
N GLY A 237 -14.80 0.07 -14.46
CA GLY A 237 -15.81 -0.89 -14.10
C GLY A 237 -15.68 -1.35 -12.64
N LYS A 238 -16.01 -2.61 -12.39
CA LYS A 238 -16.09 -3.12 -11.03
C LYS A 238 -14.81 -3.83 -10.70
N ARG A 239 -14.40 -3.71 -9.44
CA ARG A 239 -13.26 -4.41 -8.87
C ARG A 239 -11.96 -4.07 -9.54
N CYS A 240 -11.82 -2.83 -9.97
CA CYS A 240 -10.54 -2.43 -10.59
C CYS A 240 -9.65 -1.83 -9.49
N LEU A 241 -8.35 -1.87 -9.71
CA LEU A 241 -7.40 -1.25 -8.78
C LEU A 241 -6.43 -0.38 -9.52
N LEU A 242 -6.36 0.91 -9.20
CA LEU A 242 -5.27 1.76 -9.76
C LEU A 242 -4.21 1.94 -8.69
N GLY A 243 -2.94 1.59 -8.98
CA GLY A 243 -1.92 1.64 -7.95
C GLY A 243 -1.61 3.10 -7.61
N ALA A 244 -0.93 3.30 -6.48
CA ALA A 244 -0.55 4.65 -6.12
C ALA A 244 0.24 5.25 -7.23
N ASN A 245 0.05 6.56 -7.41
CA ASN A 245 0.83 7.41 -8.36
C ASN A 245 0.69 6.87 -9.80
N SER A 246 -0.35 6.08 -10.05
CA SER A 246 -0.56 5.63 -11.44
C SER A 246 -1.41 6.66 -12.22
N GLY A 247 -1.65 6.39 -13.51
CA GLY A 247 -2.55 7.28 -14.28
C GLY A 247 -3.27 6.49 -15.35
N LEU A 248 -4.47 6.97 -15.70
CA LEU A 248 -5.35 6.23 -16.60
C LEU A 248 -5.93 7.20 -17.64
N GLY A 249 -5.62 6.97 -18.93
CA GLY A 249 -6.17 7.77 -19.99
C GLY A 249 -7.01 6.92 -20.95
N ILE A 250 -7.47 5.75 -20.50
CA ILE A 250 -8.41 4.93 -21.25
C ILE A 250 -9.47 4.39 -20.26
N SER A 251 -10.61 3.92 -20.75
CA SER A 251 -11.55 3.26 -19.84
C SER A 251 -11.10 1.86 -19.49
N LEU A 252 -11.52 1.39 -18.31
CA LEU A 252 -11.26 0.00 -17.93
C LEU A 252 -12.62 -0.68 -17.75
N GLY A 253 -12.72 -1.95 -18.12
CA GLY A 253 -13.95 -2.74 -17.82
C GLY A 253 -13.82 -3.22 -16.39
N ASP A 254 -14.14 -4.49 -16.13
CA ASP A 254 -14.07 -5.00 -14.78
C ASP A 254 -12.74 -5.75 -14.54
N ASP A 255 -12.36 -5.84 -13.28
CA ASP A 255 -11.23 -6.69 -12.89
C ASP A 255 -9.91 -6.38 -13.57
N CYS A 256 -9.64 -5.08 -13.68
CA CYS A 256 -8.42 -4.53 -14.22
C CYS A 256 -7.51 -3.94 -13.12
N VAL A 257 -6.21 -3.93 -13.42
CA VAL A 257 -5.20 -3.43 -12.46
C VAL A 257 -4.26 -2.52 -13.25
N VAL A 258 -3.98 -1.29 -12.76
CA VAL A 258 -2.85 -0.56 -13.32
C VAL A 258 -1.80 -0.46 -12.23
N GLU A 259 -0.59 -0.94 -12.53
CA GLU A 259 0.52 -0.95 -11.59
C GLU A 259 0.89 0.43 -10.94
N ALA A 260 1.32 0.41 -9.68
CA ALA A 260 1.73 1.66 -9.02
C ALA A 260 2.75 2.37 -9.88
N GLY A 261 2.62 3.68 -10.03
CA GLY A 261 3.66 4.42 -10.72
C GLY A 261 3.56 4.43 -12.25
N LEU A 262 2.63 3.67 -12.84
CA LEU A 262 2.52 3.63 -14.34
C LEU A 262 1.39 4.51 -14.85
N TYR A 263 1.66 5.32 -15.88
CA TYR A 263 0.61 6.20 -16.46
C TYR A 263 0.25 5.58 -17.82
N VAL A 264 -0.99 5.12 -17.99
CA VAL A 264 -1.33 4.50 -19.29
C VAL A 264 -2.06 5.56 -20.09
N THR A 265 -1.40 6.17 -21.07
CA THR A 265 -2.09 7.18 -21.91
C THR A 265 -2.71 6.45 -23.08
N ALA A 266 -3.68 7.09 -23.73
CA ALA A 266 -4.38 6.47 -24.86
C ALA A 266 -3.40 6.10 -25.97
N GLY A 267 -2.37 6.92 -26.18
CA GLY A 267 -1.38 6.65 -27.21
C GLY A 267 -0.22 5.72 -26.85
N THR A 268 -0.08 5.38 -25.57
CA THR A 268 0.96 4.45 -25.17
C THR A 268 0.85 3.13 -25.99
N ARG A 269 1.96 2.63 -26.51
CA ARG A 269 1.93 1.37 -27.20
C ARG A 269 2.18 0.29 -26.19
N VAL A 270 1.22 -0.63 -26.03
CA VAL A 270 1.34 -1.70 -25.03
C VAL A 270 1.65 -3.01 -25.72
N THR A 271 2.58 -3.75 -25.15
CA THR A 271 2.93 -5.04 -25.69
C THR A 271 2.07 -6.10 -25.03
N MET A 272 1.62 -7.05 -25.83
CA MET A 272 0.67 -8.05 -25.39
C MET A 272 1.37 -9.36 -25.22
N PRO A 273 0.67 -10.33 -24.61
CA PRO A 273 1.30 -11.62 -24.36
C PRO A 273 1.85 -12.23 -25.65
N ASP A 274 1.17 -12.03 -26.77
CA ASP A 274 1.67 -12.56 -28.05
C ASP A 274 2.85 -11.75 -28.63
N SER A 275 3.31 -10.74 -27.90
CA SER A 275 4.42 -9.86 -28.32
C SER A 275 4.13 -8.84 -29.45
N ASN A 276 2.87 -8.77 -29.89
CA ASN A 276 2.43 -7.68 -30.77
C ASN A 276 2.09 -6.49 -29.86
N SER A 277 2.07 -5.27 -30.40
CA SER A 277 1.70 -4.11 -29.56
C SER A 277 0.50 -3.38 -30.13
N VAL A 278 -0.28 -2.76 -29.27
CA VAL A 278 -1.36 -1.94 -29.73
C VAL A 278 -1.30 -0.63 -28.98
N LYS A 279 -1.94 0.42 -29.48
CA LYS A 279 -2.13 1.60 -28.66
C LYS A 279 -3.07 1.19 -27.57
N ALA A 280 -2.92 1.81 -26.40
CA ALA A 280 -3.70 1.48 -25.25
C ALA A 280 -5.18 1.73 -25.52
N ARG A 281 -5.48 2.72 -26.34
CA ARG A 281 -6.86 3.04 -26.65
C ARG A 281 -7.60 1.84 -27.22
N GLU A 282 -6.90 0.99 -27.96
CA GLU A 282 -7.48 -0.21 -28.58
C GLU A 282 -7.96 -1.20 -27.51
N LEU A 283 -7.46 -1.05 -26.30
CA LEU A 283 -7.88 -1.88 -25.14
C LEU A 283 -8.94 -1.23 -24.27
N SER A 284 -9.37 -0.01 -24.61
CA SER A 284 -10.22 0.77 -23.71
C SER A 284 -11.54 0.04 -23.46
N GLY A 285 -11.94 -0.04 -22.18
CA GLY A 285 -13.16 -0.76 -21.82
C GLY A 285 -13.04 -2.28 -21.76
N SER A 286 -11.87 -2.83 -22.00
CA SER A 286 -11.74 -4.29 -21.87
C SER A 286 -11.61 -4.76 -20.39
N SER A 287 -11.90 -6.03 -20.12
CA SER A 287 -11.83 -6.56 -18.76
C SER A 287 -10.60 -7.41 -18.53
N ASN A 288 -10.33 -7.68 -17.25
CA ASN A 288 -9.32 -8.65 -16.85
C ASN A 288 -7.92 -8.30 -17.30
N LEU A 289 -7.60 -7.01 -17.36
CA LEU A 289 -6.26 -6.58 -17.81
C LEU A 289 -5.41 -6.11 -16.64
N LEU A 290 -4.13 -6.45 -16.69
CA LEU A 290 -3.14 -5.86 -15.80
C LEU A 290 -2.08 -5.13 -16.63
N PHE A 291 -1.95 -3.83 -16.39
CA PHE A 291 -0.96 -3.03 -17.08
C PHE A 291 0.24 -2.84 -16.16
N ARG A 292 1.42 -3.03 -16.69
CA ARG A 292 2.65 -2.79 -15.92
C ARG A 292 3.77 -2.30 -16.83
N ARG A 293 4.79 -1.68 -16.27
CA ARG A 293 5.96 -1.44 -17.05
C ARG A 293 6.98 -2.48 -16.64
N ASN A 294 7.45 -3.28 -17.60
CA ASN A 294 8.39 -4.33 -17.33
C ASN A 294 9.66 -3.74 -16.74
N SER A 295 10.12 -4.24 -15.59
CA SER A 295 11.21 -3.56 -14.87
C SER A 295 12.56 -3.99 -15.39
N VAL A 296 12.55 -4.91 -16.36
CA VAL A 296 13.81 -5.32 -16.97
C VAL A 296 13.96 -4.66 -18.33
N SER A 297 12.86 -4.68 -19.11
CA SER A 297 12.87 -4.19 -20.48
C SER A 297 12.44 -2.75 -20.65
N GLY A 298 11.75 -2.17 -19.67
CA GLY A 298 11.27 -0.82 -19.80
C GLY A 298 9.97 -0.66 -20.56
N ALA A 299 9.51 -1.73 -21.20
CA ALA A 299 8.27 -1.71 -21.97
C ALA A 299 6.96 -1.78 -21.15
N VAL A 300 5.95 -1.05 -21.61
CA VAL A 300 4.63 -1.11 -21.01
C VAL A 300 3.95 -2.37 -21.55
N GLU A 301 3.43 -3.21 -20.66
CA GLU A 301 2.92 -4.53 -21.03
C GLU A 301 1.51 -4.66 -20.52
N VAL A 302 0.71 -5.47 -21.20
CA VAL A 302 -0.58 -5.81 -20.60
C VAL A 302 -0.62 -7.35 -20.42
N LEU A 303 -1.12 -7.82 -19.28
CA LEU A 303 -1.17 -9.26 -19.01
C LEU A 303 -2.65 -9.59 -18.86
N ALA A 304 -3.06 -10.79 -19.30
CA ALA A 304 -4.42 -11.27 -18.99
C ALA A 304 -4.44 -11.73 -17.55
N ARG A 305 -5.48 -11.38 -16.81
CA ARG A 305 -5.64 -11.88 -15.47
C ARG A 305 -6.52 -13.15 -15.40
N ASP A 306 -6.20 -14.05 -14.46
CA ASP A 306 -7.11 -15.17 -14.04
C ASP A 306 -7.48 -16.07 -15.19
N GLY A 307 -6.50 -16.24 -16.08
CA GLY A 307 -6.61 -17.15 -17.22
C GLY A 307 -7.66 -16.72 -18.22
N GLN A 308 -8.04 -15.45 -18.18
CA GLN A 308 -9.16 -14.94 -18.98
C GLN A 308 -8.79 -14.51 -20.42
N GLY A 309 -7.50 -14.47 -20.75
CA GLY A 309 -7.13 -14.08 -22.09
C GLY A 309 -7.62 -12.66 -22.33
N ILE A 310 -7.23 -12.08 -23.46
CA ILE A 310 -7.36 -10.65 -23.68
C ILE A 310 -8.22 -10.28 -24.90
N ALA A 311 -9.19 -9.38 -24.70
CA ALA A 311 -10.03 -8.96 -25.83
C ALA A 311 -9.84 -7.47 -26.21
N LEU A 312 -9.66 -7.20 -27.50
CA LEU A 312 -9.48 -5.82 -27.95
C LEU A 312 -10.82 -5.08 -27.92
N THR B 5 6.99 -4.22 33.26
CA THR B 5 7.25 -3.93 31.82
C THR B 5 5.97 -3.52 31.05
N VAL B 6 4.80 -3.81 31.62
CA VAL B 6 3.56 -3.27 31.04
C VAL B 6 3.33 -1.80 31.43
N THR B 7 3.01 -0.98 30.45
CA THR B 7 2.77 0.41 30.74
C THR B 7 1.33 0.72 30.46
N GLY B 8 0.75 1.61 31.27
CA GLY B 8 -0.62 2.02 31.09
C GLY B 8 -0.63 3.50 30.77
N ALA B 9 -1.82 4.10 30.75
CA ALA B 9 -1.88 5.53 30.47
C ALA B 9 -3.17 6.09 31.06
N ALA B 10 -3.25 7.40 31.22
CA ALA B 10 -4.45 7.99 31.81
C ALA B 10 -4.53 9.44 31.34
N GLY B 11 -5.74 10.00 31.29
CA GLY B 11 -5.88 11.38 30.96
C GLY B 11 -7.25 11.88 31.36
N ILE B 12 -7.32 13.15 31.73
CA ILE B 12 -8.60 13.83 31.94
C ILE B 12 -8.96 14.42 30.60
N GLY B 13 -10.21 14.24 30.15
CA GLY B 13 -10.58 14.64 28.81
C GLY B 13 -11.92 15.38 28.80
N LEU B 14 -12.15 16.13 27.74
CA LEU B 14 -13.42 16.73 27.48
C LEU B 14 -14.01 15.95 26.29
N ALA B 15 -15.10 15.21 26.51
CA ALA B 15 -15.63 14.35 25.46
C ALA B 15 -16.91 14.96 24.94
N THR B 16 -17.13 14.82 23.64
CA THR B 16 -18.41 15.25 23.06
C THR B 16 -19.19 14.03 22.64
N LEU B 17 -20.42 13.91 23.19
CA LEU B 17 -21.34 12.82 22.86
C LEU B 17 -22.47 13.33 21.97
N ALA B 18 -22.88 12.45 21.06
CA ALA B 18 -24.01 12.71 20.16
C ALA B 18 -25.29 12.51 20.91
N ALA B 19 -26.38 12.73 20.21
CA ALA B 19 -27.67 12.73 20.86
C ALA B 19 -28.01 11.33 21.36
N ASP B 20 -27.49 10.29 20.68
CA ASP B 20 -27.80 8.93 21.10
C ASP B 20 -26.74 8.43 22.10
N GLY B 21 -25.84 9.28 22.56
CA GLY B 21 -24.87 8.82 23.55
C GLY B 21 -23.53 8.40 22.97
N SER B 22 -23.45 8.27 21.64
CA SER B 22 -22.25 7.87 20.88
C SER B 22 -21.14 8.83 21.19
N VAL B 23 -19.91 8.36 21.43
CA VAL B 23 -18.79 9.26 21.66
C VAL B 23 -18.31 9.79 20.33
N LEU B 24 -18.33 11.11 20.18
CA LEU B 24 -17.84 11.71 18.92
C LEU B 24 -16.37 11.96 18.97
N ASP B 25 -15.91 12.60 20.05
CA ASP B 25 -14.50 12.77 20.23
C ASP B 25 -14.15 12.93 21.68
N THR B 26 -12.85 12.99 21.99
CA THR B 26 -12.44 13.40 23.32
C THR B 26 -11.10 14.11 23.16
N TRP B 27 -10.96 15.25 23.80
CA TRP B 27 -9.72 16.01 23.81
C TRP B 27 -9.13 15.88 25.19
N PHE B 28 -7.91 15.36 25.26
CA PHE B 28 -7.16 15.24 26.50
C PHE B 28 -6.07 16.28 26.54
N PRO B 29 -6.23 17.31 27.38
CA PRO B 29 -5.12 18.30 27.34
C PRO B 29 -3.78 17.80 27.81
N ALA B 30 -3.73 16.91 28.81
CA ALA B 30 -2.45 16.47 29.41
C ALA B 30 -2.40 14.95 29.66
N PRO B 31 -2.38 14.16 28.58
CA PRO B 31 -2.29 12.72 28.79
C PRO B 31 -0.94 12.37 29.42
N GLU B 32 -0.90 11.23 30.09
CA GLU B 32 0.35 10.80 30.65
C GLU B 32 0.43 9.27 30.75
N LEU B 33 1.65 8.73 30.82
CA LEU B 33 1.89 7.31 30.97
C LEU B 33 1.80 6.98 32.44
N THR B 34 1.41 5.75 32.75
CA THR B 34 1.24 5.34 34.11
C THR B 34 1.65 3.88 34.24
N GLU B 35 1.77 3.40 35.47
CA GLU B 35 1.94 1.98 35.72
C GLU B 35 0.73 1.17 35.19
N SER B 36 0.92 -0.11 34.90
CA SER B 36 -0.18 -0.87 34.33
C SER B 36 -1.32 -0.91 35.38
N GLY B 37 -2.55 -1.01 34.90
CA GLY B 37 -3.73 -0.90 35.79
C GLY B 37 -5.00 -1.49 35.17
N THR B 38 -6.10 -0.76 35.31
CA THR B 38 -7.42 -1.27 34.95
C THR B 38 -8.11 -0.30 34.03
N SER B 39 -8.50 -0.74 32.84
CA SER B 39 -9.05 0.17 31.87
C SER B 39 -10.48 0.56 32.26
N ALA B 40 -10.83 1.84 32.18
CA ALA B 40 -12.18 2.31 32.47
C ALA B 40 -12.17 3.79 32.14
N THR B 41 -13.32 4.33 31.79
CA THR B 41 -13.50 5.79 31.72
C THR B 41 -14.61 6.13 32.69
N SER B 42 -14.43 7.18 33.51
CA SER B 42 -15.47 7.56 34.44
C SER B 42 -15.81 9.04 34.26
N ARG B 43 -17.02 9.44 34.64
CA ARG B 43 -17.35 10.86 34.60
C ARG B 43 -16.70 11.55 35.81
N LEU B 44 -16.02 12.67 35.64
CA LEU B 44 -15.37 13.29 36.80
C LEU B 44 -16.43 13.98 37.63
N ALA B 45 -16.26 13.92 38.94
CA ALA B 45 -17.04 14.66 39.91
C ALA B 45 -16.61 16.13 39.83
N VAL B 46 -17.51 17.00 40.27
CA VAL B 46 -17.34 18.41 40.16
C VAL B 46 -15.96 18.81 40.69
N SER B 47 -15.57 18.34 41.85
CA SER B 47 -14.34 18.84 42.41
C SER B 47 -13.09 18.37 41.64
N ASP B 48 -13.25 17.38 40.77
CA ASP B 48 -12.07 16.86 40.05
C ASP B 48 -11.88 17.50 38.68
N VAL B 49 -12.79 18.37 38.28
CA VAL B 49 -12.71 18.95 36.92
C VAL B 49 -11.68 20.12 36.89
N PRO B 50 -10.65 20.06 36.03
CA PRO B 50 -9.69 21.18 36.07
C PRO B 50 -10.45 22.46 35.78
N VAL B 51 -10.05 23.57 36.40
CA VAL B 51 -10.82 24.82 36.21
C VAL B 51 -10.95 25.21 34.73
N GLU B 52 -9.90 24.96 33.92
CA GLU B 52 -9.96 25.31 32.48
C GLU B 52 -10.99 24.54 31.70
N LEU B 53 -11.30 23.33 32.14
CA LEU B 53 -12.27 22.55 31.44
C LEU B 53 -13.69 22.81 31.94
N ALA B 54 -13.84 23.25 33.19
CA ALA B 54 -15.15 23.45 33.77
C ALA B 54 -16.01 24.43 32.97
N ALA B 55 -15.38 25.44 32.40
CA ALA B 55 -16.06 26.44 31.60
C ALA B 55 -16.48 25.90 30.24
N LEU B 56 -16.07 24.67 29.89
CA LEU B 56 -16.28 24.12 28.55
C LEU B 56 -17.35 23.06 28.50
N ILE B 57 -17.88 22.67 29.66
CA ILE B 57 -18.86 21.62 29.77
C ILE B 57 -20.26 22.16 29.48
N GLY B 58 -21.10 21.46 28.73
CA GLY B 58 -22.43 22.02 28.48
C GLY B 58 -23.16 21.15 27.48
N ARG B 59 -24.32 21.63 27.05
CA ARG B 59 -25.13 20.92 26.07
C ARG B 59 -25.42 21.88 24.94
N ASP B 60 -25.32 21.39 23.73
CA ASP B 60 -25.62 22.23 22.56
C ASP B 60 -26.95 21.76 22.02
N ASP B 61 -27.95 22.60 22.18
CA ASP B 61 -29.27 22.28 21.70
C ASP B 61 -29.37 22.25 20.20
N ASP B 62 -28.55 22.96 19.43
CA ASP B 62 -28.72 22.91 17.98
C ASP B 62 -28.09 21.64 17.41
N ARG B 63 -26.94 21.28 17.97
CA ARG B 63 -26.21 20.09 17.48
C ARG B 63 -26.78 18.85 18.14
N ARG B 64 -27.57 19.03 19.19
CA ARG B 64 -28.05 17.93 20.05
C ARG B 64 -26.88 17.09 20.59
N THR B 65 -25.90 17.77 21.16
CA THR B 65 -24.70 17.11 21.67
C THR B 65 -24.49 17.56 23.11
N GLU B 66 -23.60 16.90 23.83
CA GLU B 66 -23.26 17.39 25.19
C GLU B 66 -21.75 17.23 25.31
N THR B 67 -21.11 18.09 26.09
CA THR B 67 -19.65 17.96 26.34
CA THR B 67 -19.69 17.97 26.31
C THR B 67 -19.51 17.72 27.81
N ILE B 68 -18.73 16.71 28.16
CA ILE B 68 -18.63 16.21 29.52
C ILE B 68 -17.18 15.97 29.88
N ALA B 69 -16.85 16.11 31.15
CA ALA B 69 -15.49 15.83 31.64
C ALA B 69 -15.36 14.39 32.10
N VAL B 70 -14.34 13.71 31.56
CA VAL B 70 -14.11 12.30 31.92
C VAL B 70 -12.65 12.07 32.31
N ARG B 71 -12.41 10.97 32.98
CA ARG B 71 -11.06 10.49 33.15
C ARG B 71 -10.99 9.09 32.54
N THR B 72 -10.05 8.92 31.64
CA THR B 72 -9.87 7.67 30.92
C THR B 72 -8.55 7.02 31.33
N VAL B 73 -8.61 5.73 31.64
CA VAL B 73 -7.45 5.01 32.04
C VAL B 73 -7.38 3.80 31.14
N ILE B 74 -6.16 3.51 30.69
CA ILE B 74 -5.79 2.29 29.95
C ILE B 74 -4.91 1.42 30.84
N GLY B 75 -5.34 0.20 31.11
CA GLY B 75 -4.58 -0.69 31.98
C GLY B 75 -3.26 -1.12 31.36
N SER B 76 -3.28 -1.41 30.05
CA SER B 76 -2.06 -1.79 29.34
C SER B 76 -2.10 -1.29 27.92
N LEU B 77 -1.05 -0.61 27.52
CA LEU B 77 -0.97 -0.10 26.14
C LEU B 77 -0.86 -1.24 25.12
N ASP B 78 -0.51 -2.44 25.56
CA ASP B 78 -0.53 -3.65 24.67
C ASP B 78 -1.94 -4.12 24.27
N ASP B 79 -2.95 -3.72 25.04
CA ASP B 79 -4.32 -4.17 24.76
C ASP B 79 -4.90 -3.35 23.64
N VAL B 80 -5.91 -3.90 22.98
CA VAL B 80 -6.59 -3.15 21.91
CA VAL B 80 -6.58 -3.13 21.92
C VAL B 80 -7.51 -2.09 22.56
N ALA B 81 -7.75 -0.99 21.87
CA ALA B 81 -8.66 0.03 22.41
C ALA B 81 -10.02 -0.60 22.64
N ALA B 82 -10.59 -0.33 23.78
CA ALA B 82 -11.87 -0.88 24.19
C ALA B 82 -13.05 -0.04 23.66
N ASP B 83 -12.85 1.26 23.53
CA ASP B 83 -13.99 2.15 23.27
C ASP B 83 -13.41 3.44 22.73
N PRO B 84 -14.26 4.39 22.30
CA PRO B 84 -13.64 5.53 21.68
C PRO B 84 -12.81 6.38 22.62
N TYR B 85 -13.14 6.46 23.92
CA TYR B 85 -12.33 7.35 24.79
C TYR B 85 -10.88 6.82 24.80
N ASP B 86 -10.77 5.50 24.99
CA ASP B 86 -9.51 4.75 25.00
C ASP B 86 -8.79 5.01 23.66
N ALA B 87 -9.50 4.82 22.54
CA ALA B 87 -8.93 5.16 21.22
C ALA B 87 -8.38 6.57 21.15
N TYR B 88 -9.16 7.56 21.59
CA TYR B 88 -8.68 8.95 21.53
C TYR B 88 -7.46 9.14 22.43
N LEU B 89 -7.43 8.45 23.57
CA LEU B 89 -6.23 8.60 24.45
C LEU B 89 -4.97 8.08 23.75
N ARG B 90 -5.09 6.94 23.09
CA ARG B 90 -3.94 6.33 22.41
C ARG B 90 -3.47 7.27 21.32
N LEU B 91 -4.42 7.83 20.56
CA LEU B 91 -4.02 8.80 19.52
C LEU B 91 -3.34 10.03 20.12
N HIS B 92 -3.82 10.52 21.26
CA HIS B 92 -3.14 11.65 21.86
C HIS B 92 -1.70 11.26 22.31
N LEU B 93 -1.50 10.04 22.80
CA LEU B 93 -0.17 9.64 23.35
C LEU B 93 0.86 9.69 22.22
N LEU B 94 0.43 9.21 21.04
CA LEU B 94 1.28 9.26 19.81
C LEU B 94 1.57 10.72 19.44
N SER B 95 0.56 11.57 19.36
CA SER B 95 0.81 12.92 18.82
C SER B 95 1.55 13.78 19.83
N HIS B 96 1.38 13.48 21.12
CA HIS B 96 2.20 14.15 22.13
C HIS B 96 3.64 13.60 22.18
N ARG B 97 3.94 12.57 21.39
CA ARG B 97 5.29 11.96 21.37
C ARG B 97 5.62 11.30 22.69
N LEU B 98 4.60 10.96 23.48
CA LEU B 98 4.86 10.22 24.73
C LEU B 98 5.15 8.75 24.41
N VAL B 99 4.57 8.29 23.31
CA VAL B 99 4.82 6.94 22.77
C VAL B 99 5.15 7.10 21.30
N ALA B 100 6.10 6.33 20.77
CA ALA B 100 6.44 6.34 19.33
C ALA B 100 5.54 5.36 18.59
N PRO B 101 5.46 5.47 17.24
CA PRO B 101 4.62 4.53 16.49
C PRO B 101 5.02 3.10 16.86
N HIS B 102 4.01 2.25 16.99
CA HIS B 102 4.13 0.88 17.45
C HIS B 102 4.48 0.74 18.90
N GLY B 103 4.61 1.86 19.64
CA GLY B 103 4.85 1.73 21.07
C GLY B 103 3.54 1.41 21.82
N LEU B 104 2.43 1.40 21.11
CA LEU B 104 1.19 0.96 21.76
C LEU B 104 0.37 0.20 20.71
N ASN B 105 -0.62 -0.57 21.14
CA ASN B 105 -1.49 -1.24 20.19
C ASN B 105 -2.41 -0.27 19.52
N ALA B 106 -2.18 0.00 18.24
CA ALA B 106 -3.11 0.83 17.51
C ALA B 106 -4.05 0.04 16.59
N GLY B 107 -4.20 -1.25 16.86
CA GLY B 107 -5.15 -2.10 16.10
C GLY B 107 -6.63 -1.78 16.34
N GLY B 108 -7.46 -2.11 15.38
CA GLY B 108 -8.88 -2.10 15.63
C GLY B 108 -9.58 -0.76 15.76
N LEU B 109 -8.91 0.35 15.47
CA LEU B 109 -9.52 1.69 15.70
C LEU B 109 -10.72 1.99 14.81
N PHE B 110 -10.68 1.51 13.57
CA PHE B 110 -11.77 1.77 12.62
C PHE B 110 -13.06 1.27 13.19
N GLY B 111 -12.95 0.12 13.86
CA GLY B 111 -14.07 -0.54 14.44
C GLY B 111 -14.56 0.15 15.70
N VAL B 112 -13.67 0.78 16.45
CA VAL B 112 -14.10 1.40 17.69
C VAL B 112 -14.57 2.89 17.52
N LEU B 113 -13.92 3.62 16.64
CA LEU B 113 -14.22 5.06 16.50
C LEU B 113 -15.54 5.36 15.78
N THR B 114 -16.22 6.45 16.17
CA THR B 114 -17.46 6.88 15.51
C THR B 114 -17.12 7.69 14.26
N ASN B 115 -17.88 7.52 13.19
CA ASN B 115 -17.76 8.44 12.01
C ASN B 115 -18.42 9.78 12.40
N VAL B 116 -17.71 10.90 12.25
CA VAL B 116 -18.12 12.18 12.79
C VAL B 116 -18.18 13.22 11.65
N VAL B 117 -19.16 14.12 11.69
CA VAL B 117 -19.18 15.24 10.74
C VAL B 117 -18.47 16.35 11.54
N TRP B 118 -17.24 16.70 11.11
CA TRP B 118 -16.46 17.73 11.84
C TRP B 118 -16.83 19.11 11.27
N THR B 119 -17.33 20.04 12.08
CA THR B 119 -17.81 21.31 11.54
C THR B 119 -17.13 22.46 12.28
N ASN B 120 -17.37 23.68 11.78
CA ASN B 120 -16.90 24.88 12.43
C ASN B 120 -17.72 25.20 13.67
N HIS B 121 -18.72 24.34 14.03
CA HIS B 121 -19.39 24.42 15.33
C HIS B 121 -19.11 23.27 16.22
N GLY B 122 -18.19 22.39 15.80
CA GLY B 122 -17.80 21.32 16.65
C GLY B 122 -18.22 20.02 15.98
N PRO B 123 -17.85 18.89 16.60
CA PRO B 123 -18.19 17.56 16.09
C PRO B 123 -19.72 17.40 16.12
N CYS B 124 -20.29 16.75 15.09
CA CYS B 124 -21.69 16.41 14.97
C CYS B 124 -21.82 14.95 14.53
N ALA B 125 -22.93 14.35 14.90
CA ALA B 125 -23.28 12.99 14.43
C ALA B 125 -23.72 13.01 13.00
N ILE B 126 -23.65 11.89 12.31
CA ILE B 126 -24.22 11.87 10.99
C ILE B 126 -25.73 11.93 11.07
N ASP B 127 -26.28 11.21 12.03
CA ASP B 127 -27.73 11.13 12.23
C ASP B 127 -28.32 12.51 12.52
N GLY B 128 -29.34 12.87 11.74
CA GLY B 128 -30.07 14.13 11.92
C GLY B 128 -29.23 15.33 11.44
N PHE B 129 -28.15 15.10 10.70
CA PHE B 129 -27.23 16.24 10.44
C PHE B 129 -27.85 17.35 9.58
N GLU B 130 -28.73 16.99 8.65
CA GLU B 130 -29.25 18.01 7.77
C GLU B 130 -30.17 18.96 8.57
N ALA B 131 -30.91 18.44 9.56
CA ALA B 131 -31.71 19.34 10.43
C ALA B 131 -30.78 20.14 11.35
N VAL B 132 -29.73 19.53 11.82
CA VAL B 132 -28.70 20.27 12.63
C VAL B 132 -28.10 21.42 11.81
N ARG B 133 -27.76 21.13 10.55
CA ARG B 133 -27.21 22.14 9.67
C ARG B 133 -28.15 23.32 9.59
N ALA B 134 -29.45 23.09 9.31
CA ALA B 134 -30.37 24.21 9.23
C ALA B 134 -30.44 25.02 10.56
N ARG B 135 -30.39 24.33 11.70
CA ARG B 135 -30.42 25.05 12.98
C ARG B 135 -29.12 25.86 13.20
N LEU B 136 -27.97 25.27 12.90
CA LEU B 136 -26.68 25.95 13.08
C LEU B 136 -26.58 27.17 12.18
N ARG B 137 -27.23 27.12 11.02
CA ARG B 137 -27.09 28.21 10.09
C ARG B 137 -27.71 29.50 10.65
N ARG B 138 -28.51 29.40 11.72
CA ARG B 138 -29.01 30.63 12.38
C ARG B 138 -27.82 31.37 13.05
N ARG B 139 -26.71 30.67 13.26
CA ARG B 139 -25.53 31.22 13.91
C ARG B 139 -24.55 31.81 12.91
N GLY B 140 -24.70 31.44 11.65
CA GLY B 140 -23.80 31.87 10.59
C GLY B 140 -23.53 30.65 9.71
N PRO B 141 -22.59 30.75 8.77
CA PRO B 141 -22.25 29.66 7.86
C PRO B 141 -21.93 28.34 8.58
N VAL B 142 -22.31 27.22 7.96
CA VAL B 142 -21.95 25.92 8.46
C VAL B 142 -20.95 25.32 7.48
N THR B 143 -19.74 25.10 7.97
CA THR B 143 -18.67 24.56 7.18
C THR B 143 -18.35 23.18 7.71
N VAL B 144 -18.32 22.20 6.82
CA VAL B 144 -17.94 20.85 7.25
C VAL B 144 -16.51 20.63 6.78
N TYR B 145 -15.60 20.39 7.73
CA TYR B 145 -14.19 20.17 7.42
C TYR B 145 -13.96 18.78 6.84
N GLY B 146 -14.77 17.79 7.26
CA GLY B 146 -14.55 16.42 6.84
C GLY B 146 -15.57 15.54 7.52
N VAL B 147 -15.70 14.31 7.04
CA VAL B 147 -16.64 13.33 7.64
C VAL B 147 -15.77 12.10 7.82
N ASP B 148 -15.35 11.78 9.05
CA ASP B 148 -14.39 10.69 9.18
C ASP B 148 -14.26 10.31 10.62
N LYS B 149 -13.61 9.17 10.86
CA LYS B 149 -13.46 8.66 12.18
C LYS B 149 -12.24 9.34 12.85
N PHE B 150 -11.38 9.98 12.08
CA PHE B 150 -10.16 10.56 12.68
C PHE B 150 -10.16 12.05 12.41
N PRO B 151 -9.99 12.86 13.45
CA PRO B 151 -9.95 14.31 13.18
C PRO B 151 -8.50 14.80 12.95
N ARG B 152 -8.33 16.12 12.91
CA ARG B 152 -7.07 16.80 12.58
C ARG B 152 -6.23 16.90 13.83
N MET B 153 -5.01 16.38 13.78
CA MET B 153 -4.13 16.44 14.94
C MET B 153 -4.08 17.77 15.68
N VAL B 154 -3.86 18.85 14.94
CA VAL B 154 -3.56 20.15 15.49
C VAL B 154 -4.76 20.70 16.25
N ASP B 155 -5.92 20.06 16.09
CA ASP B 155 -7.13 20.52 16.82
C ASP B 155 -7.14 19.91 18.23
N TYR B 156 -6.13 19.10 18.54
CA TYR B 156 -5.90 18.51 19.88
C TYR B 156 -4.56 18.92 20.47
N VAL B 157 -3.49 18.90 19.69
CA VAL B 157 -2.21 19.30 20.25
C VAL B 157 -1.36 19.83 19.07
N VAL B 158 -0.63 20.90 19.30
CA VAL B 158 0.44 21.34 18.40
C VAL B 158 1.81 20.98 19.04
N PRO B 159 2.43 19.93 18.53
CA PRO B 159 3.74 19.56 19.07
C PRO B 159 4.78 20.64 18.79
N THR B 160 5.71 20.85 19.72
CA THR B 160 6.74 21.83 19.50
C THR B 160 7.77 21.34 18.51
N GLY B 161 8.46 22.31 17.89
CA GLY B 161 9.59 22.04 16.99
C GLY B 161 9.13 21.61 15.60
N VAL B 162 7.87 21.87 15.28
CA VAL B 162 7.27 21.31 14.07
C VAL B 162 6.55 22.39 13.24
N ARG B 163 6.55 22.22 11.91
CA ARG B 163 5.74 23.07 11.03
C ARG B 163 4.84 22.17 10.21
N ILE B 164 3.58 22.58 10.02
CA ILE B 164 2.61 21.79 9.23
C ILE B 164 1.94 22.82 8.34
N ALA B 165 2.34 22.84 7.07
CA ALA B 165 1.84 23.91 6.20
C ALA B 165 0.30 23.90 6.00
N ASP B 166 -0.29 22.71 5.91
CA ASP B 166 -1.72 22.56 5.67
C ASP B 166 -2.17 21.44 6.64
N ALA B 167 -2.70 21.87 7.80
CA ALA B 167 -3.01 20.93 8.88
C ALA B 167 -4.22 20.00 8.60
N ASP B 168 -4.90 20.14 7.47
CA ASP B 168 -5.89 19.12 7.06
C ASP B 168 -5.21 17.77 6.85
N ARG B 169 -3.88 17.78 6.70
CA ARG B 169 -3.12 16.63 6.18
C ARG B 169 -2.32 15.83 7.21
N VAL B 170 -2.64 16.10 8.48
CA VAL B 170 -2.04 15.36 9.56
C VAL B 170 -3.14 14.87 10.52
N ARG B 171 -3.37 13.55 10.55
CA ARG B 171 -4.40 12.97 11.41
C ARG B 171 -3.99 12.97 12.85
N LEU B 172 -4.95 13.14 13.72
CA LEU B 172 -4.62 12.90 15.12
C LEU B 172 -4.06 11.47 15.21
N GLY B 173 -2.95 11.28 15.98
CA GLY B 173 -2.30 9.97 16.12
C GLY B 173 -0.99 9.93 15.34
N ALA B 174 -0.74 10.98 14.54
CA ALA B 174 0.53 11.15 13.87
C ALA B 174 1.55 11.61 14.88
N HIS B 175 2.79 11.13 14.70
CA HIS B 175 3.93 11.40 15.58
C HIS B 175 4.98 12.20 14.76
N LEU B 176 5.11 13.50 15.07
CA LEU B 176 6.04 14.38 14.37
C LEU B 176 7.13 14.87 15.30
N ALA B 177 8.34 14.31 15.16
CA ALA B 177 9.43 14.59 16.05
C ALA B 177 9.96 16.03 15.81
N PRO B 178 10.63 16.58 16.80
CA PRO B 178 11.16 17.94 16.59
C PRO B 178 12.02 18.08 15.33
N GLY B 179 11.83 19.19 14.61
CA GLY B 179 12.57 19.38 13.37
C GLY B 179 11.83 18.95 12.12
N THR B 180 10.64 18.40 12.30
CA THR B 180 9.88 17.90 11.17
C THR B 180 9.05 19.03 10.56
N THR B 181 9.02 19.09 9.24
CA THR B 181 8.16 20.02 8.54
C THR B 181 7.31 19.17 7.65
N VAL B 182 5.99 19.33 7.77
CA VAL B 182 5.04 18.71 6.83
C VAL B 182 4.58 19.77 5.85
N MET B 183 4.90 19.59 4.58
CA MET B 183 4.54 20.63 3.63
C MET B 183 3.15 20.36 3.08
N HIS B 184 2.67 21.18 2.14
CA HIS B 184 1.24 21.08 1.73
C HIS B 184 0.93 19.71 1.15
N GLU B 185 1.90 19.17 0.41
CA GLU B 185 1.69 17.87 -0.27
C GLU B 185 2.00 16.67 0.69
N GLY B 186 2.58 16.96 1.86
CA GLY B 186 2.86 15.94 2.91
C GLY B 186 1.55 15.43 3.47
N PHE B 187 1.56 14.17 3.92
CA PHE B 187 0.44 13.62 4.61
C PHE B 187 0.95 12.64 5.65
N VAL B 188 0.41 12.68 6.88
CA VAL B 188 0.85 11.72 7.89
C VAL B 188 -0.36 11.11 8.57
N ASN B 189 -0.45 9.79 8.51
CA ASN B 189 -1.58 9.09 9.09
C ASN B 189 -1.31 8.81 10.58
N TYR B 190 -2.26 8.12 11.23
CA TYR B 190 -2.10 7.84 12.63
C TYR B 190 -1.10 6.67 12.77
N ASN B 191 -0.48 6.55 13.95
CA ASN B 191 0.49 5.50 14.29
C ASN B 191 1.62 5.51 13.26
N ALA B 192 2.07 6.73 12.91
CA ALA B 192 2.98 6.92 11.77
C ALA B 192 3.70 8.24 11.96
N GLY B 193 4.83 8.40 11.28
CA GLY B 193 5.45 9.73 11.23
C GLY B 193 6.97 9.65 11.35
N THR B 194 7.57 10.58 12.07
CA THR B 194 9.00 10.79 12.01
C THR B 194 9.60 10.64 13.37
N LEU B 195 10.80 10.06 13.40
CA LEU B 195 11.54 9.90 14.64
C LEU B 195 12.50 11.08 14.90
N GLY B 196 12.80 11.89 13.87
CA GLY B 196 13.73 13.00 14.07
C GLY B 196 13.39 14.11 13.13
N ALA B 197 14.37 14.84 12.61
CA ALA B 197 14.07 15.95 11.71
C ALA B 197 13.89 15.46 10.29
N SER B 198 12.70 15.64 9.73
CA SER B 198 12.43 15.25 8.35
C SER B 198 11.60 16.33 7.65
N MET B 199 11.88 16.55 6.38
CA MET B 199 11.02 17.33 5.49
C MET B 199 10.07 16.33 4.88
N VAL B 200 8.75 16.47 5.13
CA VAL B 200 7.82 15.48 4.68
C VAL B 200 6.93 16.14 3.64
N GLU B 201 7.16 15.84 2.35
CA GLU B 201 6.29 16.40 1.31
C GLU B 201 5.52 15.32 0.59
N GLY B 202 5.58 14.11 1.11
CA GLY B 202 4.86 13.00 0.48
C GLY B 202 4.07 12.31 1.58
N ARG B 203 3.59 11.11 1.30
CA ARG B 203 2.57 10.46 2.09
C ARG B 203 3.06 9.31 2.94
N ILE B 204 2.91 9.45 4.25
CA ILE B 204 3.37 8.47 5.19
C ILE B 204 2.13 7.67 5.68
N SER B 205 1.97 6.42 5.19
CA SER B 205 0.81 5.58 5.54
C SER B 205 0.80 5.17 7.01
N ALA B 206 -0.33 4.63 7.46
CA ALA B 206 -0.48 4.29 8.88
C ALA B 206 0.59 3.27 9.18
N GLY B 207 1.24 3.39 10.33
CA GLY B 207 2.20 2.38 10.74
C GLY B 207 3.62 2.63 10.19
N VAL B 208 3.75 3.62 9.31
CA VAL B 208 5.07 3.88 8.68
C VAL B 208 5.87 4.85 9.51
N VAL B 209 7.16 4.51 9.71
CA VAL B 209 8.07 5.32 10.51
C VAL B 209 9.25 5.76 9.64
N VAL B 210 9.61 7.04 9.76
CA VAL B 210 10.70 7.65 8.97
C VAL B 210 11.81 8.16 9.93
N GLY B 211 13.04 7.67 9.74
CA GLY B 211 14.15 7.99 10.65
C GLY B 211 14.73 9.36 10.45
N ASP B 212 15.57 9.72 11.41
CA ASP B 212 16.07 11.07 11.58
C ASP B 212 16.81 11.48 10.34
N GLY B 213 16.51 12.66 9.83
CA GLY B 213 17.30 13.23 8.72
C GLY B 213 16.82 12.73 7.36
N SER B 214 15.81 11.89 7.33
CA SER B 214 15.27 11.38 6.04
C SER B 214 14.21 12.33 5.47
N ASP B 215 14.22 12.58 4.16
CA ASP B 215 13.29 13.54 3.51
C ASP B 215 12.37 12.81 2.55
N VAL B 216 11.08 13.17 2.56
CA VAL B 216 10.13 12.54 1.65
C VAL B 216 9.72 13.60 0.65
N GLY B 217 10.09 13.42 -0.62
CA GLY B 217 9.86 14.37 -1.68
C GLY B 217 8.40 14.57 -2.01
N GLY B 218 8.14 15.67 -2.71
CA GLY B 218 6.78 16.04 -3.00
C GLY B 218 6.05 14.93 -3.76
N GLY B 219 4.87 14.53 -3.28
CA GLY B 219 4.08 13.59 -4.07
C GLY B 219 4.59 12.16 -3.91
N ALA B 220 5.65 11.96 -3.12
CA ALA B 220 6.16 10.59 -2.91
C ALA B 220 5.16 9.76 -2.12
N SER B 221 5.12 8.46 -2.43
CA SER B 221 4.16 7.52 -1.84
C SER B 221 4.87 6.45 -1.00
N ILE B 222 4.67 6.39 0.34
CA ILE B 222 5.24 5.25 1.05
C ILE B 222 4.17 4.25 1.47
N MET B 223 4.25 3.03 0.93
CA MET B 223 3.34 1.95 1.26
C MET B 223 1.95 2.21 0.70
N GLY B 224 1.90 2.71 -0.53
CA GLY B 224 0.59 2.95 -1.16
C GLY B 224 0.00 1.72 -1.83
N THR B 225 -1.17 1.92 -2.41
CA THR B 225 -1.92 0.86 -3.08
C THR B 225 -1.07 0.22 -4.16
N LEU B 226 -1.05 -1.13 -4.16
CA LEU B 226 -0.18 -1.94 -5.05
C LEU B 226 1.33 -1.79 -4.85
N SER B 227 1.75 -1.23 -3.72
CA SER B 227 3.21 -1.07 -3.48
C SER B 227 3.85 -2.43 -3.06
N GLY B 228 3.04 -3.41 -2.66
CA GLY B 228 3.62 -4.73 -2.38
C GLY B 228 3.22 -5.47 -1.12
N GLY B 229 4.23 -5.80 -0.29
CA GLY B 229 4.16 -6.66 0.92
C GLY B 229 3.00 -6.63 1.93
N GLY B 230 1.74 -6.69 1.44
CA GLY B 230 0.54 -6.62 2.29
C GLY B 230 0.71 -6.70 3.81
N THR B 231 1.39 -7.76 4.29
CA THR B 231 1.53 -8.07 5.72
C THR B 231 2.33 -7.07 6.60
N HIS B 232 3.65 -7.07 6.46
CA HIS B 232 4.53 -6.28 7.32
C HIS B 232 4.58 -4.78 6.96
N VAL B 233 4.73 -3.93 7.98
CA VAL B 233 4.77 -2.47 7.78
C VAL B 233 6.17 -2.09 7.35
N ILE B 234 6.27 -1.05 6.55
CA ILE B 234 7.61 -0.69 6.13
C ILE B 234 8.11 0.54 6.90
N SER B 235 9.43 0.69 6.97
CA SER B 235 9.97 1.90 7.57
C SER B 235 11.17 2.38 6.76
N ILE B 236 11.60 3.63 6.98
CA ILE B 236 12.85 4.05 6.42
C ILE B 236 13.72 4.53 7.54
N GLY B 237 15.02 4.30 7.38
CA GLY B 237 15.97 4.59 8.44
C GLY B 237 16.41 6.04 8.35
N LYS B 238 17.66 6.31 8.68
CA LYS B 238 18.17 7.67 8.73
C LYS B 238 18.82 8.13 7.42
N ARG B 239 18.72 9.44 7.16
CA ARG B 239 19.37 10.04 6.01
C ARG B 239 18.96 9.44 4.68
N CYS B 240 17.74 8.93 4.57
CA CYS B 240 17.20 8.50 3.30
C CYS B 240 16.53 9.67 2.56
N LEU B 241 16.45 9.54 1.24
CA LEU B 241 15.80 10.57 0.43
C LEU B 241 14.93 9.91 -0.60
N LEU B 242 13.64 10.25 -0.59
CA LEU B 242 12.73 9.77 -1.59
C LEU B 242 12.50 10.92 -2.56
N GLY B 243 12.76 10.67 -3.83
CA GLY B 243 12.53 11.73 -4.83
C GLY B 243 11.07 12.12 -4.98
N ALA B 244 10.85 13.29 -5.53
CA ALA B 244 9.47 13.72 -5.81
C ALA B 244 8.79 12.73 -6.71
N ASN B 245 7.49 12.52 -6.44
CA ASN B 245 6.63 11.54 -7.18
C ASN B 245 7.20 10.13 -7.22
N SER B 246 8.05 9.76 -6.27
CA SER B 246 8.57 8.39 -6.24
C SER B 246 7.59 7.55 -5.38
N GLY B 247 7.90 6.27 -5.25
CA GLY B 247 7.13 5.45 -4.39
C GLY B 247 7.95 4.34 -3.80
N LEU B 248 7.47 3.81 -2.67
CA LEU B 248 8.26 2.81 -1.96
C LEU B 248 7.40 1.76 -1.32
N GLY B 249 7.67 0.50 -1.67
CA GLY B 249 6.93 -0.60 -1.08
C GLY B 249 7.81 -1.60 -0.35
N ILE B 250 9.07 -1.23 -0.02
CA ILE B 250 9.95 -2.08 0.81
C ILE B 250 10.55 -1.15 1.89
N SER B 251 11.06 -1.71 2.98
CA SER B 251 11.70 -0.86 3.97
C SER B 251 13.07 -0.50 3.43
N LEU B 252 13.55 0.66 3.85
CA LEU B 252 14.95 1.04 3.56
C LEU B 252 15.68 1.18 4.86
N GLY B 253 16.97 0.83 4.81
CA GLY B 253 17.86 1.06 5.91
C GLY B 253 18.28 2.52 5.94
N ASP B 254 19.52 2.77 6.26
CA ASP B 254 20.03 4.14 6.31
C ASP B 254 20.61 4.52 4.95
N ASP B 255 20.61 5.80 4.61
CA ASP B 255 21.45 6.27 3.49
C ASP B 255 21.05 5.69 2.15
N CYS B 256 19.73 5.54 1.96
CA CYS B 256 19.18 5.05 0.71
C CYS B 256 18.50 6.18 -0.05
N VAL B 257 18.42 6.03 -1.36
CA VAL B 257 17.74 7.04 -2.15
C VAL B 257 16.85 6.41 -3.19
N VAL B 258 15.64 6.99 -3.44
CA VAL B 258 14.84 6.53 -4.55
C VAL B 258 14.67 7.71 -5.51
N GLU B 259 15.11 7.53 -6.74
CA GLU B 259 15.04 8.52 -7.76
C GLU B 259 13.64 9.16 -7.91
N ALA B 260 13.63 10.48 -8.21
CA ALA B 260 12.35 11.14 -8.55
C ALA B 260 11.60 10.32 -9.62
N GLY B 261 10.27 10.15 -9.45
CA GLY B 261 9.44 9.52 -10.46
C GLY B 261 9.44 7.97 -10.47
N LEU B 262 10.24 7.35 -9.61
CA LEU B 262 10.38 5.88 -9.61
C LEU B 262 9.57 5.26 -8.46
N TYR B 263 8.71 4.27 -8.76
CA TYR B 263 7.90 3.54 -7.74
C TYR B 263 8.59 2.17 -7.54
N VAL B 264 9.25 1.97 -6.38
CA VAL B 264 9.89 0.67 -6.13
C VAL B 264 8.91 -0.22 -5.35
N THR B 265 8.25 -1.15 -6.02
CA THR B 265 7.33 -2.06 -5.31
C THR B 265 8.12 -3.29 -4.86
N ALA B 266 7.57 -4.02 -3.89
CA ALA B 266 8.23 -5.20 -3.33
C ALA B 266 8.47 -6.24 -4.43
N GLY B 267 7.58 -6.28 -5.43
CA GLY B 267 7.69 -7.30 -6.50
C GLY B 267 8.45 -6.80 -7.71
N THR B 268 8.85 -5.54 -7.71
CA THR B 268 9.70 -5.05 -8.83
C THR B 268 11.03 -5.82 -8.93
N ARG B 269 11.42 -6.27 -10.13
CA ARG B 269 12.72 -6.90 -10.38
CA ARG B 269 12.71 -6.91 -10.33
C ARG B 269 13.77 -5.82 -10.57
N VAL B 270 14.85 -5.90 -9.81
CA VAL B 270 15.84 -4.86 -9.82
C VAL B 270 17.16 -5.46 -10.27
N THR B 271 17.82 -4.79 -11.21
CA THR B 271 19.07 -5.31 -11.72
C THR B 271 20.20 -4.74 -10.91
N MET B 272 21.12 -5.61 -10.51
CA MET B 272 22.20 -5.16 -9.65
C MET B 272 23.45 -4.90 -10.45
N PRO B 273 24.46 -4.29 -9.80
CA PRO B 273 25.68 -3.93 -10.51
C PRO B 273 26.32 -5.14 -11.17
N ASP B 274 26.32 -6.29 -10.48
CA ASP B 274 26.84 -7.54 -11.05
C ASP B 274 25.98 -8.13 -12.18
N SER B 275 24.84 -7.51 -12.48
CA SER B 275 24.08 -7.96 -13.63
C SER B 275 22.98 -8.97 -13.24
N ASN B 276 23.01 -9.47 -12.01
CA ASN B 276 21.97 -10.40 -11.51
C ASN B 276 20.76 -9.56 -11.11
N SER B 277 19.58 -10.16 -11.03
CA SER B 277 18.44 -9.40 -10.57
C SER B 277 17.81 -10.10 -9.41
N VAL B 278 17.14 -9.34 -8.56
CA VAL B 278 16.38 -9.88 -7.45
C VAL B 278 15.11 -9.08 -7.37
N LYS B 279 14.10 -9.60 -6.68
CA LYS B 279 12.95 -8.77 -6.33
C LYS B 279 13.39 -7.76 -5.33
N ALA B 280 12.79 -6.57 -5.40
CA ALA B 280 13.13 -5.52 -4.45
C ALA B 280 12.90 -5.95 -3.00
N ARG B 281 11.88 -6.75 -2.73
CA ARG B 281 11.73 -7.20 -1.34
C ARG B 281 12.99 -7.87 -0.76
N GLU B 282 13.82 -8.51 -1.60
CA GLU B 282 15.07 -9.13 -1.12
C GLU B 282 16.08 -8.09 -0.54
N LEU B 283 15.88 -6.83 -0.92
CA LEU B 283 16.74 -5.70 -0.49
C LEU B 283 16.13 -4.96 0.71
N SER B 284 14.96 -5.40 1.13
CA SER B 284 14.20 -4.61 2.11
C SER B 284 15.07 -4.48 3.39
N GLY B 285 15.20 -3.25 3.90
CA GLY B 285 16.00 -3.01 5.10
C GLY B 285 17.50 -2.81 4.89
N SER B 286 17.98 -2.97 3.67
CA SER B 286 19.40 -2.78 3.41
C SER B 286 19.74 -1.28 3.42
N SER B 287 21.01 -0.95 3.61
CA SER B 287 21.42 0.43 3.67
C SER B 287 22.22 0.79 2.43
N ASN B 288 22.49 2.08 2.29
CA ASN B 288 23.36 2.56 1.22
C ASN B 288 22.89 2.17 -0.17
N LEU B 289 21.60 2.14 -0.44
CA LEU B 289 21.14 1.74 -1.76
C LEU B 289 20.60 2.96 -2.53
N LEU B 290 20.92 3.05 -3.81
CA LEU B 290 20.28 4.04 -4.69
C LEU B 290 19.47 3.28 -5.73
N PHE B 291 18.17 3.55 -5.84
CA PHE B 291 17.30 2.95 -6.87
C PHE B 291 16.99 3.96 -7.96
N ARG B 292 17.15 3.56 -9.22
CA ARG B 292 16.80 4.45 -10.32
C ARG B 292 16.29 3.62 -11.49
N ARG B 293 15.55 4.24 -12.40
CA ARG B 293 15.27 3.60 -13.69
C ARG B 293 16.22 4.14 -14.72
N ASN B 294 16.97 3.23 -15.36
CA ASN B 294 17.89 3.57 -16.39
C ASN B 294 17.16 4.31 -17.53
N SER B 295 17.66 5.47 -17.91
CA SER B 295 16.91 6.28 -18.90
C SER B 295 17.12 5.83 -20.34
N VAL B 296 18.10 4.95 -20.56
CA VAL B 296 18.39 4.39 -21.87
C VAL B 296 17.69 3.03 -22.07
N SER B 297 17.77 2.14 -21.06
CA SER B 297 17.17 0.78 -21.14
C SER B 297 15.79 0.66 -20.51
N GLY B 298 15.47 1.54 -19.60
CA GLY B 298 14.19 1.42 -18.98
C GLY B 298 14.21 0.45 -17.81
N ALA B 299 15.34 -0.22 -17.54
CA ALA B 299 15.42 -1.13 -16.38
C ALA B 299 15.52 -0.44 -15.03
N VAL B 300 14.81 -0.98 -14.03
CA VAL B 300 15.01 -0.55 -12.65
C VAL B 300 16.33 -1.12 -12.13
N GLU B 301 17.21 -0.24 -11.63
CA GLU B 301 18.53 -0.65 -11.20
C GLU B 301 18.72 -0.22 -9.75
N VAL B 302 19.60 -0.92 -9.05
CA VAL B 302 20.00 -0.47 -7.69
C VAL B 302 21.52 -0.37 -7.75
N LEU B 303 22.08 0.72 -7.20
CA LEU B 303 23.54 0.92 -7.10
C LEU B 303 23.92 1.08 -5.66
N ALA B 304 25.13 0.69 -5.27
CA ALA B 304 25.64 1.05 -3.94
C ALA B 304 26.04 2.52 -3.88
N ARG B 305 25.77 3.19 -2.77
CA ARG B 305 26.01 4.65 -2.59
C ARG B 305 27.22 5.05 -1.71
N ASP B 306 28.02 4.07 -1.29
CA ASP B 306 29.04 4.47 -0.34
C ASP B 306 30.39 4.07 -0.91
N GLY B 307 30.40 3.65 -2.17
CA GLY B 307 31.53 3.02 -2.73
C GLY B 307 31.78 1.62 -2.23
N GLN B 308 30.89 1.07 -1.42
CA GLN B 308 31.27 -0.22 -0.86
C GLN B 308 30.64 -1.44 -1.53
N GLY B 309 29.32 -1.64 -1.38
CA GLY B 309 28.65 -2.72 -2.14
C GLY B 309 27.43 -3.33 -1.50
N ILE B 310 26.52 -3.82 -2.34
CA ILE B 310 25.12 -4.15 -1.96
C ILE B 310 24.93 -5.29 -0.94
N ALA B 311 25.66 -6.39 -1.13
CA ALA B 311 25.51 -7.54 -0.22
C ALA B 311 25.16 -8.83 -0.97
N VAL C 6 17.59 51.95 -7.07
CA VAL C 6 16.48 50.94 -7.27
C VAL C 6 15.14 51.48 -6.72
N THR C 7 14.15 50.61 -6.73
CA THR C 7 12.77 50.88 -6.33
C THR C 7 12.63 50.45 -4.88
N GLY C 8 11.86 51.20 -4.08
CA GLY C 8 11.54 50.75 -2.72
C GLY C 8 10.08 50.37 -2.68
N ALA C 9 9.50 50.23 -1.50
CA ALA C 9 8.07 50.02 -1.38
C ALA C 9 7.61 50.50 -0.02
N ALA C 10 6.30 50.65 0.17
CA ALA C 10 5.78 51.10 1.44
C ALA C 10 4.35 50.57 1.58
N GLY C 11 3.87 50.50 2.82
CA GLY C 11 2.48 50.20 2.97
C GLY C 11 2.05 50.39 4.40
N ILE C 12 0.76 50.66 4.58
CA ILE C 12 0.22 50.74 5.92
C ILE C 12 -0.35 49.39 6.19
N GLY C 13 -0.06 48.86 7.36
CA GLY C 13 -0.39 47.47 7.66
C GLY C 13 -1.05 47.37 9.02
N LEU C 14 -1.76 46.28 9.21
CA LEU C 14 -2.25 45.92 10.54
C LEU C 14 -1.46 44.70 10.97
N ALA C 15 -0.59 44.88 11.97
CA ALA C 15 0.26 43.79 12.49
C ALA C 15 -0.32 43.14 13.74
N THR C 16 -0.10 41.84 13.87
CA THR C 16 -0.44 41.15 15.12
C THR C 16 0.85 40.72 15.82
N LEU C 17 1.05 41.16 17.06
CA LEU C 17 2.23 40.79 17.87
C LEU C 17 1.82 39.76 18.93
N ALA C 18 2.72 38.83 19.19
CA ALA C 18 2.55 37.83 20.22
C ALA C 18 2.82 38.50 21.57
N ALA C 19 2.65 37.70 22.62
CA ALA C 19 2.74 38.23 23.98
C ALA C 19 4.14 38.77 24.24
N ASP C 20 5.14 38.16 23.62
CA ASP C 20 6.51 38.64 23.81
C ASP C 20 6.94 39.70 22.79
N GLY C 21 6.02 40.15 21.94
CA GLY C 21 6.32 41.24 21.06
C GLY C 21 6.71 40.75 19.67
N SER C 22 6.87 39.45 19.44
CA SER C 22 7.29 38.99 18.10
CA SER C 22 7.28 38.96 18.11
C SER C 22 6.18 39.24 17.12
N VAL C 23 6.56 39.52 15.86
CA VAL C 23 5.55 39.82 14.87
C VAL C 23 5.01 38.50 14.34
N LEU C 24 3.72 38.26 14.52
CA LEU C 24 3.10 37.06 13.96
C LEU C 24 2.75 37.28 12.48
N ASP C 25 2.04 38.37 12.16
CA ASP C 25 1.76 38.69 10.77
C ASP C 25 1.57 40.19 10.56
N THR C 26 1.39 40.59 9.29
CA THR C 26 0.99 41.99 9.00
C THR C 26 0.18 41.92 7.72
N TRP C 27 -1.02 42.48 7.74
CA TRP C 27 -1.85 42.62 6.53
C TRP C 27 -1.75 44.04 6.05
N PHE C 28 -1.36 44.20 4.79
CA PHE C 28 -1.26 45.50 4.15
C PHE C 28 -2.35 45.59 3.10
N PRO C 29 -3.43 46.37 3.38
CA PRO C 29 -4.48 46.38 2.36
C PRO C 29 -4.02 46.99 1.05
N ALA C 30 -3.07 47.92 1.08
CA ALA C 30 -2.75 48.70 -0.13
C ALA C 30 -1.24 48.99 -0.30
N PRO C 31 -0.42 47.96 -0.55
CA PRO C 31 1.02 48.24 -0.62
C PRO C 31 1.30 48.94 -1.94
N GLU C 32 2.45 49.57 -2.06
CA GLU C 32 2.75 50.17 -3.32
C GLU C 32 4.24 50.33 -3.47
N LEU C 33 4.66 50.55 -4.71
CA LEU C 33 6.06 50.75 -4.99
C LEU C 33 6.39 52.23 -4.80
N THR C 34 7.65 52.54 -4.48
CA THR C 34 8.06 53.92 -4.19
C THR C 34 9.47 54.12 -4.73
N GLU C 35 9.95 55.36 -4.72
CA GLU C 35 11.35 55.61 -5.05
C GLU C 35 12.20 55.01 -3.95
N SER C 36 13.48 54.80 -4.21
CA SER C 36 14.29 54.20 -3.16
C SER C 36 14.32 55.18 -1.98
N GLY C 37 14.49 54.65 -0.77
CA GLY C 37 14.32 55.42 0.48
C GLY C 37 15.03 54.75 1.65
N THR C 38 14.49 54.87 2.87
CA THR C 38 15.13 54.25 4.03
C THR C 38 14.23 53.22 4.68
N SER C 39 14.70 51.98 4.84
CA SER C 39 13.90 50.93 5.48
C SER C 39 13.59 51.24 6.95
N ALA C 40 12.33 51.11 7.32
CA ALA C 40 11.92 51.26 8.72
C ALA C 40 10.44 50.92 8.84
N THR C 41 10.04 50.44 9.99
CA THR C 41 8.60 50.30 10.30
C THR C 41 8.31 51.22 11.51
N SER C 42 7.25 52.02 11.43
CA SER C 42 6.88 52.87 12.56
C SER C 42 5.43 52.63 12.95
N ARG C 43 5.10 52.89 14.21
CA ARG C 43 3.70 52.77 14.63
C ARG C 43 3.00 54.04 14.13
N LEU C 44 1.81 53.92 13.57
CA LEU C 44 1.08 55.09 13.10
C LEU C 44 0.53 55.86 14.28
N ALA C 45 0.64 57.19 14.19
CA ALA C 45 -0.07 58.11 15.08
C ALA C 45 -1.57 58.02 14.80
N VAL C 46 -2.38 58.43 15.76
CA VAL C 46 -3.84 58.29 15.67
C VAL C 46 -4.35 58.95 14.38
N SER C 47 -3.89 60.16 14.08
CA SER C 47 -4.48 60.82 12.94
C SER C 47 -4.11 60.16 11.60
N ASP C 48 -3.13 59.28 11.55
CA ASP C 48 -2.70 58.62 10.30
C ASP C 48 -3.26 57.23 10.08
N VAL C 49 -4.02 56.72 11.05
CA VAL C 49 -4.63 55.40 10.85
C VAL C 49 -5.89 55.51 9.97
N PRO C 50 -5.93 54.78 8.84
CA PRO C 50 -7.13 54.84 7.97
C PRO C 50 -8.35 54.41 8.77
N VAL C 51 -9.51 54.99 8.48
CA VAL C 51 -10.67 54.67 9.32
C VAL C 51 -11.07 53.18 9.25
N GLU C 52 -10.85 52.49 8.13
CA GLU C 52 -11.13 51.04 8.02
C GLU C 52 -10.33 50.22 8.99
N LEU C 53 -9.17 50.75 9.40
CA LEU C 53 -8.27 49.94 10.21
C LEU C 53 -8.41 50.28 11.69
N ALA C 54 -8.96 51.46 11.97
CA ALA C 54 -9.03 51.98 13.32
C ALA C 54 -9.89 51.07 14.18
N ALA C 55 -10.93 50.49 13.60
CA ALA C 55 -11.81 49.60 14.32
C ALA C 55 -11.18 48.24 14.53
N LEU C 56 -10.03 47.96 13.91
CA LEU C 56 -9.44 46.60 13.98
C LEU C 56 -8.29 46.49 15.00
N ILE C 57 -7.93 47.62 15.58
CA ILE C 57 -6.82 47.68 16.53
C ILE C 57 -7.31 47.35 17.94
N GLY C 58 -6.60 46.49 18.65
CA GLY C 58 -7.00 46.18 20.01
C GLY C 58 -6.08 45.09 20.55
N ARG C 59 -6.43 44.53 21.71
CA ARG C 59 -5.64 43.51 22.38
C ARG C 59 -6.58 42.35 22.64
N ASP C 60 -6.11 41.11 22.38
CA ASP C 60 -6.91 39.94 22.63
C ASP C 60 -6.35 39.22 23.84
N ASP C 61 -7.10 39.30 24.94
CA ASP C 61 -6.63 38.81 26.22
C ASP C 61 -6.59 37.26 26.21
N ASP C 62 -7.41 36.58 25.43
CA ASP C 62 -7.32 35.09 25.38
C ASP C 62 -6.09 34.58 24.64
N ARG C 63 -5.81 35.22 23.50
CA ARG C 63 -4.67 34.88 22.66
C ARG C 63 -3.39 35.51 23.19
N ARG C 64 -3.53 36.51 24.07
CA ARG C 64 -2.40 37.29 24.54
C ARG C 64 -1.64 37.94 23.35
N THR C 65 -2.40 38.57 22.46
CA THR C 65 -1.81 39.22 21.31
C THR C 65 -2.31 40.65 21.31
N GLU C 66 -1.76 41.46 20.42
CA GLU C 66 -2.28 42.81 20.21
C GLU C 66 -2.17 43.07 18.71
N THR C 67 -3.12 43.85 18.19
CA THR C 67 -3.10 44.28 16.78
CA THR C 67 -3.10 44.25 16.78
C THR C 67 -2.87 45.78 16.71
N ILE C 68 -1.91 46.20 15.88
CA ILE C 68 -1.41 47.57 15.85
C ILE C 68 -1.29 48.03 14.40
N ALA C 69 -1.43 49.33 14.18
CA ALA C 69 -1.30 49.89 12.88
C ALA C 69 0.11 50.45 12.66
N VAL C 70 0.76 50.01 11.57
CA VAL C 70 2.15 50.41 11.32
C VAL C 70 2.23 50.94 9.89
N ARG C 71 3.35 51.60 9.58
CA ARG C 71 3.70 51.85 8.18
C ARG C 71 5.09 51.28 8.01
N THR C 72 5.26 50.38 7.05
CA THR C 72 6.52 49.77 6.73
C THR C 72 7.02 50.38 5.42
N VAL C 73 8.27 50.79 5.41
CA VAL C 73 8.96 51.27 4.18
C VAL C 73 10.13 50.35 3.92
N ILE C 74 10.29 49.93 2.66
CA ILE C 74 11.52 49.27 2.19
C ILE C 74 12.29 50.26 1.34
N GLY C 75 13.51 50.59 1.74
CA GLY C 75 14.35 51.47 0.94
C GLY C 75 14.75 50.89 -0.41
N SER C 76 15.03 49.59 -0.46
CA SER C 76 15.39 48.99 -1.75
C SER C 76 14.93 47.54 -1.81
N LEU C 77 14.18 47.22 -2.86
CA LEU C 77 13.68 45.87 -3.08
C LEU C 77 14.82 44.86 -3.28
N ASP C 78 16.02 45.38 -3.62
CA ASP C 78 17.21 44.52 -3.70
C ASP C 78 17.78 44.06 -2.36
N ASP C 79 17.53 44.81 -1.29
CA ASP C 79 18.00 44.39 0.03
C ASP C 79 17.25 43.17 0.52
N VAL C 80 17.87 42.43 1.45
CA VAL C 80 17.18 41.31 2.09
C VAL C 80 16.18 41.86 3.11
N ALA C 81 15.08 41.17 3.33
CA ALA C 81 14.13 41.62 4.33
C ALA C 81 14.83 41.69 5.67
N ALA C 82 14.56 42.75 6.38
CA ALA C 82 15.27 43.07 7.61
C ALA C 82 14.52 42.54 8.85
N ASP C 83 13.21 42.31 8.69
CA ASP C 83 12.35 42.00 9.82
C ASP C 83 11.00 41.47 9.29
N PRO C 84 10.16 40.89 10.18
CA PRO C 84 8.95 40.31 9.62
C PRO C 84 8.05 41.32 8.91
N TYR C 85 8.00 42.59 9.34
CA TYR C 85 7.07 43.52 8.68
C TYR C 85 7.47 43.68 7.20
N ASP C 86 8.77 43.83 7.02
CA ASP C 86 9.39 43.98 5.74
C ASP C 86 9.12 42.68 4.95
N ALA C 87 9.33 41.53 5.58
CA ALA C 87 9.08 40.29 4.86
C ALA C 87 7.64 40.22 4.37
N TYR C 88 6.69 40.50 5.26
CA TYR C 88 5.25 40.51 4.86
C TYR C 88 4.98 41.49 3.75
N LEU C 89 5.64 42.65 3.78
CA LEU C 89 5.39 43.63 2.72
C LEU C 89 5.84 43.06 1.36
N ARG C 90 7.03 42.46 1.29
CA ARG C 90 7.51 41.83 0.06
C ARG C 90 6.54 40.78 -0.46
N LEU C 91 6.00 39.93 0.43
CA LEU C 91 5.14 38.87 -0.02
C LEU C 91 3.87 39.48 -0.57
N HIS C 92 3.36 40.55 0.04
CA HIS C 92 2.18 41.24 -0.50
C HIS C 92 2.43 41.85 -1.91
N LEU C 93 3.60 42.41 -2.12
CA LEU C 93 3.93 43.01 -3.41
C LEU C 93 3.84 41.96 -4.52
N LEU C 94 4.36 40.77 -4.21
CA LEU C 94 4.27 39.61 -5.15
C LEU C 94 2.83 39.18 -5.38
N SER C 95 2.06 38.99 -4.32
CA SER C 95 0.68 38.50 -4.56
C SER C 95 -0.24 39.56 -5.16
N HIS C 96 0.02 40.83 -4.84
CA HIS C 96 -0.64 41.92 -5.54
C HIS C 96 -0.15 42.06 -7.00
N ARG C 97 0.85 41.27 -7.39
CA ARG C 97 1.43 41.39 -8.74
C ARG C 97 1.98 42.76 -9.02
N LEU C 98 2.39 43.49 -7.97
CA LEU C 98 3.03 44.80 -8.22
C LEU C 98 4.47 44.53 -8.62
N VAL C 99 4.93 43.34 -8.23
CA VAL C 99 6.29 42.87 -8.54
C VAL C 99 6.18 41.39 -8.96
N ALA C 100 6.88 41.01 -10.01
CA ALA C 100 6.92 39.61 -10.46
C ALA C 100 7.94 38.78 -9.69
N PRO C 101 7.80 37.47 -9.68
CA PRO C 101 8.86 36.71 -9.03
C PRO C 101 10.23 37.08 -9.53
N HIS C 102 11.17 37.08 -8.60
CA HIS C 102 12.56 37.53 -8.81
C HIS C 102 12.67 39.02 -9.00
N GLY C 103 11.54 39.73 -8.85
CA GLY C 103 11.56 41.19 -9.05
C GLY C 103 11.93 41.87 -7.76
N LEU C 104 12.02 41.13 -6.67
CA LEU C 104 12.56 41.70 -5.44
C LEU C 104 13.37 40.60 -4.79
N ASN C 105 14.12 40.93 -3.77
CA ASN C 105 14.94 39.93 -3.09
C ASN C 105 14.11 39.15 -2.09
N ALA C 106 13.83 37.87 -2.37
CA ALA C 106 13.00 37.04 -1.47
C ALA C 106 13.83 36.04 -0.68
N GLY C 107 15.12 36.29 -0.53
CA GLY C 107 15.94 35.37 0.22
C GLY C 107 15.85 35.65 1.70
N GLY C 108 16.34 34.72 2.50
CA GLY C 108 16.34 34.89 3.95
C GLY C 108 15.02 34.89 4.73
N LEU C 109 13.87 34.58 4.10
CA LEU C 109 12.59 34.75 4.85
C LEU C 109 12.38 33.71 5.94
N PHE C 110 12.79 32.50 5.66
CA PHE C 110 12.75 31.47 6.68
C PHE C 110 13.39 31.99 7.97
N GLY C 111 14.52 32.67 7.85
CA GLY C 111 15.22 33.23 9.00
C GLY C 111 14.48 34.41 9.61
N VAL C 112 13.67 35.12 8.85
CA VAL C 112 13.13 36.33 9.43
C VAL C 112 11.72 36.18 10.02
N LEU C 113 10.94 35.27 9.45
CA LEU C 113 9.51 35.14 9.77
C LEU C 113 9.32 34.27 11.03
N THR C 114 8.28 34.60 11.79
CA THR C 114 7.95 33.86 12.99
C THR C 114 7.15 32.63 12.63
N ASN C 115 7.39 31.48 13.29
CA ASN C 115 6.51 30.32 13.13
C ASN C 115 5.21 30.60 13.86
N VAL C 116 4.09 30.50 13.16
CA VAL C 116 2.80 30.95 13.69
C VAL C 116 1.77 29.83 13.71
N VAL C 117 0.95 29.77 14.77
CA VAL C 117 -0.21 28.86 14.82
C VAL C 117 -1.42 29.63 14.24
N TRP C 118 -1.81 29.30 13.01
CA TRP C 118 -2.84 30.08 12.31
C TRP C 118 -4.20 29.46 12.70
N THR C 119 -5.13 30.23 13.32
CA THR C 119 -6.36 29.63 13.87
C THR C 119 -7.60 30.36 13.32
N ASN C 120 -8.76 29.79 13.58
CA ASN C 120 -10.03 30.44 13.24
C ASN C 120 -10.31 31.66 14.14
N HIS C 121 -9.42 31.90 15.10
CA HIS C 121 -9.47 33.13 15.91
C HIS C 121 -8.33 34.11 15.61
N GLY C 122 -7.52 33.80 14.60
CA GLY C 122 -6.42 34.65 14.19
C GLY C 122 -5.10 34.00 14.51
N PRO C 123 -4.03 34.69 14.20
CA PRO C 123 -2.69 34.15 14.43
C PRO C 123 -2.40 34.09 15.92
N CYS C 124 -1.71 33.02 16.35
CA CYS C 124 -1.26 32.85 17.70
C CYS C 124 0.19 32.41 17.75
N ALA C 125 0.87 32.68 18.84
CA ALA C 125 2.27 32.23 18.97
C ALA C 125 2.27 30.73 19.37
N ILE C 126 3.38 30.03 19.12
CA ILE C 126 3.48 28.69 19.60
C ILE C 126 3.59 28.67 21.12
N ASP C 127 4.28 29.65 21.69
CA ASP C 127 4.47 29.66 23.12
C ASP C 127 3.13 29.86 23.82
N GLY C 128 2.85 29.00 24.81
CA GLY C 128 1.64 29.04 25.60
C GLY C 128 0.40 28.69 24.79
N PHE C 129 0.58 28.03 23.63
CA PHE C 129 -0.59 27.79 22.80
C PHE C 129 -1.66 26.89 23.44
N GLU C 130 -1.26 25.88 24.19
CA GLU C 130 -2.25 24.94 24.71
C GLU C 130 -3.21 25.65 25.71
N ALA C 131 -2.65 26.57 26.51
CA ALA C 131 -3.43 27.40 27.45
C ALA C 131 -4.31 28.37 26.63
N VAL C 132 -3.76 28.96 25.58
CA VAL C 132 -4.58 29.81 24.70
C VAL C 132 -5.78 29.03 24.12
N ARG C 133 -5.51 27.82 23.65
CA ARG C 133 -6.55 26.98 23.07
C ARG C 133 -7.68 26.78 24.08
N ALA C 134 -7.35 26.47 25.33
CA ALA C 134 -8.40 26.18 26.26
C ALA C 134 -9.21 27.43 26.50
N ARG C 135 -8.57 28.60 26.41
CA ARG C 135 -9.31 29.86 26.71
C ARG C 135 -10.23 30.22 25.52
N LEU C 136 -9.68 30.07 24.36
CA LEU C 136 -10.47 30.33 23.14
C LEU C 136 -11.67 29.39 23.00
N ARG C 137 -11.56 28.14 23.49
CA ARG C 137 -12.66 27.20 23.37
C ARG C 137 -13.90 27.70 24.11
N ARG C 138 -13.74 28.66 25.03
CA ARG C 138 -14.89 29.32 25.61
CA ARG C 138 -14.88 29.34 25.60
C ARG C 138 -15.73 30.06 24.54
N ARG C 139 -15.11 30.40 23.40
CA ARG C 139 -15.80 31.11 22.30
C ARG C 139 -16.42 30.16 21.28
N GLY C 140 -15.97 28.93 21.25
CA GLY C 140 -16.48 28.01 20.27
C GLY C 140 -15.29 27.12 19.94
N PRO C 141 -15.40 26.33 18.87
CA PRO C 141 -14.35 25.38 18.54
C PRO C 141 -13.06 26.10 18.22
N VAL C 142 -11.94 25.45 18.44
CA VAL C 142 -10.68 26.05 18.06
C VAL C 142 -10.09 25.16 16.96
N THR C 143 -9.92 25.77 15.80
CA THR C 143 -9.46 25.12 14.60
C THR C 143 -8.13 25.70 14.19
N VAL C 144 -7.15 24.84 14.04
CA VAL C 144 -5.82 25.34 13.59
C VAL C 144 -5.67 24.96 12.12
N TYR C 145 -5.50 25.96 11.26
CA TYR C 145 -5.34 25.77 9.79
C TYR C 145 -3.94 25.30 9.38
N GLY C 146 -2.93 25.70 10.16
CA GLY C 146 -1.57 25.31 9.84
C GLY C 146 -0.67 25.90 10.94
N VAL C 147 0.56 25.43 10.99
CA VAL C 147 1.55 25.98 11.91
C VAL C 147 2.78 26.24 11.02
N ASP C 148 3.07 27.50 10.70
CA ASP C 148 4.11 27.71 9.70
C ASP C 148 4.45 29.20 9.64
N LYS C 149 5.52 29.48 8.92
CA LYS C 149 6.03 30.85 8.76
C LYS C 149 5.25 31.61 7.71
N PHE C 150 4.54 30.91 6.82
CA PHE C 150 3.80 31.58 5.73
C PHE C 150 2.33 31.26 5.80
N PRO C 151 1.46 32.28 5.71
CA PRO C 151 0.03 32.00 5.74
C PRO C 151 -0.54 31.84 4.33
N ARG C 152 -1.86 31.86 4.25
CA ARG C 152 -2.57 31.58 2.98
C ARG C 152 -2.79 32.89 2.28
N MET C 153 -2.37 32.96 1.01
CA MET C 153 -2.45 34.24 0.30
C MET C 153 -3.80 34.92 0.37
N VAL C 154 -4.87 34.14 0.16
CA VAL C 154 -6.18 34.70 0.01
C VAL C 154 -6.66 35.39 1.25
N ASP C 155 -5.97 35.12 2.35
CA ASP C 155 -6.39 35.74 3.61
C ASP C 155 -5.85 37.18 3.75
N TYR C 156 -5.13 37.59 2.72
CA TYR C 156 -4.47 38.92 2.61
C TYR C 156 -4.92 39.62 1.33
N VAL C 157 -4.94 38.90 0.21
CA VAL C 157 -5.44 39.50 -1.01
C VAL C 157 -6.01 38.43 -1.88
N VAL C 158 -7.13 38.74 -2.55
CA VAL C 158 -7.61 37.94 -3.65
C VAL C 158 -7.35 38.67 -4.97
N PRO C 159 -6.36 38.18 -5.72
CA PRO C 159 -6.03 38.95 -6.93
C PRO C 159 -7.09 38.73 -8.03
N THR C 160 -7.28 39.70 -8.93
CA THR C 160 -8.39 39.64 -9.86
C THR C 160 -8.07 38.74 -11.08
N GLY C 161 -9.11 38.16 -11.70
CA GLY C 161 -8.96 37.23 -12.83
C GLY C 161 -8.44 35.86 -12.47
N VAL C 162 -8.56 35.44 -11.21
CA VAL C 162 -8.02 34.12 -10.85
C VAL C 162 -9.04 33.27 -10.14
N ARG C 163 -8.92 31.95 -10.30
CA ARG C 163 -9.69 31.05 -9.48
C ARG C 163 -8.71 30.20 -8.69
N ILE C 164 -9.08 29.85 -7.45
CA ILE C 164 -8.21 28.99 -6.60
C ILE C 164 -9.22 28.05 -5.94
N ALA C 165 -9.23 26.79 -6.35
CA ALA C 165 -10.28 25.87 -5.89
C ALA C 165 -10.12 25.56 -4.40
N ASP C 166 -8.88 25.38 -3.95
CA ASP C 166 -8.62 25.12 -2.57
C ASP C 166 -7.54 26.06 -2.14
N ALA C 167 -7.93 27.12 -1.46
CA ALA C 167 -6.92 28.15 -1.15
C ALA C 167 -5.92 27.83 -0.03
N ASP C 168 -6.04 26.66 0.62
CA ASP C 168 -4.98 26.11 1.45
C ASP C 168 -3.69 25.96 0.65
N ARG C 169 -3.79 25.95 -0.68
CA ARG C 169 -2.64 25.53 -1.49
C ARG C 169 -1.87 26.67 -2.12
N VAL C 170 -2.16 27.89 -1.74
CA VAL C 170 -1.41 29.00 -2.32
C VAL C 170 -0.83 29.83 -1.18
N ARG C 171 0.50 29.85 -1.05
CA ARG C 171 1.12 30.62 0.02
C ARG C 171 1.07 32.12 -0.27
N LEU C 172 0.93 32.96 0.76
CA LEU C 172 1.16 34.39 0.56
C LEU C 172 2.58 34.58 -0.03
N GLY C 173 2.72 35.43 -1.06
CA GLY C 173 3.95 35.56 -1.84
C GLY C 173 3.84 34.94 -3.24
N ALA C 174 2.80 34.16 -3.49
CA ALA C 174 2.57 33.53 -4.79
C ALA C 174 2.06 34.61 -5.71
N HIS C 175 2.46 34.55 -6.99
CA HIS C 175 2.09 35.56 -7.98
C HIS C 175 1.21 34.90 -9.06
N LEU C 176 -0.08 35.20 -9.09
CA LEU C 176 -0.97 34.53 -10.05
C LEU C 176 -1.58 35.53 -11.00
N ALA C 177 -1.10 35.50 -12.25
CA ALA C 177 -1.56 36.43 -13.28
C ALA C 177 -3.03 36.22 -13.69
N PRO C 178 -3.68 37.27 -14.21
CA PRO C 178 -5.09 37.10 -14.62
C PRO C 178 -5.25 35.95 -15.62
N GLY C 179 -6.34 35.21 -15.48
CA GLY C 179 -6.57 34.05 -16.33
C GLY C 179 -6.06 32.75 -15.72
N THR C 180 -5.38 32.85 -14.60
CA THR C 180 -4.84 31.66 -13.97
C THR C 180 -5.88 30.96 -13.11
N THR C 181 -5.91 29.63 -13.19
CA THR C 181 -6.76 28.81 -12.31
C THR C 181 -5.85 27.83 -11.61
N VAL C 182 -5.91 27.78 -10.27
CA VAL C 182 -5.17 26.80 -9.52
C VAL C 182 -6.26 25.82 -9.08
N MET C 183 -6.16 24.55 -9.53
CA MET C 183 -7.16 23.54 -9.17
C MET C 183 -6.76 22.90 -7.83
N HIS C 184 -7.55 21.95 -7.32
CA HIS C 184 -7.33 21.49 -5.93
C HIS C 184 -5.96 20.89 -5.75
N GLU C 185 -5.44 20.23 -6.77
CA GLU C 185 -4.10 19.58 -6.68
C GLU C 185 -2.93 20.55 -7.02
N GLY C 186 -3.25 21.73 -7.53
CA GLY C 186 -2.16 22.70 -7.80
C GLY C 186 -1.63 23.22 -6.48
N PHE C 187 -0.40 23.75 -6.48
CA PHE C 187 0.20 24.34 -5.30
C PHE C 187 1.16 25.42 -5.79
N VAL C 188 1.12 26.61 -5.21
CA VAL C 188 2.05 27.64 -5.62
C VAL C 188 2.72 28.20 -4.36
N ASN C 189 4.04 28.14 -4.34
CA ASN C 189 4.82 28.64 -3.24
C ASN C 189 5.04 30.18 -3.38
N TYR C 190 5.76 30.78 -2.43
CA TYR C 190 6.03 32.22 -2.51
C TYR C 190 7.08 32.50 -3.55
N ASN C 191 7.13 33.76 -4.02
CA ASN C 191 8.09 34.15 -5.05
C ASN C 191 8.03 33.19 -6.26
N ALA C 192 6.82 32.84 -6.69
CA ALA C 192 6.68 31.83 -7.71
C ALA C 192 5.31 32.02 -8.30
N GLY C 193 5.04 31.42 -9.46
CA GLY C 193 3.67 31.47 -10.00
C GLY C 193 3.62 31.65 -11.51
N THR C 194 2.59 32.38 -11.98
CA THR C 194 2.34 32.44 -13.41
C THR C 194 2.50 33.86 -13.88
N LEU C 195 2.90 34.04 -15.14
CA LEU C 195 3.02 35.37 -15.70
C LEU C 195 1.82 35.66 -16.57
N GLY C 196 1.06 34.62 -16.93
CA GLY C 196 -0.08 34.80 -17.82
C GLY C 196 -1.22 33.89 -17.45
N ALA C 197 -1.98 33.44 -18.44
CA ALA C 197 -3.10 32.57 -18.13
C ALA C 197 -2.64 31.15 -18.15
N SER C 198 -2.76 30.44 -17.04
CA SER C 198 -2.36 29.04 -16.93
C SER C 198 -3.33 28.26 -16.08
N MET C 199 -3.51 26.98 -16.43
CA MET C 199 -4.22 26.02 -15.61
C MET C 199 -3.16 25.36 -14.72
N VAL C 200 -3.23 25.56 -13.41
CA VAL C 200 -2.24 24.98 -12.48
C VAL C 200 -2.86 23.88 -11.65
N GLU C 201 -2.50 22.62 -11.98
CA GLU C 201 -2.97 21.51 -11.21
C GLU C 201 -1.81 20.74 -10.64
N GLY C 202 -0.61 21.26 -10.78
CA GLY C 202 0.54 20.65 -10.12
C GLY C 202 1.32 21.67 -9.30
N ARG C 203 2.53 21.29 -8.94
CA ARG C 203 3.28 22.01 -7.88
C ARG C 203 4.37 22.94 -8.36
N ILE C 204 4.22 24.22 -8.05
CA ILE C 204 5.17 25.21 -8.48
C ILE C 204 6.04 25.61 -7.26
N SER C 205 7.30 25.17 -7.27
CA SER C 205 8.23 25.38 -6.15
C SER C 205 8.63 26.86 -6.03
N ALA C 206 9.20 27.26 -4.88
CA ALA C 206 9.55 28.67 -4.70
C ALA C 206 10.52 29.04 -5.81
N GLY C 207 10.38 30.23 -6.37
CA GLY C 207 11.32 30.66 -7.37
C GLY C 207 10.90 30.31 -8.78
N VAL C 208 9.89 29.47 -8.93
CA VAL C 208 9.59 28.91 -10.26
C VAL C 208 8.54 29.75 -10.93
N VAL C 209 8.76 30.13 -12.18
CA VAL C 209 7.75 30.90 -12.89
C VAL C 209 7.31 30.16 -14.16
N VAL C 210 6.05 30.29 -14.48
CA VAL C 210 5.43 29.59 -15.61
C VAL C 210 4.82 30.63 -16.53
N GLY C 211 5.21 30.57 -17.80
CA GLY C 211 4.82 31.58 -18.79
C GLY C 211 3.39 31.38 -19.29
N ASP C 212 2.92 32.40 -19.97
CA ASP C 212 1.57 32.53 -20.40
C ASP C 212 1.15 31.36 -21.28
N GLY C 213 0.01 30.76 -20.96
CA GLY C 213 -0.53 29.74 -21.81
C GLY C 213 -0.04 28.37 -21.43
N SER C 214 0.87 28.28 -20.45
CA SER C 214 1.45 26.98 -20.11
C SER C 214 0.61 26.37 -19.04
N ASP C 215 0.33 25.09 -19.15
CA ASP C 215 -0.51 24.43 -18.15
C ASP C 215 0.28 23.35 -17.41
N VAL C 216 0.00 23.23 -16.11
CA VAL C 216 0.68 22.28 -15.28
C VAL C 216 -0.35 21.19 -14.94
N GLY C 217 -0.17 19.99 -15.48
CA GLY C 217 -1.10 18.90 -15.23
C GLY C 217 -1.21 18.42 -13.79
N GLY C 218 -2.28 17.69 -13.51
CA GLY C 218 -2.55 17.30 -12.13
C GLY C 218 -1.43 16.47 -11.54
N GLY C 219 -0.96 16.86 -10.36
CA GLY C 219 0.08 16.10 -9.66
C GLY C 219 1.48 16.29 -10.24
N ALA C 220 1.62 17.14 -11.26
CA ALA C 220 2.94 17.44 -11.79
C ALA C 220 3.82 18.12 -10.75
N SER C 221 5.14 17.88 -10.86
CA SER C 221 6.13 18.36 -9.91
C SER C 221 7.14 19.24 -10.64
N ILE C 222 7.23 20.52 -10.30
CA ILE C 222 8.31 21.31 -10.91
C ILE C 222 9.38 21.63 -9.87
N MET C 223 10.60 21.17 -10.15
CA MET C 223 11.79 21.38 -9.28
C MET C 223 11.63 20.72 -7.92
N GLY C 224 11.15 19.48 -7.91
CA GLY C 224 10.87 18.80 -6.66
C GLY C 224 12.12 18.15 -6.16
N THR C 225 12.02 17.39 -5.07
CA THR C 225 13.19 16.72 -4.50
C THR C 225 13.84 15.73 -5.47
N LEU C 226 15.18 15.83 -5.59
CA LEU C 226 16.00 15.01 -6.48
C LEU C 226 15.79 15.21 -7.98
N SER C 227 15.12 16.31 -8.32
CA SER C 227 14.98 16.71 -9.76
C SER C 227 16.29 17.17 -10.48
N GLY C 228 17.36 17.45 -9.73
CA GLY C 228 18.61 17.87 -10.39
C GLY C 228 19.65 18.51 -9.49
N HIS C 232 20.54 27.20 -9.48
CA HIS C 232 19.80 27.78 -10.60
C HIS C 232 18.34 27.30 -10.68
N VAL C 233 17.42 28.21 -10.37
CA VAL C 233 15.99 27.95 -10.35
C VAL C 233 15.52 27.75 -11.78
N ILE C 234 14.51 26.92 -11.99
CA ILE C 234 14.03 26.68 -13.34
C ILE C 234 12.76 27.45 -13.66
N SER C 235 12.47 27.60 -14.95
CA SER C 235 11.28 28.34 -15.39
C SER C 235 10.71 27.61 -16.58
N ILE C 236 9.42 27.83 -16.82
CA ILE C 236 8.72 27.26 -17.96
C ILE C 236 8.28 28.44 -18.83
N GLY C 237 8.47 28.36 -20.13
CA GLY C 237 8.07 29.44 -21.03
C GLY C 237 6.59 29.44 -21.39
N LYS C 238 6.27 29.87 -22.61
CA LYS C 238 4.85 30.00 -23.06
C LYS C 238 4.32 28.74 -23.73
N ARG C 239 3.02 28.44 -23.52
CA ARG C 239 2.35 27.37 -24.27
C ARG C 239 2.94 26.00 -24.06
N CYS C 240 3.46 25.76 -22.87
CA CYS C 240 4.02 24.46 -22.53
C CYS C 240 2.92 23.65 -21.88
N LEU C 241 3.09 22.32 -21.87
CA LEU C 241 2.19 21.47 -21.13
C LEU C 241 2.98 20.45 -20.35
N LEU C 242 2.82 20.43 -19.03
CA LEU C 242 3.38 19.33 -18.25
C LEU C 242 2.27 18.31 -17.96
N GLY C 243 2.50 17.07 -18.38
CA GLY C 243 1.48 16.07 -18.26
C GLY C 243 1.19 15.76 -16.80
N ALA C 244 0.02 15.18 -16.56
CA ALA C 244 -0.35 14.80 -15.20
C ALA C 244 0.66 13.81 -14.61
N ASN C 245 0.99 14.00 -13.31
CA ASN C 245 1.97 13.17 -12.61
C ASN C 245 3.37 13.17 -13.27
N SER C 246 3.66 14.19 -14.07
CA SER C 246 4.99 14.31 -14.63
C SER C 246 5.93 15.07 -13.65
N GLY C 247 7.20 15.17 -14.01
CA GLY C 247 8.13 16.04 -13.23
C GLY C 247 9.12 16.74 -14.12
N LEU C 248 9.57 17.91 -13.67
CA LEU C 248 10.48 18.71 -14.45
C LEU C 248 11.61 19.23 -13.57
N GLY C 249 12.83 18.85 -13.94
CA GLY C 249 14.03 19.29 -13.27
C GLY C 249 14.91 20.21 -14.12
N ILE C 250 14.44 20.60 -15.31
CA ILE C 250 15.22 21.54 -16.16
C ILE C 250 14.28 22.68 -16.61
N SER C 251 14.83 23.80 -17.10
CA SER C 251 13.95 24.84 -17.64
C SER C 251 13.46 24.43 -19.02
N LEU C 252 12.23 24.83 -19.34
CA LEU C 252 11.70 24.66 -20.70
C LEU C 252 11.55 26.04 -21.33
N GLY C 253 11.78 26.13 -22.62
CA GLY C 253 11.45 27.34 -23.38
C GLY C 253 9.96 27.36 -23.73
N ASP C 254 9.63 27.78 -24.93
CA ASP C 254 8.24 27.83 -25.35
C ASP C 254 7.85 26.53 -26.04
N ASP C 255 6.57 26.23 -26.03
CA ASP C 255 6.01 25.13 -26.82
C ASP C 255 6.62 23.78 -26.54
N CYS C 256 6.89 23.49 -25.26
CA CYS C 256 7.38 22.19 -24.87
C CYS C 256 6.27 21.35 -24.23
N VAL C 257 6.37 20.03 -24.35
CA VAL C 257 5.44 19.12 -23.67
C VAL C 257 6.21 18.01 -22.92
N VAL C 258 5.80 17.71 -21.68
CA VAL C 258 6.33 16.56 -20.98
C VAL C 258 5.17 15.54 -20.84
N GLU C 259 5.38 14.31 -21.33
CA GLU C 259 4.36 13.25 -21.24
C GLU C 259 3.88 12.99 -19.81
N ALA C 260 2.61 12.63 -19.67
CA ALA C 260 2.04 12.28 -18.39
C ALA C 260 2.86 11.16 -17.75
N GLY C 261 3.17 11.30 -16.48
CA GLY C 261 3.87 10.24 -15.74
C GLY C 261 5.39 10.21 -15.90
N LEU C 262 5.94 11.09 -16.74
CA LEU C 262 7.41 11.13 -16.93
C LEU C 262 8.09 12.20 -16.05
N TYR C 263 9.16 11.85 -15.32
CA TYR C 263 9.94 12.85 -14.52
C TYR C 263 11.26 13.11 -15.27
N VAL C 264 11.43 14.31 -15.83
CA VAL C 264 12.69 14.64 -16.49
C VAL C 264 13.60 15.38 -15.50
N THR C 265 14.56 14.65 -14.93
CA THR C 265 15.50 15.25 -13.99
C THR C 265 16.65 15.84 -14.82
N ALA C 266 17.40 16.74 -14.22
CA ALA C 266 18.55 17.31 -14.96
C ALA C 266 19.56 16.23 -15.35
N GLY C 267 19.61 15.14 -14.60
CA GLY C 267 20.62 14.12 -14.86
C GLY C 267 20.12 12.98 -15.74
N THR C 268 18.85 13.03 -16.13
CA THR C 268 18.25 12.02 -17.02
C THR C 268 18.93 12.08 -18.37
N ARG C 269 19.32 10.94 -18.91
CA ARG C 269 19.92 10.85 -20.24
C ARG C 269 18.82 10.72 -21.29
N VAL C 270 18.79 11.65 -22.23
CA VAL C 270 17.71 11.74 -23.19
C VAL C 270 18.19 11.35 -24.60
N THR C 271 17.45 10.47 -25.27
CA THR C 271 17.78 10.12 -26.68
C THR C 271 17.14 11.08 -27.68
N MET C 272 17.97 11.67 -28.52
CA MET C 272 17.48 12.57 -29.56
C MET C 272 17.14 11.78 -30.81
N PRO C 273 16.46 12.46 -31.75
CA PRO C 273 16.02 11.91 -33.02
C PRO C 273 17.13 11.14 -33.74
N ASP C 274 18.35 11.70 -33.78
CA ASP C 274 19.51 11.04 -34.44
C ASP C 274 20.09 9.83 -33.68
N SER C 275 19.52 9.47 -32.53
CA SER C 275 20.04 8.35 -31.75
C SER C 275 21.19 8.73 -30.79
N ASN C 276 21.69 9.96 -30.87
CA ASN C 276 22.62 10.44 -29.84
C ASN C 276 21.89 10.84 -28.54
N SER C 277 22.51 10.66 -27.37
CA SER C 277 21.85 11.06 -26.14
C SER C 277 22.65 12.15 -25.47
N VAL C 278 21.97 12.84 -24.55
CA VAL C 278 22.54 13.94 -23.82
CA VAL C 278 22.54 13.95 -23.82
C VAL C 278 21.85 13.96 -22.47
N LYS C 279 22.48 14.58 -21.49
CA LYS C 279 21.81 14.81 -20.23
C LYS C 279 20.76 15.87 -20.48
N ALA C 280 19.60 15.71 -19.86
CA ALA C 280 18.51 16.65 -20.07
C ALA C 280 18.95 18.11 -19.78
N ARG C 281 19.90 18.30 -18.85
CA ARG C 281 20.37 19.65 -18.48
C ARG C 281 20.92 20.42 -19.68
N GLU C 282 21.49 19.69 -20.64
CA GLU C 282 22.02 20.28 -21.86
C GLU C 282 20.90 20.84 -22.71
N LEU C 283 19.67 20.37 -22.49
CA LEU C 283 18.54 20.83 -23.27
C LEU C 283 17.78 21.93 -22.51
N SER C 284 18.24 22.24 -21.31
CA SER C 284 17.55 23.22 -20.47
C SER C 284 17.26 24.53 -21.24
N GLY C 285 16.01 24.98 -21.28
CA GLY C 285 15.73 26.25 -21.99
C GLY C 285 15.38 26.17 -23.47
N SER C 286 15.45 24.97 -24.06
CA SER C 286 15.08 24.77 -25.45
C SER C 286 13.58 24.88 -25.67
N SER C 287 13.19 25.19 -26.90
CA SER C 287 11.80 25.32 -27.26
C SER C 287 11.42 24.15 -28.14
N ASN C 288 10.12 23.88 -28.28
CA ASN C 288 9.61 22.96 -29.32
C ASN C 288 9.95 21.51 -29.12
N LEU C 289 10.03 21.11 -27.87
CA LEU C 289 10.51 19.77 -27.53
C LEU C 289 9.38 18.96 -26.94
N LEU C 290 9.21 17.71 -27.37
CA LEU C 290 8.33 16.78 -26.62
C LEU C 290 9.15 15.68 -25.91
N PHE C 291 9.02 15.57 -24.60
CA PHE C 291 9.73 14.53 -23.84
C PHE C 291 8.79 13.34 -23.56
N ARG C 292 9.21 12.11 -23.82
CA ARG C 292 8.38 11.00 -23.39
C ARG C 292 9.27 9.79 -23.10
N ARG C 293 8.76 8.82 -22.37
CA ARG C 293 9.46 7.55 -22.25
C ARG C 293 8.86 6.62 -23.31
N ASN C 294 9.67 6.18 -24.25
CA ASN C 294 9.20 5.30 -25.28
C ASN C 294 8.63 4.05 -24.62
N SER C 295 7.41 3.68 -24.99
CA SER C 295 6.73 2.62 -24.21
C SER C 295 7.17 1.26 -24.68
N VAL C 296 7.91 1.24 -25.79
CA VAL C 296 8.43 -0.02 -26.33
C VAL C 296 9.87 -0.28 -25.95
N SER C 297 10.73 0.72 -26.06
CA SER C 297 12.16 0.46 -25.78
C SER C 297 12.52 0.85 -24.35
N GLY C 298 11.69 1.65 -23.70
CA GLY C 298 11.96 2.04 -22.31
C GLY C 298 12.80 3.31 -22.22
N ALA C 299 13.24 3.83 -23.36
CA ALA C 299 14.15 5.00 -23.35
C ALA C 299 13.47 6.37 -23.25
N VAL C 300 14.00 7.23 -22.38
CA VAL C 300 13.58 8.64 -22.38
C VAL C 300 14.08 9.27 -23.68
N GLU C 301 13.17 9.86 -24.43
CA GLU C 301 13.56 10.45 -25.70
C GLU C 301 12.91 11.80 -25.81
N VAL C 302 13.46 12.62 -26.69
CA VAL C 302 12.83 13.85 -27.05
C VAL C 302 12.54 13.90 -28.57
N LEU C 303 11.40 14.48 -28.92
CA LEU C 303 10.97 14.64 -30.33
C LEU C 303 10.75 16.12 -30.60
N ALA C 304 10.92 16.56 -31.85
CA ALA C 304 10.59 17.94 -32.26
C ALA C 304 9.08 18.13 -32.29
N ARG C 305 8.57 19.28 -31.88
CA ARG C 305 7.12 19.53 -32.09
C ARG C 305 6.89 20.56 -33.18
N THR D 5 -22.91 -7.73 23.40
CA THR D 5 -22.25 -7.83 24.74
C THR D 5 -23.30 -7.71 25.85
N VAL D 6 -24.08 -8.79 26.01
CA VAL D 6 -25.33 -8.72 26.76
C VAL D 6 -26.36 -7.91 25.97
N THR D 7 -26.57 -8.37 24.75
CA THR D 7 -27.72 -8.01 23.95
C THR D 7 -28.68 -9.19 23.94
N GLY D 8 -29.96 -8.87 24.12
CA GLY D 8 -30.98 -9.88 23.98
C GLY D 8 -31.82 -9.67 22.75
N ALA D 9 -32.96 -10.35 22.71
CA ALA D 9 -33.89 -10.09 21.61
C ALA D 9 -35.30 -10.45 22.03
N ALA D 10 -36.27 -10.02 21.22
CA ALA D 10 -37.68 -10.32 21.56
C ALA D 10 -38.52 -10.23 20.33
N GLY D 11 -39.65 -10.94 20.33
CA GLY D 11 -40.52 -10.85 19.21
C GLY D 11 -41.85 -11.46 19.53
N ILE D 12 -42.87 -10.86 18.93
CA ILE D 12 -44.17 -11.44 18.92
C ILE D 12 -44.31 -12.36 17.71
N GLY D 13 -44.82 -13.55 17.94
CA GLY D 13 -44.81 -14.58 16.90
C GLY D 13 -46.13 -15.33 16.81
N LEU D 14 -46.30 -16.03 15.73
CA LEU D 14 -47.44 -16.89 15.58
C LEU D 14 -46.85 -18.26 15.43
N ALA D 15 -47.09 -19.12 16.41
CA ALA D 15 -46.47 -20.40 16.43
C ALA D 15 -47.52 -21.44 16.02
N THR D 16 -47.06 -22.49 15.36
CA THR D 16 -47.92 -23.63 15.10
C THR D 16 -47.42 -24.80 15.93
N LEU D 17 -48.35 -25.41 16.69
CA LEU D 17 -48.05 -26.60 17.49
C LEU D 17 -48.68 -27.85 16.87
N ALA D 18 -47.99 -28.97 17.04
CA ALA D 18 -48.50 -30.24 16.59
C ALA D 18 -49.54 -30.76 17.59
N ALA D 19 -50.17 -31.90 17.29
CA ALA D 19 -51.16 -32.50 18.18
C ALA D 19 -50.62 -32.80 19.58
N ASP D 20 -49.34 -33.17 19.69
CA ASP D 20 -48.74 -33.50 20.98
C ASP D 20 -48.14 -32.26 21.66
N GLY D 21 -48.33 -31.08 21.08
CA GLY D 21 -47.89 -29.86 21.77
C GLY D 21 -46.51 -29.43 21.28
N SER D 22 -45.81 -30.26 20.48
CA SER D 22 -44.50 -29.90 19.93
CA SER D 22 -44.49 -29.87 19.99
C SER D 22 -44.57 -28.65 19.08
N VAL D 23 -43.52 -27.80 19.13
CA VAL D 23 -43.59 -26.62 18.28
C VAL D 23 -43.11 -26.96 16.86
N LEU D 24 -43.96 -26.73 15.86
CA LEU D 24 -43.57 -26.97 14.44
C LEU D 24 -42.80 -25.76 13.89
N ASP D 25 -43.34 -24.56 14.09
CA ASP D 25 -42.64 -23.36 13.65
C ASP D 25 -43.10 -22.16 14.41
N THR D 26 -42.45 -21.03 14.18
CA THR D 26 -43.00 -19.75 14.69
C THR D 26 -42.60 -18.70 13.68
N TRP D 27 -43.54 -17.86 13.30
CA TRP D 27 -43.25 -16.74 12.42
C TRP D 27 -43.30 -15.49 13.25
N PHE D 28 -42.21 -14.73 13.27
CA PHE D 28 -42.14 -13.43 13.93
C PHE D 28 -42.17 -12.31 12.88
N PRO D 29 -43.29 -11.58 12.78
CA PRO D 29 -43.25 -10.55 11.73
C PRO D 29 -42.22 -9.49 12.04
N ALA D 30 -41.95 -9.16 13.32
CA ALA D 30 -41.15 -7.95 13.61
C ALA D 30 -40.23 -8.17 14.81
N PRO D 31 -39.25 -9.03 14.65
CA PRO D 31 -38.30 -9.30 15.76
C PRO D 31 -37.43 -8.08 16.03
N GLU D 32 -36.91 -7.96 17.24
CA GLU D 32 -36.08 -6.81 17.54
C GLU D 32 -35.00 -7.15 18.58
N LEU D 33 -33.92 -6.39 18.55
CA LEU D 33 -32.87 -6.57 19.54
C LEU D 33 -33.29 -5.80 20.77
N THR D 34 -32.82 -6.24 21.94
CA THR D 34 -33.21 -5.63 23.23
C THR D 34 -32.07 -5.69 24.23
N GLU D 35 -32.23 -5.03 25.37
CA GLU D 35 -31.30 -5.17 26.46
C GLU D 35 -31.29 -6.61 27.02
N SER D 36 -30.13 -7.05 27.49
CA SER D 36 -30.01 -8.35 28.19
C SER D 36 -31.22 -8.53 29.10
N GLY D 37 -31.71 -9.75 29.26
CA GLY D 37 -32.98 -9.95 29.98
C GLY D 37 -33.15 -11.40 30.40
N THR D 38 -34.39 -11.85 30.47
CA THR D 38 -34.70 -13.24 30.87
C THR D 38 -35.47 -14.03 29.80
N SER D 39 -34.82 -15.08 29.35
CA SER D 39 -35.37 -15.93 28.30
C SER D 39 -36.70 -16.60 28.74
N ALA D 40 -37.72 -16.54 27.90
CA ALA D 40 -38.99 -17.16 28.20
C ALA D 40 -39.90 -16.97 27.01
N THR D 41 -40.82 -17.89 26.77
CA THR D 41 -41.87 -17.65 25.77
C THR D 41 -43.15 -17.69 26.54
N SER D 42 -44.03 -16.71 26.30
CA SER D 42 -45.33 -16.70 26.96
C SER D 42 -46.46 -16.58 25.92
N ARG D 43 -47.62 -17.11 26.25
CA ARG D 43 -48.80 -16.96 25.39
C ARG D 43 -49.30 -15.56 25.57
N LEU D 44 -49.57 -14.84 24.49
CA LEU D 44 -50.00 -13.46 24.62
C LEU D 44 -51.44 -13.43 25.05
N ALA D 45 -51.78 -12.50 25.95
CA ALA D 45 -53.16 -12.19 26.32
C ALA D 45 -53.86 -11.54 25.15
N VAL D 46 -55.19 -11.62 25.16
CA VAL D 46 -56.03 -11.09 24.09
C VAL D 46 -55.63 -9.65 23.74
N SER D 47 -55.50 -8.80 24.74
CA SER D 47 -55.20 -7.38 24.49
CA SER D 47 -55.23 -7.39 24.46
C SER D 47 -53.85 -7.17 23.81
N ASP D 48 -52.96 -8.13 23.93
CA ASP D 48 -51.59 -7.90 23.42
C ASP D 48 -51.32 -8.49 22.03
N VAL D 49 -52.32 -9.13 21.43
CA VAL D 49 -52.11 -9.77 20.12
C VAL D 49 -52.32 -8.70 19.05
N PRO D 50 -51.34 -8.49 18.16
CA PRO D 50 -51.54 -7.48 17.08
C PRO D 50 -52.76 -7.78 16.21
N VAL D 51 -53.42 -6.73 15.70
CA VAL D 51 -54.65 -6.97 14.90
C VAL D 51 -54.43 -7.93 13.72
N GLU D 52 -53.26 -7.86 13.07
CA GLU D 52 -52.92 -8.71 11.90
C GLU D 52 -52.82 -10.15 12.25
N LEU D 53 -52.36 -10.41 13.47
CA LEU D 53 -52.21 -11.76 13.90
C LEU D 53 -53.50 -12.40 14.48
N ALA D 54 -54.35 -11.56 15.09
CA ALA D 54 -55.57 -12.08 15.76
C ALA D 54 -56.41 -12.88 14.79
N ALA D 55 -56.43 -12.46 13.55
CA ALA D 55 -57.17 -13.15 12.48
C ALA D 55 -56.59 -14.51 12.10
N LEU D 56 -55.35 -14.78 12.49
CA LEU D 56 -54.67 -16.01 12.09
C LEU D 56 -54.60 -17.10 13.18
N ILE D 57 -55.15 -16.86 14.36
CA ILE D 57 -55.05 -17.83 15.43
C ILE D 57 -56.20 -18.86 15.27
N GLY D 58 -55.93 -20.14 15.41
CA GLY D 58 -57.07 -21.07 15.38
C GLY D 58 -56.56 -22.46 15.53
N ARG D 59 -57.44 -23.42 15.25
CA ARG D 59 -57.14 -24.83 15.36
C ARG D 59 -57.48 -25.46 14.01
N ASP D 60 -56.62 -26.31 13.48
CA ASP D 60 -56.91 -26.96 12.21
C ASP D 60 -57.24 -28.40 12.55
N ASP D 61 -58.51 -28.78 12.43
CA ASP D 61 -58.93 -30.15 12.76
C ASP D 61 -58.38 -31.22 11.79
N ASP D 62 -58.21 -30.89 10.51
CA ASP D 62 -57.58 -31.87 9.63
C ASP D 62 -56.11 -32.14 9.92
N ARG D 63 -55.31 -31.10 10.17
CA ARG D 63 -53.89 -31.26 10.47
C ARG D 63 -53.68 -31.58 11.93
N ARG D 64 -54.72 -31.43 12.74
CA ARG D 64 -54.61 -31.63 14.18
C ARG D 64 -53.52 -30.70 14.75
N THR D 65 -53.55 -29.44 14.35
CA THR D 65 -52.58 -28.44 14.82
C THR D 65 -53.31 -27.27 15.40
N GLU D 66 -52.58 -26.40 16.12
CA GLU D 66 -53.17 -25.17 16.58
C GLU D 66 -52.15 -24.08 16.28
N THR D 67 -52.66 -22.90 15.96
CA THR D 67 -51.82 -21.74 15.77
C THR D 67 -52.11 -20.75 16.87
N ILE D 68 -51.06 -20.27 17.55
CA ILE D 68 -51.20 -19.45 18.76
C ILE D 68 -50.30 -18.25 18.75
N ALA D 69 -50.69 -17.17 19.42
CA ALA D 69 -49.82 -15.98 19.49
C ALA D 69 -48.94 -16.03 20.74
N VAL D 70 -47.63 -15.83 20.55
CA VAL D 70 -46.70 -15.90 21.66
C VAL D 70 -45.79 -14.66 21.69
N ARG D 71 -45.12 -14.43 22.83
CA ARG D 71 -44.01 -13.49 22.80
C ARG D 71 -42.77 -14.21 23.33
N THR D 72 -41.73 -14.24 22.54
CA THR D 72 -40.47 -14.91 22.89
C THR D 72 -39.42 -13.89 23.24
N VAL D 73 -38.77 -14.10 24.39
CA VAL D 73 -37.67 -13.23 24.78
C VAL D 73 -36.39 -14.07 24.89
N ILE D 74 -35.31 -13.57 24.31
CA ILE D 74 -33.98 -14.14 24.54
C ILE D 74 -33.21 -13.22 25.48
N GLY D 75 -32.78 -13.75 26.62
CA GLY D 75 -32.05 -12.92 27.56
C GLY D 75 -30.63 -12.56 27.07
N SER D 76 -29.98 -13.48 26.38
CA SER D 76 -28.69 -13.19 25.80
C SER D 76 -28.44 -14.00 24.51
N LEU D 77 -28.04 -13.30 23.45
CA LEU D 77 -27.74 -13.90 22.16
C LEU D 77 -26.57 -14.89 22.20
N ASP D 78 -25.71 -14.74 23.20
CA ASP D 78 -24.58 -15.63 23.42
C ASP D 78 -25.00 -16.97 24.00
N ASP D 79 -26.19 -17.02 24.62
CA ASP D 79 -26.71 -18.29 25.09
C ASP D 79 -27.16 -19.22 23.92
N VAL D 80 -27.17 -20.51 24.18
CA VAL D 80 -27.69 -21.45 23.19
CA VAL D 80 -27.68 -21.44 23.18
C VAL D 80 -29.21 -21.39 23.19
N ALA D 81 -29.83 -21.66 22.05
CA ALA D 81 -31.28 -21.68 22.01
C ALA D 81 -31.77 -22.72 23.00
N ALA D 82 -32.85 -22.39 23.68
CA ALA D 82 -33.38 -23.19 24.76
C ALA D 82 -34.58 -24.06 24.33
N ASP D 83 -35.22 -23.70 23.22
CA ASP D 83 -36.49 -24.33 22.84
C ASP D 83 -36.76 -23.89 21.39
N PRO D 84 -37.75 -24.47 20.68
CA PRO D 84 -37.90 -24.07 19.30
C PRO D 84 -38.28 -22.62 19.09
N TYR D 85 -39.06 -22.02 20.01
CA TYR D 85 -39.43 -20.61 19.81
C TYR D 85 -38.21 -19.71 19.73
N ASP D 86 -37.30 -19.88 20.70
CA ASP D 86 -36.01 -19.22 20.77
C ASP D 86 -35.20 -19.47 19.45
N ALA D 87 -35.08 -20.76 19.06
CA ALA D 87 -34.38 -21.07 17.79
C ALA D 87 -34.98 -20.31 16.60
N TYR D 88 -36.30 -20.33 16.47
CA TYR D 88 -36.92 -19.60 15.36
C TYR D 88 -36.60 -18.11 15.44
N LEU D 89 -36.64 -17.53 16.64
CA LEU D 89 -36.37 -16.09 16.77
C LEU D 89 -34.94 -15.77 16.33
N ARG D 90 -34.00 -16.64 16.66
CA ARG D 90 -32.61 -16.44 16.23
C ARG D 90 -32.47 -16.47 14.74
N LEU D 91 -33.13 -17.45 14.10
CA LEU D 91 -33.09 -17.54 12.65
C LEU D 91 -33.71 -16.34 11.98
N HIS D 92 -34.83 -15.82 12.51
CA HIS D 92 -35.36 -14.55 12.06
C HIS D 92 -34.41 -13.37 12.17
N LEU D 93 -33.68 -13.27 13.28
CA LEU D 93 -32.80 -12.13 13.47
C LEU D 93 -31.72 -12.10 12.42
N LEU D 94 -31.19 -13.28 12.15
CA LEU D 94 -30.24 -13.46 11.02
C LEU D 94 -30.85 -13.10 9.65
N SER D 95 -31.99 -13.69 9.29
CA SER D 95 -32.61 -13.35 7.97
C SER D 95 -33.11 -11.92 7.81
N HIS D 96 -33.55 -11.29 8.92
CA HIS D 96 -33.83 -9.85 8.93
C HIS D 96 -32.58 -8.98 8.89
N ARG D 97 -31.40 -9.60 8.94
CA ARG D 97 -30.15 -8.86 8.94
C ARG D 97 -29.97 -7.96 10.16
N LEU D 98 -30.66 -8.30 11.24
CA LEU D 98 -30.53 -7.55 12.50
C LEU D 98 -29.25 -7.93 13.22
N VAL D 99 -28.77 -9.13 12.92
CA VAL D 99 -27.54 -9.68 13.44
C VAL D 99 -26.91 -10.33 12.24
N ALA D 100 -25.58 -10.22 12.11
CA ALA D 100 -24.86 -10.92 11.04
C ALA D 100 -24.48 -12.36 11.46
N PRO D 101 -24.09 -13.21 10.51
CA PRO D 101 -23.65 -14.52 10.95
C PRO D 101 -22.56 -14.48 12.01
N HIS D 102 -22.66 -15.38 12.97
CA HIS D 102 -21.79 -15.38 14.16
C HIS D 102 -22.07 -14.30 15.18
N GLY D 103 -23.06 -13.45 14.90
CA GLY D 103 -23.31 -12.38 15.86
C GLY D 103 -24.25 -12.91 16.92
N LEU D 104 -24.66 -14.16 16.84
CA LEU D 104 -25.45 -14.78 17.93
C LEU D 104 -25.03 -16.25 17.99
N ASN D 105 -25.30 -16.92 19.09
CA ASN D 105 -25.03 -18.38 19.21
C ASN D 105 -26.03 -19.20 18.37
N ALA D 106 -25.57 -19.81 17.27
CA ALA D 106 -26.47 -20.68 16.47
C ALA D 106 -26.19 -22.19 16.60
N GLY D 107 -25.49 -22.55 17.66
CA GLY D 107 -25.22 -23.94 18.01
C GLY D 107 -26.44 -24.70 18.54
N GLY D 108 -26.39 -26.02 18.46
CA GLY D 108 -27.41 -26.84 19.10
C GLY D 108 -28.79 -26.86 18.44
N LEU D 109 -28.93 -26.25 17.27
CA LEU D 109 -30.29 -26.08 16.71
C LEU D 109 -30.87 -27.39 16.27
N PHE D 110 -30.04 -28.30 15.76
CA PHE D 110 -30.52 -29.61 15.30
CA PHE D 110 -30.55 -29.57 15.28
C PHE D 110 -31.19 -30.38 16.42
N GLY D 111 -30.64 -30.25 17.63
CA GLY D 111 -31.20 -30.90 18.75
C GLY D 111 -32.44 -30.19 19.22
N VAL D 112 -32.63 -28.92 18.90
CA VAL D 112 -33.78 -28.18 19.49
C VAL D 112 -35.03 -28.15 18.56
N LEU D 113 -34.81 -28.10 17.26
CA LEU D 113 -35.89 -27.90 16.29
C LEU D 113 -36.66 -29.21 16.05
N THR D 114 -37.96 -29.13 15.82
CA THR D 114 -38.78 -30.29 15.44
C THR D 114 -38.64 -30.60 13.94
N ASN D 115 -38.58 -31.88 13.59
CA ASN D 115 -38.66 -32.25 12.16
C ASN D 115 -40.13 -32.05 11.71
N VAL D 116 -40.35 -31.29 10.65
CA VAL D 116 -41.71 -30.86 10.23
C VAL D 116 -41.97 -31.28 8.79
N VAL D 117 -43.20 -31.71 8.51
CA VAL D 117 -43.65 -31.94 7.15
C VAL D 117 -44.24 -30.63 6.65
N TRP D 118 -43.49 -29.92 5.79
CA TRP D 118 -43.93 -28.60 5.32
C TRP D 118 -44.86 -28.78 4.09
N THR D 119 -46.11 -28.33 4.19
CA THR D 119 -47.06 -28.67 3.12
C THR D 119 -47.70 -27.41 2.58
N ASN D 120 -48.41 -27.56 1.47
CA ASN D 120 -49.25 -26.47 0.97
C ASN D 120 -50.45 -26.14 1.85
N HIS D 121 -50.60 -26.87 2.96
CA HIS D 121 -51.66 -26.57 3.96
C HIS D 121 -51.06 -26.08 5.25
N GLY D 122 -49.74 -25.91 5.26
CA GLY D 122 -49.07 -25.39 6.46
C GLY D 122 -48.23 -26.50 7.05
N PRO D 123 -47.51 -26.23 8.13
CA PRO D 123 -46.63 -27.21 8.78
C PRO D 123 -47.49 -28.29 9.38
N CYS D 124 -47.00 -29.53 9.33
CA CYS D 124 -47.63 -30.70 9.91
C CYS D 124 -46.59 -31.53 10.66
N ALA D 125 -47.05 -32.28 11.66
CA ALA D 125 -46.18 -33.23 12.32
C ALA D 125 -45.91 -34.46 11.42
N ILE D 126 -44.79 -35.13 11.66
CA ILE D 126 -44.60 -36.45 11.01
C ILE D 126 -45.62 -37.47 11.55
N ASP D 127 -45.89 -37.39 12.85
CA ASP D 127 -46.83 -38.31 13.49
C ASP D 127 -48.24 -38.18 12.94
N GLY D 128 -48.79 -39.30 12.49
CA GLY D 128 -50.15 -39.30 11.97
C GLY D 128 -50.25 -38.65 10.59
N PHE D 129 -49.12 -38.39 9.90
CA PHE D 129 -49.19 -37.60 8.68
C PHE D 129 -49.97 -38.27 7.52
N GLU D 130 -49.88 -39.59 7.34
CA GLU D 130 -50.63 -40.18 6.25
C GLU D 130 -52.16 -40.01 6.43
N ALA D 131 -52.68 -40.10 7.65
CA ALA D 131 -54.14 -39.88 7.88
C ALA D 131 -54.45 -38.37 7.71
N VAL D 132 -53.54 -37.51 8.12
CA VAL D 132 -53.69 -36.09 7.83
C VAL D 132 -53.75 -35.81 6.32
N ARG D 133 -52.82 -36.40 5.57
CA ARG D 133 -52.78 -36.20 4.13
C ARG D 133 -54.16 -36.57 3.51
N ALA D 134 -54.74 -37.70 3.93
CA ALA D 134 -55.97 -38.15 3.29
C ALA D 134 -57.11 -37.16 3.66
N ARG D 135 -57.11 -36.65 4.89
CA ARG D 135 -58.15 -35.65 5.25
C ARG D 135 -57.94 -34.33 4.47
N LEU D 136 -56.69 -33.89 4.36
CA LEU D 136 -56.41 -32.63 3.65
C LEU D 136 -56.79 -32.76 2.16
N ARG D 137 -56.72 -33.96 1.62
CA ARG D 137 -57.04 -34.14 0.20
C ARG D 137 -58.49 -33.83 -0.14
N ARG D 138 -59.33 -33.74 0.86
CA ARG D 138 -60.69 -33.28 0.62
C ARG D 138 -60.69 -31.80 0.23
N ARG D 139 -59.62 -31.08 0.58
CA ARG D 139 -59.54 -29.65 0.26
C ARG D 139 -58.93 -29.46 -1.12
N GLY D 140 -58.19 -30.44 -1.60
CA GLY D 140 -57.47 -30.26 -2.84
C GLY D 140 -56.20 -31.09 -2.79
N PRO D 141 -55.29 -30.89 -3.75
CA PRO D 141 -54.02 -31.59 -3.78
C PRO D 141 -53.24 -31.36 -2.52
N VAL D 142 -52.48 -32.37 -2.09
CA VAL D 142 -51.58 -32.15 -0.95
C VAL D 142 -50.18 -32.23 -1.43
N THR D 143 -49.42 -31.17 -1.21
CA THR D 143 -48.07 -31.07 -1.72
C THR D 143 -47.14 -30.88 -0.56
N VAL D 144 -46.08 -31.67 -0.53
CA VAL D 144 -45.15 -31.60 0.58
C VAL D 144 -43.90 -30.96 -0.01
N TYR D 145 -43.51 -29.79 0.50
CA TYR D 145 -42.35 -29.08 -0.05
C TYR D 145 -41.03 -29.68 0.49
N GLY D 146 -41.08 -30.23 1.71
CA GLY D 146 -39.85 -30.77 2.34
C GLY D 146 -40.23 -31.36 3.66
N VAL D 147 -39.30 -32.10 4.26
CA VAL D 147 -39.54 -32.71 5.56
C VAL D 147 -38.20 -32.39 6.26
N ASP D 148 -38.20 -31.38 7.11
CA ASP D 148 -36.90 -30.93 7.67
C ASP D 148 -37.17 -30.06 8.86
N LYS D 149 -36.08 -29.80 9.60
CA LYS D 149 -36.12 -28.99 10.81
C LYS D 149 -36.09 -27.49 10.43
N PHE D 150 -35.63 -27.16 9.23
CA PHE D 150 -35.48 -25.75 8.78
C PHE D 150 -36.36 -25.47 7.60
N PRO D 151 -37.18 -24.41 7.68
CA PRO D 151 -38.06 -24.14 6.54
C PRO D 151 -37.36 -23.11 5.59
N ARG D 152 -38.11 -22.61 4.62
CA ARG D 152 -37.61 -21.73 3.60
C ARG D 152 -37.70 -20.29 4.07
N MET D 153 -36.57 -19.60 4.05
CA MET D 153 -36.50 -18.22 4.54
C MET D 153 -37.63 -17.31 4.04
N VAL D 154 -37.95 -17.33 2.73
CA VAL D 154 -38.84 -16.33 2.16
C VAL D 154 -40.25 -16.52 2.66
N ASP D 155 -40.49 -17.66 3.26
CA ASP D 155 -41.81 -17.92 3.82
C ASP D 155 -41.99 -17.23 5.19
N TYR D 156 -40.95 -16.55 5.66
CA TYR D 156 -41.03 -15.79 6.95
C TYR D 156 -40.66 -14.34 6.69
N VAL D 157 -39.64 -14.12 5.85
CA VAL D 157 -39.27 -12.75 5.49
C VAL D 157 -38.65 -12.70 4.12
N VAL D 158 -39.00 -11.66 3.36
CA VAL D 158 -38.25 -11.26 2.15
C VAL D 158 -37.39 -10.02 2.39
N PRO D 159 -36.05 -10.20 2.49
CA PRO D 159 -35.16 -9.06 2.70
C PRO D 159 -35.12 -8.16 1.45
N THR D 160 -34.98 -6.86 1.62
CA THR D 160 -34.96 -5.98 0.51
C THR D 160 -33.60 -6.03 -0.17
N GLY D 161 -33.54 -5.61 -1.44
CA GLY D 161 -32.33 -5.56 -2.18
C GLY D 161 -31.78 -6.89 -2.66
N VAL D 162 -32.61 -7.93 -2.65
CA VAL D 162 -32.18 -9.29 -2.87
C VAL D 162 -33.02 -9.99 -3.95
N ARG D 163 -32.37 -10.87 -4.71
CA ARG D 163 -33.10 -11.79 -5.62
C ARG D 163 -32.75 -13.19 -5.26
N ILE D 164 -33.74 -14.06 -5.29
CA ILE D 164 -33.57 -15.46 -5.00
C ILE D 164 -34.36 -16.22 -6.13
N ALA D 165 -33.65 -16.73 -7.13
CA ALA D 165 -34.33 -17.36 -8.29
C ALA D 165 -35.17 -18.57 -7.87
N ASP D 166 -34.67 -19.36 -6.95
CA ASP D 166 -35.41 -20.58 -6.52
C ASP D 166 -35.37 -20.61 -5.00
N ALA D 167 -36.46 -20.18 -4.38
CA ALA D 167 -36.39 -19.93 -2.92
C ALA D 167 -36.46 -21.24 -2.11
N ASP D 168 -36.60 -22.38 -2.79
CA ASP D 168 -36.34 -23.65 -2.11
C ASP D 168 -34.90 -23.75 -1.58
N ARG D 169 -33.98 -22.92 -2.09
CA ARG D 169 -32.54 -23.13 -1.75
C ARG D 169 -32.03 -22.16 -0.74
N VAL D 170 -32.90 -21.43 -0.01
CA VAL D 170 -32.35 -20.56 1.04
C VAL D 170 -33.06 -20.87 2.34
N ARG D 171 -32.34 -21.46 3.31
CA ARG D 171 -32.98 -21.77 4.58
C ARG D 171 -33.23 -20.53 5.46
N LEU D 172 -34.29 -20.56 6.27
CA LEU D 172 -34.49 -19.52 7.26
C LEU D 172 -33.23 -19.50 8.15
N GLY D 173 -32.68 -18.31 8.45
CA GLY D 173 -31.40 -18.13 9.19
C GLY D 173 -30.27 -17.69 8.24
N ALA D 174 -30.53 -17.70 6.92
CA ALA D 174 -29.58 -17.19 5.93
C ALA D 174 -29.63 -15.70 5.96
N HIS D 175 -28.47 -15.06 5.76
CA HIS D 175 -28.29 -13.62 5.86
C HIS D 175 -27.86 -13.12 4.50
N LEU D 176 -28.75 -12.42 3.79
CA LEU D 176 -28.44 -11.97 2.40
C LEU D 176 -28.44 -10.48 2.37
N ALA D 177 -27.24 -9.91 2.26
CA ALA D 177 -27.10 -8.47 2.28
C ALA D 177 -27.65 -7.84 0.99
N PRO D 178 -28.06 -6.57 1.06
CA PRO D 178 -28.57 -5.86 -0.14
C PRO D 178 -27.61 -5.97 -1.31
N GLY D 179 -28.17 -6.31 -2.49
CA GLY D 179 -27.37 -6.40 -3.70
C GLY D 179 -27.04 -7.86 -3.98
N THR D 180 -27.47 -8.76 -3.11
CA THR D 180 -27.20 -10.17 -3.30
C THR D 180 -28.26 -10.82 -4.21
N THR D 181 -27.80 -11.72 -5.05
CA THR D 181 -28.69 -12.49 -5.94
C THR D 181 -28.32 -13.93 -5.76
N VAL D 182 -29.28 -14.76 -5.41
CA VAL D 182 -28.99 -16.20 -5.32
C VAL D 182 -29.58 -16.85 -6.56
N MET D 183 -28.74 -17.47 -7.39
CA MET D 183 -29.29 -18.03 -8.63
C MET D 183 -29.79 -19.45 -8.34
N HIS D 184 -30.28 -20.14 -9.36
CA HIS D 184 -30.96 -21.46 -9.12
C HIS D 184 -30.05 -22.47 -8.50
N GLU D 185 -28.77 -22.40 -8.83
CA GLU D 185 -27.81 -23.35 -8.29
C GLU D 185 -27.18 -22.89 -6.95
N GLY D 186 -27.42 -21.64 -6.55
CA GLY D 186 -26.94 -21.15 -5.29
C GLY D 186 -27.66 -21.89 -4.15
N PHE D 187 -27.04 -21.92 -2.99
CA PHE D 187 -27.68 -22.47 -1.82
C PHE D 187 -27.10 -21.73 -0.64
N VAL D 188 -27.95 -21.30 0.28
CA VAL D 188 -27.44 -20.65 1.49
C VAL D 188 -28.04 -21.29 2.74
N ASN D 189 -27.17 -21.79 3.60
CA ASN D 189 -27.57 -22.45 4.85
C ASN D 189 -27.83 -21.41 5.97
N TYR D 190 -28.27 -21.84 7.14
CA TYR D 190 -28.47 -20.86 8.23
C TYR D 190 -27.14 -20.38 8.81
N ASN D 191 -27.18 -19.22 9.49
CA ASN D 191 -26.01 -18.61 10.07
C ASN D 191 -24.91 -18.49 9.03
N ALA D 192 -25.29 -18.07 7.81
CA ALA D 192 -24.35 -18.03 6.71
C ALA D 192 -24.87 -17.01 5.71
N GLY D 193 -24.02 -16.56 4.80
CA GLY D 193 -24.56 -15.82 3.65
C GLY D 193 -23.60 -14.70 3.29
N THR D 194 -24.13 -13.52 2.98
CA THR D 194 -23.31 -12.47 2.34
C THR D 194 -23.35 -11.25 3.18
N LEU D 195 -22.26 -10.48 3.15
CA LEU D 195 -22.16 -9.24 3.88
C LEU D 195 -22.39 -8.01 3.00
N GLY D 196 -22.30 -8.20 1.70
CA GLY D 196 -22.54 -7.11 0.75
C GLY D 196 -23.23 -7.69 -0.51
N ALA D 197 -22.92 -7.11 -1.65
CA ALA D 197 -23.54 -7.50 -2.90
C ALA D 197 -22.72 -8.67 -3.50
N SER D 198 -23.36 -9.81 -3.66
CA SER D 198 -22.68 -11.03 -4.19
C SER D 198 -23.63 -11.75 -5.12
N MET D 199 -23.11 -12.32 -6.20
CA MET D 199 -23.86 -13.25 -7.05
C MET D 199 -23.56 -14.67 -6.53
N VAL D 200 -24.58 -15.36 -6.01
CA VAL D 200 -24.37 -16.65 -5.39
C VAL D 200 -25.00 -17.74 -6.22
N GLU D 201 -24.14 -18.52 -6.87
CA GLU D 201 -24.64 -19.61 -7.71
C GLU D 201 -24.02 -20.92 -7.26
N GLY D 202 -23.39 -20.87 -6.09
CA GLY D 202 -22.87 -22.11 -5.51
C GLY D 202 -23.32 -22.20 -4.04
N ARG D 203 -22.73 -23.12 -3.31
CA ARG D 203 -23.23 -23.53 -1.98
C ARG D 203 -22.43 -22.90 -0.84
N ILE D 204 -23.15 -22.13 -0.02
CA ILE D 204 -22.60 -21.51 1.18
C ILE D 204 -23.06 -22.31 2.39
N SER D 205 -22.17 -23.10 2.97
CA SER D 205 -22.46 -23.99 4.10
C SER D 205 -22.75 -23.19 5.35
N ALA D 206 -23.26 -23.85 6.40
CA ALA D 206 -23.62 -23.13 7.62
C ALA D 206 -22.38 -22.53 8.22
N GLY D 207 -22.50 -21.32 8.74
CA GLY D 207 -21.40 -20.68 9.37
C GLY D 207 -20.53 -19.89 8.38
N VAL D 208 -20.76 -20.09 7.08
CA VAL D 208 -19.82 -19.50 6.08
C VAL D 208 -20.30 -18.05 5.68
N VAL D 209 -19.38 -17.10 5.69
CA VAL D 209 -19.69 -15.72 5.28
C VAL D 209 -18.85 -15.29 4.04
N VAL D 210 -19.46 -14.51 3.16
CA VAL D 210 -18.90 -14.10 1.89
C VAL D 210 -18.89 -12.55 1.83
N GLY D 211 -17.74 -11.95 1.62
CA GLY D 211 -17.68 -10.49 1.74
C GLY D 211 -18.23 -9.78 0.49
N ASP D 212 -18.33 -8.47 0.61
CA ASP D 212 -18.85 -7.59 -0.41
C ASP D 212 -18.14 -7.76 -1.73
N GLY D 213 -18.93 -7.93 -2.77
CA GLY D 213 -18.39 -7.90 -4.13
C GLY D 213 -17.87 -9.27 -4.53
N SER D 214 -17.97 -10.29 -3.65
CA SER D 214 -17.40 -11.62 -3.96
C SER D 214 -18.48 -12.45 -4.68
N ASP D 215 -18.10 -13.21 -5.69
CA ASP D 215 -19.09 -14.02 -6.42
C ASP D 215 -18.76 -15.51 -6.30
N VAL D 216 -19.79 -16.33 -6.15
CA VAL D 216 -19.60 -17.78 -5.99
C VAL D 216 -20.18 -18.39 -7.29
N GLY D 217 -19.31 -18.97 -8.11
CA GLY D 217 -19.76 -19.48 -9.43
C GLY D 217 -20.69 -20.70 -9.35
N GLY D 218 -21.28 -21.01 -10.51
CA GLY D 218 -22.27 -22.06 -10.61
C GLY D 218 -21.73 -23.37 -10.07
N GLY D 219 -22.40 -24.00 -9.11
CA GLY D 219 -21.88 -25.35 -8.72
C GLY D 219 -20.68 -25.32 -7.80
N ALA D 220 -20.23 -24.12 -7.41
CA ALA D 220 -19.08 -24.09 -6.49
C ALA D 220 -19.51 -24.56 -5.09
N SER D 221 -18.54 -25.11 -4.34
CA SER D 221 -18.72 -25.73 -3.01
C SER D 221 -17.85 -24.97 -1.98
N ILE D 222 -18.45 -24.30 -1.01
CA ILE D 222 -17.64 -23.73 0.05
C ILE D 222 -17.81 -24.53 1.35
N MET D 223 -16.72 -25.11 1.81
CA MET D 223 -16.59 -25.88 3.04
C MET D 223 -17.38 -27.14 2.88
N GLY D 224 -17.20 -27.85 1.77
CA GLY D 224 -17.98 -29.08 1.47
C GLY D 224 -17.39 -30.29 2.17
N THR D 225 -18.03 -31.44 1.97
CA THR D 225 -17.58 -32.74 2.54
C THR D 225 -16.18 -33.05 2.04
N LEU D 226 -15.28 -33.34 3.00
CA LEU D 226 -13.86 -33.63 2.72
C LEU D 226 -12.98 -32.44 2.24
N SER D 227 -13.48 -31.23 2.40
CA SER D 227 -12.69 -30.04 2.02
C SER D 227 -11.59 -29.69 3.08
N GLY D 228 -11.57 -30.37 4.23
CA GLY D 228 -10.37 -30.25 5.08
C GLY D 228 -10.35 -29.97 6.58
N GLY D 229 -9.88 -30.95 7.34
CA GLY D 229 -10.20 -31.00 8.75
C GLY D 229 -11.65 -30.58 8.65
N GLY D 230 -12.22 -30.13 9.77
CA GLY D 230 -13.55 -29.54 9.76
C GLY D 230 -13.88 -28.90 11.11
N THR D 231 -12.93 -28.14 11.68
CA THR D 231 -13.12 -27.48 12.99
C THR D 231 -13.38 -25.94 12.99
N HIS D 232 -12.49 -25.14 12.38
CA HIS D 232 -12.73 -23.68 12.29
C HIS D 232 -13.44 -23.33 10.98
N VAL D 233 -14.39 -22.42 11.09
CA VAL D 233 -15.26 -22.13 9.99
C VAL D 233 -14.54 -21.23 8.97
N ILE D 234 -14.89 -21.37 7.70
CA ILE D 234 -14.23 -20.61 6.69
C ILE D 234 -15.01 -19.37 6.24
N SER D 235 -14.31 -18.30 5.84
CA SER D 235 -14.96 -17.14 5.20
C SER D 235 -14.20 -16.70 3.96
N ILE D 236 -14.87 -15.97 3.11
CA ILE D 236 -14.17 -15.31 2.01
C ILE D 236 -14.35 -13.78 2.15
N GLY D 237 -13.29 -13.00 1.82
CA GLY D 237 -13.31 -11.56 1.96
C GLY D 237 -14.06 -10.87 0.80
N LYS D 238 -13.60 -9.68 0.41
CA LYS D 238 -14.23 -8.90 -0.63
C LYS D 238 -13.62 -9.13 -2.00
N ARG D 239 -14.45 -9.01 -3.05
CA ARG D 239 -13.99 -9.08 -4.42
C ARG D 239 -13.29 -10.41 -4.78
N CYS D 240 -13.64 -11.50 -4.12
CA CYS D 240 -13.10 -12.81 -4.48
C CYS D 240 -14.03 -13.43 -5.54
N LEU D 241 -13.49 -14.36 -6.35
CA LEU D 241 -14.33 -15.06 -7.34
C LEU D 241 -14.04 -16.53 -7.29
N LEU D 242 -15.08 -17.33 -7.04
CA LEU D 242 -14.95 -18.77 -7.08
C LEU D 242 -15.50 -19.19 -8.43
N GLY D 243 -14.66 -19.83 -9.25
CA GLY D 243 -15.14 -20.29 -10.56
C GLY D 243 -16.22 -21.38 -10.52
N ALA D 244 -16.94 -21.54 -11.62
CA ALA D 244 -17.98 -22.58 -11.65
C ALA D 244 -17.35 -23.95 -11.29
N ASN D 245 -18.10 -24.78 -10.56
CA ASN D 245 -17.69 -26.12 -10.19
C ASN D 245 -16.40 -26.15 -9.43
N SER D 246 -16.02 -25.05 -8.77
CA SER D 246 -14.77 -25.10 -8.00
C SER D 246 -15.13 -25.55 -6.56
N GLY D 247 -14.14 -25.61 -5.68
CA GLY D 247 -14.46 -25.84 -4.26
C GLY D 247 -13.37 -25.23 -3.35
N LEU D 248 -13.76 -24.94 -2.12
CA LEU D 248 -12.92 -24.13 -1.22
C LEU D 248 -13.00 -24.73 0.17
N GLY D 249 -11.84 -25.12 0.68
CA GLY D 249 -11.74 -25.58 2.04
C GLY D 249 -10.84 -24.75 2.93
N ILE D 250 -10.46 -23.52 2.50
CA ILE D 250 -9.67 -22.65 3.40
C ILE D 250 -10.34 -21.32 3.31
N SER D 251 -10.06 -20.42 4.26
CA SER D 251 -10.56 -19.05 4.15
C SER D 251 -9.72 -18.34 3.09
N LEU D 252 -10.31 -17.34 2.45
CA LEU D 252 -9.60 -16.48 1.52
C LEU D 252 -9.72 -15.06 2.08
N GLY D 253 -8.75 -14.22 1.81
CA GLY D 253 -8.82 -12.82 2.21
C GLY D 253 -9.55 -12.09 1.11
N ASP D 254 -9.04 -10.95 0.72
CA ASP D 254 -9.74 -10.21 -0.31
C ASP D 254 -9.02 -10.53 -1.62
N ASP D 255 -9.73 -10.33 -2.75
CA ASP D 255 -9.13 -10.30 -4.09
C ASP D 255 -8.49 -11.63 -4.43
N CYS D 256 -9.15 -12.71 -4.01
CA CYS D 256 -8.67 -14.05 -4.39
C CYS D 256 -9.55 -14.69 -5.45
N VAL D 257 -8.98 -15.65 -6.18
CA VAL D 257 -9.77 -16.37 -7.20
C VAL D 257 -9.46 -17.83 -7.13
N VAL D 258 -10.46 -18.68 -7.31
CA VAL D 258 -10.20 -20.09 -7.45
C VAL D 258 -10.73 -20.40 -8.85
N GLU D 259 -9.86 -20.97 -9.68
CA GLU D 259 -10.23 -21.27 -11.06
C GLU D 259 -11.40 -22.30 -11.17
N ALA D 260 -12.16 -22.17 -12.25
CA ALA D 260 -13.31 -23.09 -12.50
C ALA D 260 -12.82 -24.54 -12.49
N GLY D 261 -13.56 -25.41 -11.82
CA GLY D 261 -13.30 -26.87 -11.79
C GLY D 261 -12.27 -27.33 -10.77
N LEU D 262 -11.70 -26.39 -10.02
CA LEU D 262 -10.60 -26.76 -9.07
C LEU D 262 -11.13 -26.79 -7.64
N TYR D 263 -10.91 -27.90 -6.89
CA TYR D 263 -11.25 -27.96 -5.49
C TYR D 263 -10.01 -27.75 -4.61
N VAL D 264 -9.94 -26.64 -3.87
CA VAL D 264 -8.77 -26.45 -3.04
C VAL D 264 -9.09 -26.89 -1.61
N THR D 265 -8.56 -28.00 -1.15
CA THR D 265 -8.92 -28.44 0.24
C THR D 265 -7.81 -27.93 1.15
N ALA D 266 -8.04 -27.92 2.46
CA ALA D 266 -7.04 -27.49 3.42
C ALA D 266 -5.75 -28.32 3.29
N GLY D 267 -5.89 -29.59 2.93
CA GLY D 267 -4.68 -30.44 2.85
C GLY D 267 -4.16 -30.54 1.44
N THR D 268 -4.68 -29.75 0.48
CA THR D 268 -4.08 -29.74 -0.87
C THR D 268 -2.70 -29.08 -0.82
N ARG D 269 -1.67 -29.77 -1.31
CA ARG D 269 -0.34 -29.18 -1.43
C ARG D 269 -0.29 -28.26 -2.66
N VAL D 270 0.09 -26.99 -2.49
CA VAL D 270 0.02 -26.08 -3.63
C VAL D 270 1.40 -25.56 -3.91
N THR D 271 1.72 -25.37 -5.18
CA THR D 271 3.08 -25.02 -5.54
C THR D 271 3.12 -23.53 -5.80
N MET D 272 4.07 -22.88 -5.15
CA MET D 272 4.17 -21.43 -5.18
C MET D 272 5.12 -20.97 -6.28
N PRO D 273 5.13 -19.66 -6.51
CA PRO D 273 5.85 -19.17 -7.65
C PRO D 273 7.36 -19.43 -7.50
N ASP D 274 7.87 -19.42 -6.25
CA ASP D 274 9.30 -19.81 -6.05
C ASP D 274 9.54 -21.32 -6.15
N SER D 275 8.49 -22.10 -6.36
CA SER D 275 8.63 -23.51 -6.71
C SER D 275 8.58 -24.43 -5.47
N ASN D 276 8.62 -23.80 -4.31
CA ASN D 276 8.32 -24.50 -3.09
C ASN D 276 6.83 -24.79 -3.00
N SER D 277 6.44 -25.66 -2.08
CA SER D 277 5.04 -26.01 -1.99
C SER D 277 4.66 -26.00 -0.55
N VAL D 278 3.38 -25.82 -0.28
CA VAL D 278 2.88 -25.77 1.07
C VAL D 278 1.45 -26.31 1.04
N LYS D 279 0.96 -26.78 2.19
CA LYS D 279 -0.43 -27.12 2.32
C LYS D 279 -1.27 -25.87 2.25
N ALA D 280 -2.44 -25.98 1.61
CA ALA D 280 -3.21 -24.81 1.34
C ALA D 280 -3.65 -24.19 2.68
N ARG D 281 -3.82 -25.01 3.73
CA ARG D 281 -4.20 -24.39 4.99
C ARG D 281 -3.22 -23.28 5.41
N GLU D 282 -1.95 -23.38 5.03
CA GLU D 282 -0.96 -22.37 5.40
C GLU D 282 -1.21 -21.00 4.76
N LEU D 283 -2.05 -20.95 3.75
CA LEU D 283 -2.34 -19.72 3.04
C LEU D 283 -3.71 -19.23 3.51
N SER D 284 -4.34 -19.96 4.42
CA SER D 284 -5.72 -19.59 4.79
C SER D 284 -5.76 -18.12 5.21
N GLY D 285 -6.68 -17.32 4.66
CA GLY D 285 -6.81 -15.91 5.05
C GLY D 285 -6.04 -14.90 4.24
N SER D 286 -5.11 -15.39 3.39
CA SER D 286 -4.26 -14.52 2.61
C SER D 286 -5.04 -13.82 1.49
N SER D 287 -4.59 -12.63 1.11
CA SER D 287 -5.26 -11.93 0.00
C SER D 287 -4.49 -12.05 -1.28
N ASN D 288 -5.14 -11.67 -2.39
CA ASN D 288 -4.53 -11.51 -3.67
C ASN D 288 -4.01 -12.81 -4.24
N LEU D 289 -4.69 -13.94 -3.96
CA LEU D 289 -4.19 -15.21 -4.44
C LEU D 289 -5.05 -15.74 -5.60
N LEU D 290 -4.39 -16.31 -6.61
CA LEU D 290 -5.13 -17.08 -7.63
C LEU D 290 -4.72 -18.55 -7.51
N PHE D 291 -5.69 -19.44 -7.33
CA PHE D 291 -5.40 -20.89 -7.32
C PHE D 291 -5.84 -21.50 -8.62
N ARG D 292 -5.00 -22.31 -9.26
CA ARG D 292 -5.40 -22.94 -10.51
C ARG D 292 -4.71 -24.30 -10.59
N ARG D 293 -5.19 -25.16 -11.49
CA ARG D 293 -4.45 -26.36 -11.79
C ARG D 293 -3.77 -26.18 -13.14
N ASN D 294 -2.45 -26.32 -13.15
CA ASN D 294 -1.68 -26.21 -14.36
C ASN D 294 -2.20 -27.24 -15.37
N SER D 295 -2.49 -26.82 -16.59
CA SER D 295 -3.25 -27.75 -17.47
C SER D 295 -2.33 -28.70 -18.17
N VAL D 296 -1.03 -28.47 -18.02
CA VAL D 296 -0.06 -29.36 -18.55
C VAL D 296 0.52 -30.31 -17.50
N SER D 297 0.93 -29.77 -16.34
CA SER D 297 1.61 -30.62 -15.29
C SER D 297 0.58 -31.20 -14.33
N GLY D 298 -0.61 -30.62 -14.28
CA GLY D 298 -1.61 -31.14 -13.34
C GLY D 298 -1.39 -30.61 -11.89
N ALA D 299 -0.38 -29.80 -11.67
CA ALA D 299 -0.03 -29.32 -10.32
C ALA D 299 -1.01 -28.26 -9.92
N VAL D 300 -1.51 -28.29 -8.66
CA VAL D 300 -2.22 -27.15 -8.12
C VAL D 300 -1.19 -26.06 -7.77
N GLU D 301 -1.42 -24.86 -8.33
CA GLU D 301 -0.48 -23.76 -8.18
C GLU D 301 -1.21 -22.56 -7.59
N VAL D 302 -0.46 -21.70 -6.91
CA VAL D 302 -1.00 -20.46 -6.39
C VAL D 302 -0.10 -19.34 -6.93
N LEU D 303 -0.73 -18.27 -7.43
CA LEU D 303 -0.02 -17.11 -8.00
C LEU D 303 -0.52 -15.86 -7.31
N ALA D 304 0.28 -14.79 -7.23
CA ALA D 304 -0.19 -13.46 -6.76
C ALA D 304 -1.00 -12.74 -7.86
N ARG D 305 -2.13 -12.12 -7.52
CA ARG D 305 -3.00 -11.47 -8.50
C ARG D 305 -2.74 -9.96 -8.67
N ASP D 306 -1.82 -9.42 -7.85
CA ASP D 306 -1.64 -7.97 -7.75
C ASP D 306 -0.29 -7.62 -8.36
N GLY D 307 0.28 -8.62 -9.00
CA GLY D 307 1.54 -8.50 -9.61
C GLY D 307 2.68 -8.50 -8.65
N GLN D 308 2.44 -8.65 -7.37
CA GLN D 308 3.56 -8.51 -6.44
C GLN D 308 4.32 -9.82 -6.08
N GLY D 309 3.59 -10.93 -5.89
CA GLY D 309 4.16 -12.12 -5.22
C GLY D 309 3.54 -12.34 -3.84
N ILE D 310 3.77 -13.53 -3.26
CA ILE D 310 2.88 -14.10 -2.22
C ILE D 310 3.11 -13.86 -0.71
N ALA D 311 2.02 -13.91 0.08
CA ALA D 311 2.06 -13.75 1.55
C ALA D 311 1.30 -14.85 2.33
N LEU D 312 2.00 -15.51 3.26
CA LEU D 312 1.39 -16.59 4.06
C LEU D 312 1.26 -16.31 5.56
N THR E 7 53.24 -31.35 12.46
CA THR E 7 53.79 -32.32 11.46
C THR E 7 54.42 -31.64 10.25
N GLY E 8 55.66 -32.00 9.98
CA GLY E 8 56.38 -31.51 8.83
C GLY E 8 56.65 -32.75 8.02
N ALA E 9 57.59 -32.66 7.07
CA ALA E 9 57.88 -33.77 6.20
C ALA E 9 59.19 -33.51 5.47
N ALA E 10 59.90 -34.58 5.16
CA ALA E 10 61.18 -34.50 4.47
C ALA E 10 61.28 -35.61 3.44
N GLY E 11 61.96 -35.32 2.33
CA GLY E 11 62.25 -36.35 1.35
C GLY E 11 63.56 -36.09 0.65
N ILE E 12 64.37 -37.15 0.45
CA ILE E 12 65.46 -37.04 -0.52
C ILE E 12 64.85 -37.21 -1.91
N GLY E 13 65.11 -36.24 -2.78
CA GLY E 13 64.41 -36.16 -4.06
C GLY E 13 65.34 -35.89 -5.24
N LEU E 14 64.92 -36.38 -6.40
CA LEU E 14 65.59 -36.11 -7.65
C LEU E 14 64.73 -35.11 -8.39
N ALA E 15 65.34 -33.97 -8.76
CA ALA E 15 64.61 -32.91 -9.45
C ALA E 15 65.13 -32.71 -10.86
N THR E 16 64.22 -32.35 -11.78
CA THR E 16 64.62 -31.94 -13.11
C THR E 16 64.33 -30.46 -13.22
N LEU E 17 65.38 -29.68 -13.48
CA LEU E 17 65.25 -28.26 -13.74
C LEU E 17 65.31 -27.95 -15.23
N ALA E 18 64.53 -26.95 -15.66
CA ALA E 18 64.57 -26.43 -17.02
C ALA E 18 65.83 -25.61 -17.30
N ALA E 19 65.99 -25.18 -18.55
CA ALA E 19 67.10 -24.34 -18.96
C ALA E 19 67.15 -23.03 -18.18
N ASP E 20 65.99 -22.54 -17.74
CA ASP E 20 65.92 -21.27 -17.02
C ASP E 20 65.79 -21.42 -15.50
N GLY E 21 66.13 -22.60 -14.97
CA GLY E 21 66.07 -22.88 -13.52
C GLY E 21 64.73 -23.41 -12.99
N SER E 22 63.61 -23.05 -13.62
CA SER E 22 62.32 -23.53 -13.16
C SER E 22 62.32 -25.04 -12.93
N VAL E 23 61.69 -25.48 -11.85
CA VAL E 23 61.64 -26.89 -11.50
C VAL E 23 60.51 -27.58 -12.25
N LEU E 24 60.84 -28.51 -13.14
CA LEU E 24 59.78 -29.21 -13.88
C LEU E 24 59.15 -30.33 -13.07
N ASP E 25 59.97 -31.11 -12.38
CA ASP E 25 59.43 -32.07 -11.41
C ASP E 25 60.41 -32.44 -10.32
N THR E 26 59.97 -33.36 -9.47
CA THR E 26 60.82 -34.03 -8.49
C THR E 26 60.18 -35.38 -8.16
N TRP E 27 61.03 -36.40 -8.10
CA TRP E 27 60.64 -37.73 -7.68
C TRP E 27 61.30 -37.98 -6.33
N PHE E 28 60.50 -38.14 -5.28
CA PHE E 28 61.01 -38.55 -3.97
C PHE E 28 60.62 -40.00 -3.79
N PRO E 29 61.62 -40.90 -3.81
CA PRO E 29 61.24 -42.27 -3.54
C PRO E 29 60.89 -42.46 -2.07
N ALA E 30 61.52 -41.69 -1.18
CA ALA E 30 61.44 -42.03 0.24
C ALA E 30 60.88 -40.94 1.16
N PRO E 31 59.71 -40.37 0.83
CA PRO E 31 59.19 -39.28 1.64
C PRO E 31 58.80 -39.77 3.02
N GLU E 32 58.89 -38.90 4.03
CA GLU E 32 58.51 -39.31 5.38
C GLU E 32 57.93 -38.17 6.18
N LEU E 33 57.22 -38.50 7.26
CA LEU E 33 56.71 -37.50 8.18
C LEU E 33 57.76 -37.10 9.26
N THR E 34 57.89 -35.78 9.44
CA THR E 34 58.84 -35.16 10.34
C THR E 34 58.07 -34.36 11.38
N GLU E 35 58.72 -33.93 12.45
CA GLU E 35 58.12 -32.91 13.29
C GLU E 35 58.42 -31.55 12.66
N SER E 36 57.84 -30.50 13.22
CA SER E 36 57.96 -29.16 12.67
C SER E 36 59.40 -28.62 12.60
N GLY E 37 59.70 -27.88 11.53
CA GLY E 37 61.01 -27.26 11.33
C GLY E 37 60.91 -26.16 10.28
N THR E 38 62.05 -25.70 9.74
CA THR E 38 62.01 -24.68 8.69
C THR E 38 62.00 -25.28 7.28
N SER E 39 61.27 -24.63 6.37
CA SER E 39 61.10 -25.17 5.02
C SER E 39 62.08 -24.61 3.99
N ALA E 40 63.16 -25.35 3.77
CA ALA E 40 64.06 -25.06 2.67
C ALA E 40 64.33 -26.32 1.85
N THR E 41 64.73 -26.12 0.60
CA THR E 41 65.32 -27.19 -0.20
C THR E 41 66.81 -26.93 -0.48
N SER E 42 67.65 -27.89 -0.12
CA SER E 42 69.06 -27.78 -0.39
C SER E 42 69.47 -28.72 -1.51
N ARG E 43 70.33 -28.24 -2.41
CA ARG E 43 70.98 -29.13 -3.34
C ARG E 43 71.95 -30.01 -2.56
N LEU E 44 71.92 -31.32 -2.79
CA LEU E 44 72.79 -32.23 -2.06
C LEU E 44 74.03 -32.62 -2.86
N ALA E 45 75.18 -32.65 -2.19
CA ALA E 45 76.38 -33.29 -2.75
C ALA E 45 76.17 -34.80 -2.72
N VAL E 46 76.93 -35.54 -3.51
CA VAL E 46 76.65 -36.98 -3.66
C VAL E 46 76.89 -37.88 -2.44
N SER E 47 77.66 -37.41 -1.45
CA SER E 47 77.79 -38.13 -0.17
C SER E 47 76.45 -38.26 0.56
N ASP E 48 75.52 -37.36 0.27
CA ASP E 48 74.21 -37.35 0.91
C ASP E 48 73.19 -38.16 0.12
N VAL E 49 73.60 -38.64 -1.05
CA VAL E 49 72.67 -39.29 -1.99
C VAL E 49 72.79 -40.81 -2.01
N PRO E 50 71.66 -41.53 -1.80
CA PRO E 50 71.69 -42.97 -1.97
C PRO E 50 72.31 -43.36 -3.32
N VAL E 51 72.92 -44.53 -3.37
CA VAL E 51 73.53 -45.08 -4.58
C VAL E 51 72.58 -45.11 -5.77
N GLU E 52 71.38 -45.65 -5.55
CA GLU E 52 70.43 -45.86 -6.62
C GLU E 52 69.99 -44.55 -7.31
N LEU E 53 69.81 -43.51 -6.52
CA LEU E 53 69.52 -42.21 -7.08
C LEU E 53 70.74 -41.67 -7.79
N ALA E 54 71.90 -41.83 -7.17
CA ALA E 54 73.14 -41.25 -7.65
C ALA E 54 73.35 -41.43 -9.15
N ALA E 55 73.00 -42.61 -9.65
CA ALA E 55 73.28 -42.96 -11.03
C ALA E 55 72.29 -42.33 -12.00
N LEU E 56 71.44 -41.46 -11.49
CA LEU E 56 70.40 -40.86 -12.30
C LEU E 56 70.53 -39.35 -12.39
N ILE E 57 71.51 -38.79 -11.69
CA ILE E 57 71.82 -37.37 -11.75
C ILE E 57 72.69 -37.05 -12.96
N GLY E 58 72.31 -36.02 -13.72
CA GLY E 58 73.11 -35.58 -14.86
C GLY E 58 72.41 -34.57 -15.75
N ARG E 59 73.14 -34.03 -16.72
CA ARG E 59 72.56 -33.11 -17.70
C ARG E 59 72.00 -33.81 -18.94
N ASP E 60 70.80 -33.40 -19.35
CA ASP E 60 70.28 -33.76 -20.66
C ASP E 60 70.32 -32.53 -21.58
N ASP E 61 71.32 -32.50 -22.46
CA ASP E 61 71.53 -31.34 -23.32
C ASP E 61 70.69 -31.39 -24.59
N ASP E 62 69.84 -32.42 -24.72
CA ASP E 62 68.89 -32.46 -25.82
C ASP E 62 67.64 -31.67 -25.39
N ARG E 63 67.24 -31.90 -24.15
CA ARG E 63 66.11 -31.21 -23.54
C ARG E 63 66.53 -29.96 -22.78
N ARG E 64 67.84 -29.70 -22.70
CA ARG E 64 68.33 -28.55 -21.93
C ARG E 64 67.94 -28.66 -20.45
N THR E 65 67.76 -29.88 -19.95
CA THR E 65 67.41 -30.10 -18.54
C THR E 65 68.58 -30.62 -17.71
N GLU E 66 68.54 -30.34 -16.41
CA GLU E 66 69.45 -31.00 -15.45
C GLU E 66 68.66 -31.82 -14.46
N THR E 67 69.26 -32.90 -13.96
CA THR E 67 68.62 -33.68 -12.91
C THR E 67 69.52 -33.66 -11.69
N ILE E 68 69.05 -33.11 -10.58
CA ILE E 68 69.89 -32.95 -9.40
C ILE E 68 69.29 -33.68 -8.23
N ALA E 69 70.11 -34.01 -7.24
CA ALA E 69 69.60 -34.52 -5.98
C ALA E 69 69.29 -33.32 -5.05
N VAL E 70 68.14 -33.37 -4.39
CA VAL E 70 67.84 -32.36 -3.38
C VAL E 70 67.20 -33.02 -2.15
N ARG E 71 67.42 -32.44 -0.97
CA ARG E 71 66.62 -32.83 0.19
C ARG E 71 65.69 -31.67 0.55
N THR E 72 64.41 -31.97 0.63
CA THR E 72 63.40 -30.96 0.85
C THR E 72 62.78 -31.15 2.21
N VAL E 73 62.68 -30.05 2.95
CA VAL E 73 61.96 -30.09 4.20
C VAL E 73 60.72 -29.19 4.18
N ILE E 74 59.67 -29.64 4.84
CA ILE E 74 58.50 -28.83 5.03
C ILE E 74 58.32 -28.67 6.54
N GLY E 75 58.35 -27.43 7.01
CA GLY E 75 58.20 -27.13 8.43
C GLY E 75 56.82 -27.41 9.01
N SER E 76 55.78 -27.28 8.17
CA SER E 76 54.40 -27.58 8.57
C SER E 76 53.58 -27.99 7.36
N LEU E 77 52.78 -29.04 7.51
CA LEU E 77 51.95 -29.47 6.41
C LEU E 77 50.79 -28.52 6.23
N ASP E 78 50.65 -27.59 7.18
CA ASP E 78 49.55 -26.63 7.16
C ASP E 78 49.92 -25.40 6.35
N ASP E 79 51.22 -25.19 6.18
CA ASP E 79 51.70 -24.08 5.39
C ASP E 79 51.33 -24.33 3.93
N VAL E 80 51.45 -23.30 3.11
CA VAL E 80 51.21 -23.43 1.68
C VAL E 80 52.54 -23.79 1.01
N ALA E 81 52.48 -24.58 -0.06
CA ALA E 81 53.69 -24.98 -0.77
C ALA E 81 54.42 -23.75 -1.32
N ALA E 82 55.68 -23.61 -0.94
CA ALA E 82 56.52 -22.45 -1.32
C ALA E 82 57.03 -22.50 -2.76
N ASP E 83 57.33 -23.70 -3.25
CA ASP E 83 57.97 -23.84 -4.53
C ASP E 83 57.58 -25.20 -5.09
N PRO E 84 58.02 -25.50 -6.33
CA PRO E 84 57.70 -26.81 -6.89
C PRO E 84 58.22 -27.99 -6.07
N TYR E 85 59.37 -27.85 -5.39
CA TYR E 85 59.91 -28.96 -4.60
C TYR E 85 58.93 -29.37 -3.50
N ASP E 86 58.51 -28.36 -2.74
CA ASP E 86 57.48 -28.47 -1.71
C ASP E 86 56.18 -29.07 -2.27
N ALA E 87 55.69 -28.48 -3.36
CA ALA E 87 54.49 -28.98 -4.02
C ALA E 87 54.63 -30.47 -4.28
N TYR E 88 55.76 -30.85 -4.89
CA TYR E 88 55.98 -32.22 -5.30
C TYR E 88 55.97 -33.18 -4.12
N LEU E 89 56.64 -32.82 -3.04
CA LEU E 89 56.65 -33.69 -1.87
C LEU E 89 55.24 -33.84 -1.24
N ARG E 90 54.43 -32.80 -1.31
CA ARG E 90 53.07 -32.91 -0.77
C ARG E 90 52.25 -33.90 -1.61
N LEU E 91 52.43 -33.84 -2.92
CA LEU E 91 51.76 -34.77 -3.82
C LEU E 91 52.24 -36.20 -3.54
N HIS E 92 53.56 -36.36 -3.32
CA HIS E 92 54.09 -37.69 -3.05
C HIS E 92 53.52 -38.19 -1.73
N LEU E 93 53.48 -37.32 -0.73
CA LEU E 93 52.96 -37.68 0.58
C LEU E 93 51.57 -38.30 0.53
N LEU E 94 50.74 -37.75 -0.35
CA LEU E 94 49.38 -38.21 -0.59
C LEU E 94 49.29 -39.56 -1.31
N SER E 95 50.03 -39.69 -2.40
CA SER E 95 49.99 -40.90 -3.21
C SER E 95 50.60 -42.08 -2.47
N HIS E 96 51.54 -41.77 -1.59
CA HIS E 96 52.16 -42.78 -0.75
C HIS E 96 51.24 -43.11 0.44
N ARG E 97 50.04 -42.51 0.43
CA ARG E 97 49.11 -42.59 1.54
C ARG E 97 49.77 -42.31 2.89
N LEU E 98 50.79 -41.48 2.93
CA LEU E 98 51.38 -41.12 4.22
C LEU E 98 50.51 -40.08 4.88
N VAL E 99 49.60 -39.55 4.07
CA VAL E 99 48.68 -38.49 4.48
C VAL E 99 47.43 -38.62 3.63
N ALA E 100 46.27 -38.41 4.27
CA ALA E 100 44.98 -38.51 3.59
C ALA E 100 44.59 -37.17 3.00
N PRO E 101 43.71 -37.15 2.00
CA PRO E 101 43.27 -35.85 1.49
C PRO E 101 42.88 -34.93 2.65
N HIS E 102 43.27 -33.65 2.54
CA HIS E 102 43.01 -32.65 3.59
C HIS E 102 43.80 -32.82 4.89
N GLY E 103 44.68 -33.82 4.91
CA GLY E 103 45.65 -33.97 5.98
C GLY E 103 46.88 -33.09 5.80
N LEU E 104 46.96 -32.37 4.68
CA LEU E 104 47.96 -31.31 4.49
C LEU E 104 47.38 -30.17 3.64
N ASN E 105 48.13 -29.08 3.48
CA ASN E 105 47.64 -27.94 2.69
C ASN E 105 47.98 -28.06 1.21
N ALA E 106 46.96 -28.36 0.41
CA ALA E 106 47.16 -28.56 -1.03
C ALA E 106 46.63 -27.40 -1.86
N GLY E 107 46.66 -26.22 -1.25
CA GLY E 107 46.14 -25.02 -1.90
C GLY E 107 47.27 -24.27 -2.57
N GLY E 108 46.96 -23.56 -3.64
CA GLY E 108 47.93 -22.70 -4.31
C GLY E 108 48.95 -23.44 -5.15
N LEU E 109 48.78 -24.77 -5.24
CA LEU E 109 49.70 -25.64 -5.97
C LEU E 109 49.75 -25.24 -7.43
N PHE E 110 48.61 -24.75 -7.91
CA PHE E 110 48.46 -24.40 -9.30
C PHE E 110 49.38 -23.24 -9.73
N GLY E 111 49.44 -22.19 -8.91
CA GLY E 111 50.26 -21.01 -9.25
C GLY E 111 51.71 -21.23 -8.91
N VAL E 112 51.98 -22.34 -8.24
CA VAL E 112 53.33 -22.66 -7.81
C VAL E 112 53.97 -23.70 -8.72
N LEU E 113 53.15 -24.56 -9.32
CA LEU E 113 53.64 -25.58 -10.23
C LEU E 113 53.98 -24.96 -11.58
N THR E 114 55.00 -25.53 -12.23
CA THR E 114 55.42 -25.12 -13.56
C THR E 114 54.65 -25.93 -14.59
N ASN E 115 54.17 -25.26 -15.65
CA ASN E 115 53.54 -26.00 -16.72
C ASN E 115 54.59 -26.78 -17.46
N VAL E 116 54.39 -28.10 -17.58
CA VAL E 116 55.46 -28.94 -18.11
C VAL E 116 54.98 -29.76 -19.30
N VAL E 117 55.88 -29.94 -20.27
CA VAL E 117 55.61 -30.82 -21.42
C VAL E 117 56.13 -32.20 -21.05
N TRP E 118 55.20 -33.14 -20.85
CA TRP E 118 55.56 -34.48 -20.44
C TRP E 118 55.75 -35.32 -21.68
N THR E 119 56.99 -35.77 -21.89
CA THR E 119 57.30 -36.59 -23.06
C THR E 119 57.88 -37.94 -22.69
N ASN E 120 58.02 -38.81 -23.68
CA ASN E 120 58.70 -40.10 -23.52
C ASN E 120 60.21 -39.96 -23.40
N HIS E 121 60.72 -38.76 -23.59
CA HIS E 121 62.14 -38.50 -23.33
C HIS E 121 62.28 -37.85 -21.95
N GLY E 122 61.19 -37.85 -21.18
CA GLY E 122 61.15 -37.25 -19.86
C GLY E 122 60.52 -35.86 -19.92
N PRO E 123 60.43 -35.18 -18.75
CA PRO E 123 59.80 -33.85 -18.63
C PRO E 123 60.57 -32.74 -19.35
N CYS E 124 59.81 -31.89 -20.03
CA CYS E 124 60.39 -30.80 -20.83
C CYS E 124 59.74 -29.45 -20.56
N ALA E 125 60.52 -28.37 -20.72
CA ALA E 125 59.97 -27.02 -20.56
C ALA E 125 59.10 -26.59 -21.76
N ILE E 126 58.09 -25.77 -21.50
CA ILE E 126 57.32 -25.11 -22.57
C ILE E 126 58.20 -24.34 -23.55
N ASP E 127 58.98 -23.41 -23.00
CA ASP E 127 59.88 -22.59 -23.77
C ASP E 127 60.91 -23.42 -24.55
N GLY E 128 60.94 -23.11 -25.87
CA GLY E 128 61.74 -23.75 -26.96
C GLY E 128 61.41 -25.21 -27.25
N PHE E 129 60.20 -25.68 -26.91
CA PHE E 129 59.89 -27.11 -27.05
C PHE E 129 59.99 -27.71 -28.46
N GLU E 130 59.55 -26.97 -29.49
CA GLU E 130 59.54 -27.49 -30.84
C GLU E 130 60.99 -27.67 -31.34
N ALA E 131 61.83 -26.69 -31.03
CA ALA E 131 63.28 -26.85 -31.16
C ALA E 131 63.80 -28.05 -30.35
N VAL E 132 63.37 -28.15 -29.08
CA VAL E 132 63.71 -29.27 -28.18
C VAL E 132 63.21 -30.65 -28.71
N ARG E 133 61.94 -30.70 -29.15
CA ARG E 133 61.36 -31.86 -29.86
C ARG E 133 62.19 -32.32 -31.05
N ALA E 134 62.55 -31.36 -31.90
CA ALA E 134 63.27 -31.67 -33.14
C ALA E 134 64.67 -32.21 -32.87
N ARG E 135 65.27 -31.78 -31.77
CA ARG E 135 66.53 -32.33 -31.31
C ARG E 135 66.37 -33.79 -30.89
N LEU E 136 65.30 -34.04 -30.15
CA LEU E 136 64.97 -35.36 -29.64
C LEU E 136 64.58 -36.39 -30.69
N ARG E 137 63.96 -35.98 -31.78
CA ARG E 137 63.64 -36.94 -32.85
C ARG E 137 64.88 -37.65 -33.40
N ARG E 138 66.07 -37.15 -33.09
CA ARG E 138 67.31 -37.82 -33.48
C ARG E 138 67.61 -39.05 -32.62
N ARG E 139 67.03 -39.09 -31.43
CA ARG E 139 67.05 -40.29 -30.58
C ARG E 139 65.96 -41.27 -31.04
N GLY E 140 64.76 -40.78 -31.27
CA GLY E 140 63.64 -41.59 -31.75
C GLY E 140 62.38 -40.78 -31.60
N PRO E 141 61.23 -41.36 -31.98
CA PRO E 141 59.95 -40.67 -32.03
C PRO E 141 59.67 -39.89 -30.75
N VAL E 142 59.02 -38.75 -30.87
CA VAL E 142 58.83 -37.91 -29.72
C VAL E 142 57.33 -37.86 -29.44
N THR E 143 56.95 -38.43 -28.29
CA THR E 143 55.56 -38.56 -27.89
C THR E 143 55.24 -37.67 -26.69
N VAL E 144 54.14 -36.90 -26.78
CA VAL E 144 53.81 -35.99 -25.70
C VAL E 144 52.59 -36.53 -25.01
N TYR E 145 52.76 -36.92 -23.75
CA TYR E 145 51.70 -37.52 -22.96
C TYR E 145 50.70 -36.48 -22.46
N GLY E 146 51.23 -35.38 -21.95
CA GLY E 146 50.41 -34.30 -21.49
C GLY E 146 51.22 -33.02 -21.48
N VAL E 147 50.49 -31.92 -21.38
CA VAL E 147 51.08 -30.60 -21.21
C VAL E 147 50.33 -30.02 -20.02
N ASP E 148 50.94 -30.06 -18.83
CA ASP E 148 50.22 -29.75 -17.59
C ASP E 148 51.15 -29.49 -16.42
N LYS E 149 50.54 -29.06 -15.32
CA LYS E 149 51.26 -28.80 -14.09
C LYS E 149 51.35 -30.07 -13.23
N PHE E 150 50.52 -31.07 -13.52
CA PHE E 150 50.58 -32.34 -12.81
C PHE E 150 50.87 -33.49 -13.75
N PRO E 151 51.83 -34.35 -13.37
CA PRO E 151 52.14 -35.60 -14.07
C PRO E 151 51.31 -36.78 -13.58
N ARG E 152 51.68 -37.97 -14.04
CA ARG E 152 50.92 -39.20 -13.80
C ARG E 152 51.45 -39.99 -12.58
N MET E 153 50.61 -40.13 -11.55
CA MET E 153 50.98 -40.79 -10.28
C MET E 153 51.91 -42.00 -10.43
N VAL E 154 51.54 -42.94 -11.31
CA VAL E 154 52.27 -44.19 -11.48
C VAL E 154 53.72 -44.01 -11.95
N ASP E 155 53.99 -42.84 -12.52
CA ASP E 155 55.33 -42.50 -12.93
C ASP E 155 56.21 -42.02 -11.76
N TYR E 156 55.63 -41.97 -10.56
CA TYR E 156 56.42 -41.69 -9.35
C TYR E 156 56.26 -42.81 -8.32
N VAL E 157 55.03 -43.29 -8.11
CA VAL E 157 54.81 -44.37 -7.18
C VAL E 157 53.69 -45.28 -7.63
N VAL E 158 53.83 -46.57 -7.34
CA VAL E 158 52.74 -47.48 -7.56
C VAL E 158 52.28 -48.07 -6.24
N PRO E 159 51.22 -47.50 -5.65
CA PRO E 159 50.85 -47.97 -4.32
C PRO E 159 50.54 -49.49 -4.31
N THR E 160 50.87 -50.19 -3.22
CA THR E 160 50.43 -51.57 -3.06
C THR E 160 48.89 -51.67 -2.92
N GLY E 161 48.32 -52.81 -3.31
CA GLY E 161 46.89 -53.08 -3.17
C GLY E 161 45.98 -52.42 -4.20
N VAL E 162 46.58 -51.78 -5.20
CA VAL E 162 45.81 -50.89 -6.05
C VAL E 162 45.91 -51.27 -7.53
N ARG E 163 44.79 -51.14 -8.24
CA ARG E 163 44.75 -51.42 -9.67
C ARG E 163 44.32 -50.19 -10.44
N ILE E 164 45.06 -49.86 -11.50
CA ILE E 164 44.75 -48.71 -12.36
C ILE E 164 44.70 -49.10 -13.83
N ALA E 165 43.51 -49.19 -14.40
CA ALA E 165 43.38 -49.75 -15.75
C ALA E 165 44.07 -48.86 -16.78
N ASP E 166 43.97 -47.54 -16.59
CA ASP E 166 44.57 -46.59 -17.52
C ASP E 166 45.24 -45.46 -16.72
N ALA E 167 46.57 -45.56 -16.56
CA ALA E 167 47.24 -44.70 -15.61
C ALA E 167 47.28 -43.23 -16.01
N ASP E 168 46.87 -42.93 -17.25
CA ASP E 168 46.76 -41.54 -17.67
C ASP E 168 45.71 -40.83 -16.80
N ARG E 169 44.85 -41.59 -16.14
CA ARG E 169 43.67 -40.97 -15.50
C ARG E 169 43.83 -40.72 -14.01
N VAL E 170 45.02 -40.99 -13.48
CA VAL E 170 45.28 -40.74 -12.06
C VAL E 170 46.44 -39.78 -11.90
N ARG E 171 46.17 -38.63 -11.30
CA ARG E 171 47.20 -37.60 -11.09
C ARG E 171 48.08 -37.87 -9.89
N LEU E 172 49.37 -37.57 -10.04
CA LEU E 172 50.24 -37.54 -8.86
C LEU E 172 49.56 -36.73 -7.78
N GLY E 173 49.44 -37.30 -6.59
CA GLY E 173 48.73 -36.62 -5.51
C GLY E 173 47.37 -37.24 -5.25
N ALA E 174 47.01 -38.23 -6.07
CA ALA E 174 45.83 -39.05 -5.79
C ALA E 174 46.17 -40.12 -4.74
N HIS E 175 45.22 -40.32 -3.81
CA HIS E 175 45.36 -41.21 -2.67
C HIS E 175 44.44 -42.39 -2.90
N LEU E 176 45.00 -43.58 -3.13
CA LEU E 176 44.18 -44.76 -3.41
C LEU E 176 44.39 -45.86 -2.39
N ALA E 177 43.48 -45.94 -1.42
CA ALA E 177 43.63 -46.86 -0.31
C ALA E 177 43.76 -48.27 -0.86
N PRO E 178 44.40 -49.19 -0.11
CA PRO E 178 44.48 -50.59 -0.53
C PRO E 178 43.11 -51.16 -0.94
N GLY E 179 43.03 -51.73 -2.13
CA GLY E 179 41.83 -52.44 -2.56
C GLY E 179 41.00 -51.59 -3.51
N THR E 180 41.57 -50.44 -3.87
CA THR E 180 40.96 -49.56 -4.83
C THR E 180 41.33 -50.02 -6.23
N THR E 181 40.36 -49.95 -7.14
CA THR E 181 40.55 -50.26 -8.54
C THR E 181 40.06 -49.07 -9.34
N VAL E 182 40.96 -48.39 -10.04
CA VAL E 182 40.52 -47.33 -10.94
C VAL E 182 40.35 -47.87 -12.35
N MET E 183 39.11 -47.88 -12.86
CA MET E 183 38.88 -48.40 -14.19
C MET E 183 39.17 -47.33 -15.27
N HIS E 184 39.08 -47.73 -16.53
CA HIS E 184 39.40 -46.88 -17.69
C HIS E 184 38.68 -45.54 -17.60
N GLU E 185 37.41 -45.62 -17.23
CA GLU E 185 36.56 -44.45 -17.17
C GLU E 185 36.76 -43.66 -15.87
N GLY E 186 37.40 -44.29 -14.89
CA GLY E 186 37.73 -43.60 -13.65
C GLY E 186 38.73 -42.49 -13.83
N PHE E 187 38.67 -41.51 -12.95
CA PHE E 187 39.65 -40.46 -12.98
C PHE E 187 39.85 -40.03 -11.55
N VAL E 188 41.08 -39.83 -11.11
CA VAL E 188 41.26 -39.34 -9.75
C VAL E 188 42.18 -38.14 -9.71
N ASN E 189 41.69 -37.03 -9.16
CA ASN E 189 42.46 -35.82 -9.13
C ASN E 189 43.42 -35.80 -7.94
N TYR E 190 44.24 -34.76 -7.82
CA TYR E 190 45.10 -34.64 -6.64
C TYR E 190 44.32 -34.26 -5.36
N ASN E 191 44.99 -34.43 -4.21
CA ASN E 191 44.34 -34.24 -2.91
C ASN E 191 42.93 -34.82 -2.87
N ALA E 192 42.80 -36.07 -3.30
CA ALA E 192 41.49 -36.65 -3.56
C ALA E 192 41.70 -38.15 -3.65
N GLY E 193 40.61 -38.90 -3.71
CA GLY E 193 40.74 -40.36 -3.80
C GLY E 193 39.90 -41.13 -2.80
N THR E 194 40.41 -42.31 -2.45
CA THR E 194 39.67 -43.26 -1.64
C THR E 194 40.36 -43.60 -0.32
N LEU E 195 39.55 -43.89 0.68
CA LEU E 195 40.06 -44.20 2.02
C LEU E 195 40.03 -45.68 2.32
N GLY E 196 39.30 -46.44 1.52
CA GLY E 196 39.28 -47.88 1.67
C GLY E 196 39.18 -48.54 0.31
N ALA E 197 38.49 -49.68 0.26
CA ALA E 197 38.34 -50.39 -1.01
C ALA E 197 37.18 -49.84 -1.85
N SER E 198 37.52 -49.07 -2.88
CA SER E 198 36.54 -48.54 -3.79
C SER E 198 36.81 -49.00 -5.21
N MET E 199 35.72 -49.13 -5.97
CA MET E 199 35.79 -49.34 -7.39
C MET E 199 35.45 -48.00 -8.03
N VAL E 200 36.43 -47.43 -8.75
CA VAL E 200 36.28 -46.09 -9.30
C VAL E 200 36.21 -46.13 -10.81
N GLU E 201 35.05 -45.81 -11.35
CA GLU E 201 34.83 -45.82 -12.78
C GLU E 201 34.29 -44.46 -13.24
N GLY E 202 34.21 -43.53 -12.30
CA GLY E 202 33.78 -42.17 -12.61
C GLY E 202 34.79 -41.21 -12.03
N ARG E 203 34.44 -39.93 -12.02
CA ARG E 203 35.41 -38.86 -11.80
C ARG E 203 35.39 -38.24 -10.40
N ILE E 204 36.55 -38.33 -9.75
CA ILE E 204 36.72 -37.80 -8.42
C ILE E 204 37.51 -36.50 -8.50
N SER E 205 36.81 -35.36 -8.44
CA SER E 205 37.40 -34.02 -8.39
C SER E 205 38.38 -33.82 -7.25
N ALA E 206 39.18 -32.74 -7.37
CA ALA E 206 40.17 -32.40 -6.37
C ALA E 206 39.46 -32.12 -5.07
N GLY E 207 40.04 -32.59 -3.96
CA GLY E 207 39.45 -32.39 -2.64
C GLY E 207 38.40 -33.42 -2.28
N VAL E 208 37.98 -34.23 -3.25
CA VAL E 208 36.91 -35.20 -3.01
C VAL E 208 37.44 -36.51 -2.42
N VAL E 209 36.86 -36.91 -1.30
CA VAL E 209 37.20 -38.18 -0.66
C VAL E 209 35.97 -39.10 -0.67
N VAL E 210 36.23 -40.39 -0.92
CA VAL E 210 35.24 -41.45 -1.06
C VAL E 210 35.59 -42.53 -0.02
N GLY E 211 34.65 -42.87 0.84
CA GLY E 211 34.86 -43.81 1.93
C GLY E 211 34.83 -45.30 1.58
N ASP E 212 35.44 -46.08 2.47
CA ASP E 212 35.47 -47.55 2.39
C ASP E 212 34.19 -48.19 1.82
N GLY E 213 34.39 -49.06 0.83
CA GLY E 213 33.30 -49.83 0.25
C GLY E 213 32.46 -49.06 -0.72
N SER E 214 32.75 -47.77 -0.91
CA SER E 214 31.91 -46.98 -1.82
C SER E 214 32.38 -47.15 -3.25
N ASP E 215 31.41 -47.27 -4.17
CA ASP E 215 31.70 -47.51 -5.58
C ASP E 215 31.20 -46.38 -6.45
N VAL E 216 32.06 -45.92 -7.36
CA VAL E 216 31.67 -44.84 -8.30
C VAL E 216 31.47 -45.45 -9.66
N GLY E 217 30.25 -45.38 -10.16
CA GLY E 217 29.90 -46.05 -11.40
C GLY E 217 30.49 -45.38 -12.61
N GLY E 218 30.50 -46.10 -13.72
CA GLY E 218 31.15 -45.63 -14.95
C GLY E 218 30.59 -44.33 -15.46
N GLY E 219 31.46 -43.35 -15.71
CA GLY E 219 31.03 -42.06 -16.21
C GLY E 219 30.38 -41.18 -15.15
N ALA E 220 30.28 -41.66 -13.92
CA ALA E 220 29.70 -40.84 -12.83
C ALA E 220 30.59 -39.63 -12.59
N SER E 221 30.02 -38.57 -12.06
CA SER E 221 30.70 -37.26 -11.97
C SER E 221 30.53 -36.68 -10.56
N ILE E 222 31.62 -36.47 -9.84
CA ILE E 222 31.53 -35.90 -8.50
C ILE E 222 32.18 -34.54 -8.49
N MET E 223 31.37 -33.51 -8.30
CA MET E 223 31.83 -32.13 -8.24
C MET E 223 32.73 -31.91 -7.03
N GLY E 224 33.59 -30.90 -7.12
CA GLY E 224 34.50 -30.58 -6.03
C GLY E 224 33.87 -30.02 -4.76
N THR E 225 32.89 -29.14 -4.89
CA THR E 225 32.40 -28.38 -3.74
C THR E 225 30.91 -28.05 -3.79
N LEU E 226 30.39 -27.66 -2.61
CA LEU E 226 29.08 -27.03 -2.34
C LEU E 226 27.89 -28.01 -2.24
N HIS E 232 32.67 -25.30 1.20
CA HIS E 232 32.16 -26.64 1.39
C HIS E 232 32.67 -27.57 0.28
N VAL E 233 33.53 -28.51 0.64
CA VAL E 233 34.04 -29.49 -0.31
C VAL E 233 33.21 -30.77 -0.18
N ILE E 234 33.04 -31.46 -1.30
CA ILE E 234 32.20 -32.66 -1.37
C ILE E 234 32.89 -33.97 -0.97
N SER E 235 32.19 -34.78 -0.19
CA SER E 235 32.66 -36.12 0.17
C SER E 235 31.55 -37.18 0.19
N ILE E 236 31.94 -38.44 0.04
CA ILE E 236 31.06 -39.60 0.08
C ILE E 236 31.45 -40.46 1.26
N GLY E 237 30.50 -40.97 2.03
CA GLY E 237 30.86 -41.80 3.18
C GLY E 237 31.18 -43.24 2.80
N LYS E 238 30.90 -44.18 3.71
CA LYS E 238 31.11 -45.62 3.46
C LYS E 238 29.95 -46.32 2.77
N ARG E 239 30.27 -47.31 1.95
CA ARG E 239 29.31 -48.21 1.33
C ARG E 239 28.25 -47.52 0.46
N CYS E 240 28.62 -46.41 -0.17
CA CYS E 240 27.76 -45.71 -1.13
C CYS E 240 27.91 -46.25 -2.55
N LEU E 241 26.89 -46.05 -3.39
CA LEU E 241 26.98 -46.42 -4.77
C LEU E 241 26.47 -45.28 -5.64
N LEU E 242 27.31 -44.79 -6.54
CA LEU E 242 26.85 -43.82 -7.51
C LEU E 242 26.71 -44.57 -8.82
N GLY E 243 25.51 -44.51 -9.43
CA GLY E 243 25.25 -45.26 -10.64
C GLY E 243 26.05 -44.71 -11.82
N ALA E 244 26.11 -45.50 -12.89
CA ALA E 244 26.78 -45.05 -14.10
C ALA E 244 26.10 -43.81 -14.68
N ASN E 245 26.91 -42.90 -15.16
CA ASN E 245 26.43 -41.65 -15.76
C ASN E 245 25.64 -40.74 -14.78
N SER E 246 25.77 -40.99 -13.47
CA SER E 246 25.13 -40.13 -12.50
C SER E 246 26.04 -38.92 -12.17
N GLY E 247 25.53 -38.00 -11.35
CA GLY E 247 26.37 -36.87 -10.96
C GLY E 247 26.00 -36.42 -9.57
N LEU E 248 27.00 -35.95 -8.84
CA LEU E 248 26.79 -35.59 -7.45
C LEU E 248 27.29 -34.19 -7.19
N GLY E 249 26.42 -33.32 -6.70
CA GLY E 249 26.78 -31.96 -6.29
C GLY E 249 26.58 -31.67 -4.79
N ILE E 250 26.31 -32.70 -4.00
CA ILE E 250 26.27 -32.56 -2.54
C ILE E 250 27.11 -33.67 -1.91
N SER E 251 27.40 -33.56 -0.61
CA SER E 251 28.05 -34.66 0.08
C SER E 251 27.03 -35.73 0.43
N LEU E 252 27.48 -36.98 0.45
CA LEU E 252 26.68 -38.10 0.92
C LEU E 252 27.29 -38.63 2.22
N GLY E 253 26.46 -39.13 3.13
CA GLY E 253 26.93 -39.85 4.33
C GLY E 253 27.23 -41.30 4.00
N ASP E 254 26.89 -42.20 4.92
CA ASP E 254 27.11 -43.61 4.65
C ASP E 254 25.87 -44.22 3.99
N ASP E 255 26.07 -45.26 3.17
CA ASP E 255 24.96 -46.10 2.68
C ASP E 255 23.94 -45.32 1.83
N CYS E 256 24.45 -44.38 1.04
CA CYS E 256 23.64 -43.68 0.06
C CYS E 256 23.85 -44.25 -1.32
N VAL E 257 22.81 -44.10 -2.14
CA VAL E 257 22.83 -44.55 -3.50
C VAL E 257 22.26 -43.48 -4.40
N VAL E 258 22.90 -43.28 -5.54
CA VAL E 258 22.34 -42.38 -6.55
C VAL E 258 22.04 -43.18 -7.83
N GLU E 259 20.79 -43.13 -8.29
CA GLU E 259 20.37 -43.89 -9.47
C GLU E 259 21.28 -43.64 -10.72
N ALA E 260 21.54 -44.67 -11.54
CA ALA E 260 22.23 -44.42 -12.80
C ALA E 260 21.57 -43.34 -13.64
N GLY E 261 22.37 -42.44 -14.21
CA GLY E 261 21.80 -41.39 -15.05
C GLY E 261 21.27 -40.16 -14.31
N LEU E 262 21.34 -40.14 -12.99
CA LEU E 262 20.72 -39.01 -12.27
C LEU E 262 21.79 -38.01 -11.80
N TYR E 263 21.64 -36.74 -12.14
CA TYR E 263 22.59 -35.72 -11.64
C TYR E 263 21.97 -34.92 -10.53
N VAL E 264 22.44 -35.11 -9.31
CA VAL E 264 21.89 -34.35 -8.21
C VAL E 264 22.74 -33.11 -7.93
N THR E 265 22.25 -31.94 -8.35
CA THR E 265 22.98 -30.69 -8.09
C THR E 265 22.52 -30.16 -6.76
N ALA E 266 23.28 -29.23 -6.17
CA ALA E 266 22.93 -28.66 -4.86
C ALA E 266 21.53 -28.05 -4.86
N GLY E 267 21.14 -27.46 -5.99
CA GLY E 267 19.89 -26.68 -6.07
C GLY E 267 18.72 -27.46 -6.65
N THR E 268 19.00 -28.70 -7.01
CA THR E 268 17.94 -29.61 -7.45
C THR E 268 16.93 -29.68 -6.33
N ARG E 269 15.65 -29.47 -6.68
CA ARG E 269 14.54 -29.63 -5.74
C ARG E 269 14.12 -31.10 -5.65
N VAL E 270 14.29 -31.69 -4.49
CA VAL E 270 14.08 -33.11 -4.32
C VAL E 270 12.78 -33.40 -3.56
N THR E 271 11.92 -34.28 -4.08
CA THR E 271 10.68 -34.66 -3.35
C THR E 271 10.94 -35.77 -2.33
N MET E 272 10.50 -35.52 -1.10
CA MET E 272 10.68 -36.43 0.01
C MET E 272 9.53 -37.40 0.24
N PRO E 273 9.75 -38.44 1.07
CA PRO E 273 8.65 -39.39 1.32
C PRO E 273 7.40 -38.71 1.83
N ASP E 274 7.54 -37.66 2.63
CA ASP E 274 6.36 -36.96 3.14
C ASP E 274 5.69 -36.09 2.08
N SER E 275 6.32 -36.05 0.92
CA SER E 275 5.87 -35.33 -0.28
C SER E 275 6.13 -33.82 -0.22
N ASN E 276 6.76 -33.37 0.85
CA ASN E 276 7.39 -32.08 0.78
C ASN E 276 8.58 -32.05 -0.22
N SER E 277 9.07 -30.85 -0.54
CA SER E 277 10.31 -30.81 -1.33
C SER E 277 11.32 -29.85 -0.73
N VAL E 278 12.59 -30.13 -0.95
CA VAL E 278 13.63 -29.31 -0.36
C VAL E 278 14.74 -29.25 -1.37
N LYS E 279 15.63 -28.27 -1.28
CA LYS E 279 16.82 -28.33 -2.14
C LYS E 279 17.76 -29.39 -1.61
N ALA E 280 18.36 -30.13 -2.54
CA ALA E 280 19.21 -31.28 -2.29
C ALA E 280 20.32 -30.96 -1.27
N ARG E 281 20.80 -29.74 -1.35
CA ARG E 281 21.80 -29.21 -0.44
C ARG E 281 21.35 -29.33 1.04
N GLU E 282 20.06 -29.20 1.31
CA GLU E 282 19.54 -29.41 2.66
C GLU E 282 19.73 -30.85 3.13
N LEU E 283 20.06 -31.74 2.19
CA LEU E 283 20.27 -33.17 2.46
C LEU E 283 21.74 -33.56 2.46
N SER E 284 22.60 -32.60 2.16
CA SER E 284 24.03 -32.85 2.04
C SER E 284 24.60 -33.48 3.30
N GLY E 285 25.26 -34.64 3.14
CA GLY E 285 25.94 -35.28 4.25
C GLY E 285 25.10 -36.31 5.00
N SER E 286 23.84 -36.47 4.60
CA SER E 286 22.96 -37.43 5.28
C SER E 286 23.29 -38.87 4.88
N SER E 287 22.81 -39.81 5.69
CA SER E 287 23.06 -41.23 5.48
C SER E 287 21.78 -41.94 5.05
N ASN E 288 21.94 -43.12 4.44
CA ASN E 288 20.84 -44.04 4.15
C ASN E 288 19.81 -43.48 3.17
N LEU E 289 20.28 -42.67 2.21
CA LEU E 289 19.40 -42.11 1.19
C LEU E 289 19.53 -42.81 -0.16
N LEU E 290 18.41 -42.99 -0.85
CA LEU E 290 18.46 -43.35 -2.26
C LEU E 290 17.92 -42.18 -3.07
N PHE E 291 18.73 -41.65 -3.96
CA PHE E 291 18.22 -40.61 -4.90
C PHE E 291 17.88 -41.22 -6.24
N ARG E 292 16.67 -40.93 -6.74
CA ARG E 292 16.36 -41.37 -8.11
C ARG E 292 15.41 -40.41 -8.79
N ARG E 293 15.32 -40.48 -10.12
CA ARG E 293 14.33 -39.74 -10.82
C ARG E 293 13.18 -40.65 -11.14
N ASN E 294 12.00 -40.30 -10.65
CA ASN E 294 10.86 -41.12 -10.86
C ASN E 294 10.61 -41.32 -12.34
N SER E 295 10.57 -42.56 -12.81
CA SER E 295 10.50 -42.75 -14.24
C SER E 295 9.12 -42.52 -14.84
N VAL E 296 8.11 -42.25 -14.00
CA VAL E 296 6.77 -41.91 -14.49
C VAL E 296 6.51 -40.40 -14.38
N SER E 297 6.79 -39.79 -13.23
CA SER E 297 6.58 -38.35 -13.04
C SER E 297 7.75 -37.46 -13.48
N GLY E 298 8.93 -38.05 -13.71
CA GLY E 298 10.18 -37.32 -13.94
C GLY E 298 10.75 -36.52 -12.75
N ALA E 299 10.15 -36.69 -11.55
CA ALA E 299 10.52 -35.91 -10.36
C ALA E 299 11.74 -36.54 -9.68
N VAL E 300 12.71 -35.70 -9.28
CA VAL E 300 13.84 -36.19 -8.46
C VAL E 300 13.33 -36.43 -7.05
N GLU E 301 13.49 -37.65 -6.56
CA GLU E 301 12.95 -37.99 -5.24
C GLU E 301 14.01 -38.70 -4.40
N VAL E 302 13.88 -38.57 -3.09
CA VAL E 302 14.80 -39.27 -2.17
C VAL E 302 14.00 -40.23 -1.33
N LEU E 303 14.50 -41.46 -1.21
CA LEU E 303 13.91 -42.48 -0.37
C LEU E 303 14.86 -42.88 0.75
N ALA E 304 14.29 -43.26 1.89
CA ALA E 304 15.07 -43.79 2.99
C ALA E 304 15.33 -45.29 2.78
N ARG E 305 16.60 -45.67 2.65
CA ARG E 305 16.94 -47.08 2.36
C ARG E 305 16.76 -48.02 3.55
N ASP E 306 16.29 -47.49 4.67
CA ASP E 306 16.29 -48.25 5.91
C ASP E 306 15.01 -47.97 6.66
N GLY E 307 13.99 -47.58 5.89
CA GLY E 307 12.64 -47.31 6.37
C GLY E 307 12.64 -46.31 7.51
N GLN E 308 13.77 -45.66 7.71
CA GLN E 308 13.97 -44.77 8.85
C GLN E 308 13.57 -43.37 8.41
N GLY E 309 13.37 -42.47 9.36
CA GLY E 309 12.99 -41.09 9.02
C GLY E 309 14.13 -40.36 8.35
N ILE E 310 13.80 -39.32 7.57
CA ILE E 310 14.80 -38.42 7.01
C ILE E 310 14.72 -37.06 7.71
N ALA E 311 15.81 -36.66 8.35
CA ALA E 311 15.89 -35.32 8.94
C ALA E 311 16.91 -34.47 8.17
N LEU E 312 16.68 -33.16 8.12
CA LEU E 312 17.51 -32.27 7.31
C LEU E 312 18.44 -31.43 8.21
C8 SCA F . 6.27 -7.53 -10.79
N9 SCA F . 7.05 -8.36 -11.52
C4 SCA F . 7.58 -7.68 -12.54
C5 SCA F . 7.08 -6.31 -12.39
N7 SCA F . 6.29 -6.28 -11.30
N3 SCA F . 8.42 -8.00 -13.58
C2 SCA F . 8.78 -7.04 -14.46
N1 SCA F . 8.35 -5.76 -14.37
C6 SCA F . 7.52 -5.32 -13.39
N6 SCA F . 7.07 -4.04 -13.29
C1' SCA F . 7.26 -9.81 -11.28
C2' SCA F . 6.81 -10.24 -9.90
O2' SCA F . 7.88 -10.13 -8.96
C3' SCA F . 6.35 -11.68 -10.13
O3' SCA F . 7.45 -12.57 -9.98
C4' SCA F . 5.93 -11.73 -11.58
O4' SCA F . 6.39 -10.51 -12.17
C5' SCA F . 4.42 -11.93 -11.69
O5' SCA F . 3.97 -11.70 -13.03
P1 SCA F . 4.03 -12.89 -14.10
O11 SCA F . 4.60 -14.11 -13.43
O12 SCA F . 2.69 -12.97 -14.80
O6 SCA F . 5.04 -12.27 -15.20
P2 SCA F . 6.53 -12.82 -15.48
O21 SCA F . 6.56 -13.34 -16.91
O22 SCA F . 6.94 -13.73 -14.34
O7 SCA F . 7.35 -11.44 -15.42
P3 SCA F . 7.32 -14.19 -10.07
O31 SCA F . 8.71 -14.63 -9.73
O32 SCA F . 6.93 -14.49 -11.52
O33 SCA F . 6.27 -14.55 -9.05
C1 MPD G . -28.72 12.45 4.30
C2 MPD G . -29.81 12.75 3.28
O2 MPD G . -31.10 12.46 3.87
CM MPD G . -29.72 14.23 2.92
C3 MPD G . -29.68 11.88 2.02
C4 MPD G . -28.24 11.83 1.56
O4 MPD G . -27.68 10.57 1.89
C5 MPD G . -28.14 12.05 0.07
C8 SCA H . 2.41 8.25 -27.64
N9 SCA H . 2.91 7.49 -28.62
C4 SCA H . 3.97 6.82 -28.19
C5 SCA H . 4.09 7.20 -26.78
N7 SCA H . 3.12 8.06 -26.49
N3 SCA H . 4.82 5.92 -28.76
C2 SCA H . 5.79 5.39 -28.02
N1 SCA H . 5.99 5.70 -26.72
C6 SCA H . 5.18 6.59 -26.05
N6 SCA H . 5.33 6.93 -24.74
C1' SCA H . 2.47 7.45 -30.03
C2' SCA H . 0.99 7.20 -30.23
O2' SCA H . 0.75 5.77 -30.29
C3' SCA H . 0.79 7.92 -31.55
O3' SCA H . 1.28 7.05 -32.57
C4' SCA H . 1.71 9.13 -31.48
O4' SCA H . 2.73 8.78 -30.55
C5' SCA H . 1.02 10.41 -30.99
O5' SCA H . 0.34 10.15 -29.74
P1 SCA H . -1.21 10.55 -29.47
O11 SCA H . -1.95 10.99 -30.72
O12 SCA H . -1.87 9.49 -28.63
O6 SCA H . -1.13 11.82 -28.48
P2 SCA H . -0.40 13.21 -28.77
O21 SCA H . -1.51 14.20 -28.90
O22 SCA H . 0.62 12.91 -29.83
O7 SCA H . 0.30 13.49 -27.32
CPB SCA H . 1.36 12.66 -26.88
CPA SCA H . 1.61 12.90 -25.40
CP7 SCA H . 0.42 12.35 -24.60
CP9 SCA H . 2.97 12.29 -25.10
CP8 SCA H . 1.70 14.41 -25.13
OP3 SCA H . 0.30 10.91 -24.65
CP6 SCA H . 0.39 12.85 -23.16
OP2 SCA H . 1.13 12.36 -22.32
NP2 SCA H . -0.47 13.82 -22.82
CP5 SCA H . -0.73 14.08 -21.42
CP4 SCA H . -1.93 14.99 -21.29
CP3 SCA H . -1.99 15.49 -19.85
OP1 SCA H . -1.55 14.82 -18.91
NP1 SCA H . -2.58 16.66 -19.68
CP2 SCA H . -2.70 17.32 -18.38
CP1 SCA H . -4.14 17.67 -18.07
P3 SCA H . 0.93 7.25 -34.18
O31 SCA H . -0.41 7.91 -34.23
O32 SCA H . 0.99 5.84 -34.71
O33 SCA H . 2.07 8.15 -34.60
S SCA H . -4.98 16.18 -17.65
CS1 SCA H . -4.95 15.99 -15.98
OS1 SCA H . -4.49 16.94 -15.36
CS2 SCA H . -5.45 14.66 -15.38
CS3 SCA H . -6.39 14.66 -14.18
CS4 SCA H . -5.59 14.76 -12.90
OS4 SCA H . -6.09 15.44 -11.96
OS5 SCA H . -4.47 14.20 -12.80
MG MG I . -8.69 23.14 4.37
MG MG J . -1.33 15.34 -4.21
MG MG K . -16.03 -9.86 -15.99
MG MG L . -22.44 -1.72 -1.82
NA NA M . -7.00 21.28 2.15
C8 SCA N . 21.27 5.88 -16.98
N9 SCA N . 22.20 6.76 -16.58
C4 SCA N . 21.62 7.60 -15.71
C5 SCA N . 20.21 7.18 -15.58
N7 SCA N . 20.07 6.11 -16.39
N3 SCA N . 22.07 8.68 -15.01
C2 SCA N . 21.21 9.34 -14.19
N1 SCA N . 19.92 9.02 -14.02
C6 SCA N . 19.36 7.96 -14.66
N6 SCA N . 18.04 7.63 -14.45
C1' SCA N . 23.64 6.84 -16.97
C2' SCA N . 24.45 5.57 -16.70
O2' SCA N . 24.97 5.49 -15.36
C3' SCA N . 25.60 5.65 -17.70
O3' SCA N . 26.65 6.44 -17.14
C4' SCA N . 24.98 6.41 -18.87
O4' SCA N . 23.82 7.09 -18.36
C5' SCA N . 24.58 5.48 -20.01
O5' SCA N . 23.69 4.47 -19.52
P1 SCA N . 24.01 2.89 -19.69
O11 SCA N . 25.50 2.71 -19.47
O12 SCA N . 23.08 2.06 -18.84
O6 SCA N . 23.65 2.60 -21.23
P2 SCA N . 24.80 2.04 -22.22
O21 SCA N . 26.13 2.03 -21.46
O22 SCA N . 24.65 2.77 -23.53
O7 SCA N . 24.36 0.49 -22.43
P3 SCA N . 28.22 6.35 -17.60
O31 SCA N . 28.78 7.69 -17.19
O32 SCA N . 28.24 6.14 -19.09
O33 SCA N . 28.74 5.18 -16.80
C ACY O . -0.01 6.82 -0.51
O ACY O . 0.30 6.78 -1.70
OXT ACY O . -0.96 7.51 -0.10
CH3 ACY O . 0.72 6.03 0.57
C1 MPD P . 3.85 21.88 23.94
C2 MPD P . 3.26 20.60 24.53
O2 MPD P . 3.25 20.82 25.95
CM MPD P . 1.83 20.43 24.02
C3 MPD P . 4.08 19.31 24.30
C4 MPD P . 4.00 18.86 22.84
O4 MPD P . 5.14 19.34 22.20
C5 MPD P . 3.90 17.36 22.66
MG MG Q . 25.13 2.30 7.93
NA NA R . 18.09 15.42 16.05
C ACY S . 7.18 19.32 -5.65
O ACY S . 7.31 18.16 -6.08
OXT ACY S . 6.50 19.63 -4.65
CH3 ACY S . 7.87 20.45 -6.41
C ACY T . -21.31 -28.06 -0.49
O ACY T . -22.56 -28.21 -0.32
OXT ACY T . -20.67 -28.67 -1.34
CH3 ACY T . -20.62 -27.03 0.37
C1 MPD U . -38.67 -6.20 4.48
C2 MPD U . -38.34 -5.93 5.94
O2 MPD U . -38.90 -4.63 6.25
CM MPD U . -39.01 -6.97 6.86
C3 MPD U . -36.84 -5.77 6.22
C4 MPD U . -36.02 -6.79 5.45
O4 MPD U . -35.32 -6.11 4.47
C5 MPD U . -34.96 -7.47 6.30
MG MG V . -39.74 -26.20 -5.73
MG MG W . -26.37 -28.77 -8.40
NA NA X . -36.44 -26.84 -6.39
C8 SCA Y . 13.68 -48.46 -9.94
N9 SCA Y . 12.37 -48.44 -9.63
C4 SCA Y . 11.84 -47.24 -9.96
C5 SCA Y . 12.95 -46.48 -10.56
N7 SCA Y . 14.05 -47.27 -10.51
N3 SCA Y . 10.60 -46.65 -9.89
C2 SCA Y . 10.40 -45.41 -10.35
N1 SCA Y . 11.39 -44.66 -10.92
C6 SCA Y . 12.66 -45.10 -11.04
N6 SCA Y . 13.63 -44.34 -11.60
C1' SCA Y . 11.64 -49.53 -8.96
C2' SCA Y . 11.86 -50.93 -9.52
O2' SCA Y . 10.91 -51.23 -10.56
C3' SCA Y . 11.54 -51.75 -8.29
O3' SCA Y . 10.13 -51.92 -8.19
C4' SCA Y . 12.06 -50.91 -7.11
O4' SCA Y . 12.11 -49.56 -7.60
C5' SCA Y . 13.45 -51.43 -6.73
O5' SCA Y . 14.17 -51.48 -7.97
P1 SCA Y . 15.20 -52.63 -8.50
O11 SCA Y . 15.16 -53.88 -7.63
O12 SCA Y . 14.96 -52.78 -9.98
O6 SCA Y . 16.61 -51.89 -8.28
P2 SCA Y . 17.28 -51.76 -6.81
O21 SCA Y . 18.31 -52.85 -6.62
O22 SCA Y . 16.16 -51.58 -5.79
O7 SCA Y . 18.03 -50.34 -7.04
CPB SCA Y . 17.48 -49.36 -7.92
CPA SCA Y . 18.60 -48.44 -8.40
CP7 SCA Y . 19.11 -49.00 -9.73
CP9 SCA Y . 18.07 -47.01 -8.53
CP8 SCA Y . 19.72 -48.45 -7.37
OP3 SCA Y . 17.96 -49.09 -10.61
CP6 SCA Y . 20.27 -48.23 -10.37
OP2 SCA Y . 20.11 -47.24 -11.08
NP2 SCA Y . 21.52 -48.69 -10.12
CP5 SCA Y . 22.48 -48.94 -11.20
CP4 SCA Y . 23.81 -49.46 -10.67
CP3 SCA Y . 25.03 -48.85 -11.36
OP1 SCA Y . 24.96 -48.07 -12.32
NP1 SCA Y . 26.19 -49.22 -10.86
CP2 SCA Y . 27.43 -48.96 -11.56
CP1 SCA Y . 27.62 -49.79 -12.83
P3 SCA Y . 9.49 -52.78 -6.95
O31 SCA Y . 10.55 -52.69 -5.88
O32 SCA Y . 9.30 -54.12 -7.60
O33 SCA Y . 8.18 -52.10 -6.60
S SCA Y . 29.20 -49.33 -13.46
CS3 SCA Y . 29.06 -49.85 -17.47
CS4 SCA Y . 29.77 -48.52 -17.60
OS4 SCA Y . 31.01 -48.46 -17.45
OS5 SCA Y . 29.08 -47.50 -17.84
MG MG Z . 47.87 -43.03 -23.18
MG MG AA . 34.23 -40.42 -20.46
MG MG BA . 4.10 -34.62 -14.46
NA NA CA . 44.24 -42.32 -22.46
#